data_2IRW
#
_entry.id   2IRW
#
_cell.length_a   184.537
_cell.length_b   184.537
_cell.length_c   558.052
_cell.angle_alpha   90.000
_cell.angle_beta   90.000
_cell.angle_gamma   120.000
#
_symmetry.space_group_name_H-M   'H 3 2'
#
loop_
_entity.id
_entity.type
_entity.pdbx_description
1 polymer 'Corticosteroid 11-beta-dehydrogenase isozyme 1'
2 non-polymer 'NADP NICOTINAMIDE-ADENINE-DINUCLEOTIDE PHOSPHATE'
3 non-polymer (1S,3R,4S,5S,7S)-4-{[2-(4-METHOXYPHENOXY)-2-METHYLPROPANOYL]AMINO}ADAMANTANE-1-CARBOXAMIDE
#
_entity_poly.entity_id   1
_entity_poly.type   'polypeptide(L)'
_entity_poly.pdbx_seq_one_letter_code
;EFRPEMLQGKKVIVTGASKGIGREMAYHLAKMGAHVVVTARSKETLQKVVSHCLELGAASAHYIAGTMEDMTFAEQFVAQ
AGKLMGGLDMLILNHITNTSLNLFHDDIHHVRKSMEVNFLSYVVLTVAALPMLKQSNGSIVVVSSLAGKVAYPMVAAYSA
SKFALDGFFSSIRKEYSVSRVNVSITLCVLGLIDTETAMKAVSGIVHMQAAPKEECALEIIKGGALRQEEVYYDSSLWTT
LLIRNPSRKILEFLYSTSYNMDRF
;
_entity_poly.pdbx_strand_id   A,B,C,D,E,F,G,H
#
# COMPACT_ATOMS: atom_id res chain seq x y z
N GLU A 1 54.60 26.15 41.08
CA GLU A 1 53.57 25.52 40.20
C GLU A 1 53.42 24.03 40.50
N PHE A 2 52.19 23.51 40.32
CA PHE A 2 51.87 22.13 40.68
C PHE A 2 52.57 21.10 39.81
N ARG A 3 52.91 19.98 40.44
CA ARG A 3 53.41 18.78 39.77
C ARG A 3 52.89 17.54 40.49
N PRO A 4 52.37 16.55 39.74
CA PRO A 4 51.87 15.28 40.30
C PRO A 4 52.84 14.59 41.28
N GLU A 5 54.14 14.79 41.07
CA GLU A 5 55.16 14.21 41.96
C GLU A 5 54.94 14.58 43.43
N MET A 6 54.36 15.76 43.65
CA MET A 6 54.16 16.32 44.98
C MET A 6 53.40 15.40 45.92
N LEU A 7 52.56 14.54 45.36
CA LEU A 7 51.75 13.63 46.13
C LEU A 7 52.39 12.26 46.29
N GLN A 8 53.49 12.01 45.60
CA GLN A 8 54.13 10.69 45.62
C GLN A 8 54.54 10.31 47.03
N GLY A 9 53.95 9.22 47.52
CA GLY A 9 54.30 8.67 48.81
C GLY A 9 53.65 9.36 49.99
N LYS A 10 52.90 10.42 49.73
CA LYS A 10 52.17 11.13 50.76
C LYS A 10 51.03 10.31 51.33
N LYS A 11 50.70 10.57 52.60
CA LYS A 11 49.70 9.81 53.32
C LYS A 11 48.45 10.66 53.47
N VAL A 12 47.40 10.28 52.73
CA VAL A 12 46.21 11.12 52.57
C VAL A 12 44.92 10.42 52.99
N ILE A 13 44.06 11.15 53.69
CA ILE A 13 42.73 10.69 54.07
C ILE A 13 41.67 11.40 53.24
N VAL A 14 40.75 10.64 52.65
CA VAL A 14 39.63 11.24 51.94
C VAL A 14 38.32 10.73 52.56
N THR A 15 37.46 11.65 52.97
CA THR A 15 36.17 11.27 53.54
C THR A 15 35.07 11.37 52.49
N GLY A 16 34.00 10.61 52.68
CA GLY A 16 32.96 10.51 51.68
C GLY A 16 33.56 10.25 50.31
N ALA A 17 34.32 9.17 50.21
CA ALA A 17 35.01 8.81 48.99
C ALA A 17 34.45 7.55 48.32
N SER A 18 33.20 7.21 48.64
CA SER A 18 32.54 6.05 48.05
C SER A 18 31.95 6.38 46.69
N LYS A 19 31.71 7.67 46.45
CA LYS A 19 31.12 8.14 45.18
C LYS A 19 31.39 9.61 44.90
N GLY A 20 31.01 10.05 43.71
CA GLY A 20 31.11 11.45 43.31
C GLY A 20 32.51 12.04 43.37
N ILE A 21 32.61 13.27 43.88
CA ILE A 21 33.86 14.02 43.97
C ILE A 21 34.87 13.35 44.88
N GLY A 22 34.40 12.72 45.96
CA GLY A 22 35.28 12.01 46.87
C GLY A 22 36.03 10.90 46.17
N ARG A 23 35.28 10.00 45.54
CA ARG A 23 35.84 8.87 44.82
C ARG A 23 36.84 9.32 43.75
N GLU A 24 36.50 10.38 43.01
CA GLU A 24 37.40 10.92 41.98
C GLU A 24 38.75 11.36 42.56
N MET A 25 38.71 11.99 43.73
CA MET A 25 39.92 12.39 44.42
C MET A 25 40.80 11.21 44.81
N ALA A 26 40.19 10.16 45.37
CA ALA A 26 40.91 8.93 45.69
C ALA A 26 41.61 8.35 44.47
N TYR A 27 40.97 8.44 43.30
CA TYR A 27 41.57 7.93 42.07
C TYR A 27 42.75 8.79 41.59
N HIS A 28 42.60 10.11 41.67
CA HIS A 28 43.69 11.01 41.34
C HIS A 28 44.92 10.70 42.19
N LEU A 29 44.69 10.57 43.48
CA LEU A 29 45.76 10.30 44.45
C LEU A 29 46.39 8.95 44.18
N ALA A 30 45.57 7.97 43.81
CA ALA A 30 46.05 6.65 43.45
C ALA A 30 47.03 6.73 42.29
N LYS A 31 46.69 7.54 41.28
CA LYS A 31 47.51 7.75 40.09
C LYS A 31 48.82 8.47 40.41
N MET A 32 48.80 9.34 41.40
CA MET A 32 50.01 10.02 41.83
C MET A 32 50.87 9.19 42.78
N GLY A 33 50.47 7.94 43.02
CA GLY A 33 51.23 7.02 43.85
C GLY A 33 51.29 7.40 45.32
N ALA A 34 50.17 7.88 45.87
CA ALA A 34 50.08 8.28 47.27
C ALA A 34 49.53 7.15 48.12
N HIS A 35 49.69 7.27 49.44
CA HIS A 35 49.03 6.38 50.37
C HIS A 35 47.66 6.97 50.64
N VAL A 36 46.64 6.12 50.63
CA VAL A 36 45.26 6.58 50.66
C VAL A 36 44.40 5.76 51.62
N VAL A 37 43.76 6.44 52.58
CA VAL A 37 42.72 5.82 53.39
C VAL A 37 41.40 6.53 53.08
N VAL A 38 40.43 5.76 52.61
CA VAL A 38 39.12 6.30 52.26
C VAL A 38 38.06 5.85 53.26
N THR A 39 36.99 6.62 53.34
CA THR A 39 35.90 6.33 54.27
C THR A 39 34.55 6.83 53.76
N ALA A 40 33.50 6.18 54.25
CA ALA A 40 32.10 6.50 54.01
C ALA A 40 31.36 5.47 54.84
N ARG A 41 30.08 5.28 54.59
CA ARG A 41 29.32 4.26 55.33
C ARG A 41 29.26 2.90 54.63
N SER A 42 29.20 2.91 53.29
CA SER A 42 28.95 1.71 52.52
C SER A 42 30.23 0.94 52.19
N LYS A 43 30.43 -0.20 52.86
CA LYS A 43 31.67 -0.96 52.71
C LYS A 43 31.82 -1.70 51.36
N GLU A 44 30.71 -1.98 50.68
CA GLU A 44 30.73 -2.55 49.33
C GLU A 44 31.34 -1.57 48.32
N THR A 45 30.81 -0.35 48.24
CA THR A 45 31.35 0.67 47.34
C THR A 45 32.76 1.09 47.72
N LEU A 46 33.11 0.93 48.99
CA LEU A 46 34.43 1.28 49.49
C LEU A 46 35.49 0.25 49.11
N GLN A 47 35.14 -1.04 49.19
CA GLN A 47 35.99 -2.13 48.71
C GLN A 47 36.37 -1.88 47.27
N LYS A 48 35.37 -1.56 46.45
CA LYS A 48 35.57 -1.27 45.03
C LYS A 48 36.49 -0.09 44.74
N VAL A 49 36.34 0.99 45.50
CA VAL A 49 37.24 2.15 45.37
C VAL A 49 38.68 1.79 45.74
N VAL A 50 38.85 0.95 46.76
CA VAL A 50 40.19 0.49 47.15
C VAL A 50 40.87 -0.35 46.06
N SER A 51 40.12 -1.28 45.47
CA SER A 51 40.64 -2.15 44.41
C SER A 51 41.16 -1.34 43.24
N HIS A 52 40.34 -0.40 42.78
CA HIS A 52 40.71 0.41 41.65
C HIS A 52 41.89 1.30 42.03
N CYS A 53 41.95 1.70 43.30
CA CYS A 53 43.06 2.53 43.78
C CYS A 53 44.38 1.79 43.71
N LEU A 54 44.37 0.53 44.10
CA LEU A 54 45.54 -0.32 43.96
C LEU A 54 45.90 -0.52 42.51
N GLU A 55 44.89 -0.73 41.67
CA GLU A 55 45.09 -0.84 40.22
C GLU A 55 45.79 0.36 39.61
N LEU A 56 45.34 1.56 39.97
CA LEU A 56 45.88 2.78 39.39
C LEU A 56 47.32 3.08 39.84
N GLY A 57 47.79 2.37 40.85
CA GLY A 57 49.16 2.47 41.29
C GLY A 57 49.38 3.24 42.58
N ALA A 58 48.44 3.12 43.52
CA ALA A 58 48.57 3.77 44.82
C ALA A 58 49.68 3.08 45.59
N ALA A 59 50.39 3.85 46.41
CA ALA A 59 51.40 3.29 47.28
C ALA A 59 50.76 2.30 48.25
N SER A 60 49.58 2.64 48.74
CA SER A 60 48.73 1.70 49.46
C SER A 60 47.30 2.25 49.46
N ALA A 61 46.33 1.39 49.73
CA ALA A 61 44.93 1.80 49.79
C ALA A 61 44.14 0.95 50.77
N HIS A 62 43.42 1.62 51.67
CA HIS A 62 42.61 0.98 52.69
C HIS A 62 41.34 1.77 52.88
N TYR A 63 40.32 1.10 53.41
CA TYR A 63 39.10 1.79 53.81
C TYR A 63 38.75 1.48 55.27
N ILE A 64 38.00 2.39 55.89
CA ILE A 64 37.37 2.13 57.18
C ILE A 64 35.95 2.69 57.05
N ALA A 65 34.95 1.87 57.38
CA ALA A 65 33.55 2.24 57.21
C ALA A 65 32.88 2.67 58.50
N GLY A 66 31.96 3.61 58.39
CA GLY A 66 31.21 4.11 59.55
C GLY A 66 30.58 5.46 59.30
N THR A 67 29.57 5.83 60.09
CA THR A 67 28.88 7.10 59.91
C THR A 67 29.56 8.26 60.63
N MET A 68 29.60 9.42 59.99
CA MET A 68 30.16 10.63 60.57
C MET A 68 29.16 11.37 61.46
N GLU A 69 28.00 10.76 61.69
CA GLU A 69 27.08 11.23 62.72
C GLU A 69 27.68 10.91 64.08
N ASP A 70 28.47 9.85 64.10
CA ASP A 70 29.03 9.26 65.30
C ASP A 70 30.39 9.90 65.57
N MET A 71 30.44 10.79 66.55
CA MET A 71 31.66 11.56 66.83
C MET A 71 32.79 10.73 67.42
N THR A 72 32.43 9.62 68.06
CA THR A 72 33.42 8.65 68.56
C THR A 72 34.12 8.02 67.37
N PHE A 73 33.34 7.65 66.35
CA PHE A 73 33.91 7.04 65.15
C PHE A 73 34.86 7.96 64.42
N ALA A 74 34.48 9.24 64.29
CA ALA A 74 35.32 10.20 63.59
C ALA A 74 36.69 10.33 64.27
N GLU A 75 36.70 10.26 65.59
CA GLU A 75 37.94 10.32 66.36
C GLU A 75 38.78 9.07 66.18
N GLN A 76 38.15 7.91 66.33
CA GLN A 76 38.82 6.63 66.19
C GLN A 76 39.34 6.39 64.78
N PHE A 77 38.54 6.75 63.78
CA PHE A 77 38.94 6.61 62.40
C PHE A 77 40.29 7.24 62.12
N VAL A 78 40.45 8.52 62.47
CA VAL A 78 41.70 9.22 62.16
C VAL A 78 42.92 8.48 62.75
N ALA A 79 42.78 8.03 63.99
CA ALA A 79 43.84 7.27 64.66
C ALA A 79 44.21 5.99 63.91
N GLN A 80 43.19 5.20 63.58
CA GLN A 80 43.38 3.93 62.88
C GLN A 80 44.02 4.12 61.51
N ALA A 81 43.56 5.15 60.79
CA ALA A 81 44.09 5.50 59.48
C ALA A 81 45.54 5.93 59.60
N GLY A 82 45.84 6.64 60.67
CA GLY A 82 47.20 7.07 60.93
C GLY A 82 48.14 5.89 61.10
N LYS A 83 47.72 4.92 61.91
CA LYS A 83 48.49 3.71 62.14
C LYS A 83 48.67 2.90 60.84
N LEU A 84 47.62 2.82 60.03
CA LEU A 84 47.71 2.19 58.72
C LEU A 84 48.80 2.78 57.83
N MET A 85 48.87 4.10 57.76
CA MET A 85 49.83 4.77 56.90
C MET A 85 51.11 5.17 57.62
N GLY A 86 51.14 4.96 58.93
CA GLY A 86 52.27 5.37 59.77
C GLY A 86 52.51 6.87 59.72
N GLY A 87 51.48 7.65 60.03
CA GLY A 87 51.54 9.11 59.92
C GLY A 87 50.53 9.65 58.93
N LEU A 88 50.42 10.97 58.85
CA LEU A 88 49.44 11.61 57.99
C LEU A 88 49.94 12.91 57.39
N ASP A 89 49.78 13.07 56.08
CA ASP A 89 50.25 14.28 55.36
C ASP A 89 49.13 15.22 54.94
N MET A 90 47.96 14.67 54.60
CA MET A 90 46.83 15.48 54.13
C MET A 90 45.49 14.91 54.57
N LEU A 91 44.62 15.78 55.06
CA LEU A 91 43.28 15.42 55.50
C LEU A 91 42.28 16.10 54.59
N ILE A 92 41.68 15.34 53.67
CA ILE A 92 40.68 15.89 52.78
C ILE A 92 39.28 15.64 53.33
N LEU A 93 38.63 16.73 53.73
CA LEU A 93 37.33 16.66 54.38
C LEU A 93 36.22 17.00 53.40
N ASN A 94 35.42 15.98 53.08
CA ASN A 94 34.57 16.00 51.91
C ASN A 94 33.12 15.56 52.14
N HIS A 95 32.87 14.70 53.12
CA HIS A 95 31.55 14.12 53.32
C HIS A 95 30.49 15.15 53.72
N ILE A 96 29.24 14.87 53.38
CA ILE A 96 28.08 15.65 53.82
C ILE A 96 26.91 14.72 54.02
N THR A 97 25.97 15.11 54.89
CA THR A 97 24.78 14.31 55.19
C THR A 97 23.77 14.41 54.03
N ASN A 98 22.96 13.37 53.83
CA ASN A 98 21.93 13.35 52.78
C ASN A 98 21.10 14.64 52.84
N THR A 99 21.11 15.40 51.75
CA THR A 99 20.40 16.67 51.66
C THR A 99 19.74 16.88 50.28
N SER A 100 18.61 17.56 50.26
CA SER A 100 17.89 17.85 49.02
C SER A 100 17.35 19.27 49.01
N LEU A 101 17.08 19.82 47.83
CA LEU A 101 16.53 21.18 47.68
C LEU A 101 15.08 21.23 48.13
N ASN A 102 14.83 22.00 49.18
CA ASN A 102 13.49 22.16 49.76
C ASN A 102 13.40 23.47 50.49
N LEU A 103 12.20 24.04 50.54
CA LEU A 103 11.94 25.19 51.39
C LEU A 103 12.08 24.71 52.83
N PHE A 104 12.58 25.56 53.70
CA PHE A 104 12.64 25.24 55.13
C PHE A 104 11.28 25.49 55.79
N HIS A 105 10.77 24.50 56.51
CA HIS A 105 9.53 24.70 57.26
C HIS A 105 9.74 24.50 58.75
N ASP A 106 9.82 23.25 59.20
CA ASP A 106 10.03 23.01 60.62
C ASP A 106 10.97 21.82 60.86
N ASP A 107 11.81 21.54 59.86
CA ASP A 107 12.69 20.39 59.89
C ASP A 107 13.95 20.70 60.70
N ILE A 108 13.79 20.88 62.01
CA ILE A 108 14.91 21.17 62.90
C ILE A 108 15.88 19.98 62.91
N HIS A 109 15.33 18.78 62.97
CA HIS A 109 16.12 17.56 62.93
C HIS A 109 17.16 17.59 61.82
N HIS A 110 16.80 18.16 60.66
CA HIS A 110 17.73 18.24 59.54
C HIS A 110 18.83 19.30 59.74
N VAL A 111 18.43 20.47 60.24
CA VAL A 111 19.35 21.57 60.53
C VAL A 111 20.43 21.12 61.50
N ARG A 112 20.00 20.42 62.56
CA ARG A 112 20.90 19.84 63.55
C ARG A 112 21.87 18.85 62.92
N LYS A 113 21.34 17.81 62.28
CA LYS A 113 22.15 16.76 61.69
C LYS A 113 23.14 17.32 60.70
N SER A 114 22.71 18.35 59.98
CA SER A 114 23.57 19.05 59.04
C SER A 114 24.80 19.65 59.71
N MET A 115 24.61 20.30 60.86
CA MET A 115 25.72 20.88 61.60
C MET A 115 26.58 19.77 62.14
N GLU A 116 25.93 18.75 62.69
CA GLU A 116 26.61 17.59 63.25
C GLU A 116 27.53 16.91 62.23
N VAL A 117 27.06 16.73 61.01
CA VAL A 117 27.82 15.98 60.01
C VAL A 117 28.67 16.88 59.12
N ASN A 118 28.05 17.91 58.53
CA ASN A 118 28.77 18.76 57.58
C ASN A 118 29.84 19.63 58.21
N PHE A 119 29.66 19.96 59.49
CA PHE A 119 30.55 20.89 60.18
C PHE A 119 31.27 20.30 61.40
N LEU A 120 30.50 19.85 62.37
CA LEU A 120 31.04 19.44 63.64
C LEU A 120 32.05 18.29 63.52
N SER A 121 31.73 17.30 62.70
CA SER A 121 32.65 16.17 62.49
C SER A 121 33.94 16.58 61.78
N TYR A 122 33.86 17.59 60.92
CA TYR A 122 35.07 18.18 60.33
C TYR A 122 36.02 18.70 61.41
N VAL A 123 35.46 19.25 62.48
CA VAL A 123 36.23 19.74 63.62
C VAL A 123 36.83 18.56 64.39
N VAL A 124 35.98 17.62 64.78
CA VAL A 124 36.40 16.41 65.48
C VAL A 124 37.56 15.71 64.76
N LEU A 125 37.44 15.58 63.44
CA LEU A 125 38.47 15.00 62.59
C LEU A 125 39.75 15.83 62.56
N THR A 126 39.62 17.15 62.57
CA THR A 126 40.78 18.03 62.59
C THR A 126 41.53 17.86 63.91
N VAL A 127 40.81 17.92 65.02
CA VAL A 127 41.41 17.75 66.36
C VAL A 127 42.23 16.48 66.42
N ALA A 128 41.64 15.38 65.95
CA ALA A 128 42.29 14.08 65.95
C ALA A 128 43.53 14.03 65.06
N ALA A 129 43.46 14.70 63.92
CA ALA A 129 44.51 14.63 62.90
C ALA A 129 45.66 15.60 63.12
N LEU A 130 45.46 16.58 63.99
CA LEU A 130 46.42 17.67 64.13
C LEU A 130 47.82 17.25 64.58
N PRO A 131 47.93 16.43 65.66
CA PRO A 131 49.26 15.98 66.08
C PRO A 131 50.11 15.43 64.93
N MET A 132 49.55 14.50 64.16
CA MET A 132 50.23 13.93 62.98
C MET A 132 50.51 14.98 61.90
N LEU A 133 49.59 15.91 61.73
CA LEU A 133 49.74 16.95 60.71
C LEU A 133 50.78 18.00 61.09
N LYS A 134 50.97 18.25 62.39
CA LYS A 134 52.05 19.11 62.88
C LYS A 134 53.38 18.44 62.58
N GLN A 135 53.41 17.13 62.77
CA GLN A 135 54.59 16.30 62.58
C GLN A 135 55.12 16.40 61.15
N SER A 136 54.21 16.40 60.18
CA SER A 136 54.59 16.34 58.79
C SER A 136 54.45 17.68 58.11
N ASN A 137 54.08 18.71 58.86
CA ASN A 137 53.79 20.03 58.30
C ASN A 137 52.79 19.93 57.16
N GLY A 138 51.74 19.15 57.42
CA GLY A 138 50.79 18.73 56.41
C GLY A 138 49.78 19.78 56.02
N SER A 139 48.59 19.30 55.64
CA SER A 139 47.53 20.14 55.07
C SER A 139 46.16 19.63 55.47
N ILE A 140 45.24 20.56 55.69
CA ILE A 140 43.82 20.27 55.81
C ILE A 140 43.09 20.87 54.60
N VAL A 141 42.23 20.07 53.99
CA VAL A 141 41.48 20.48 52.81
C VAL A 141 40.00 20.34 53.15
N VAL A 142 39.28 21.45 53.11
CA VAL A 142 37.87 21.50 53.52
C VAL A 142 37.03 21.77 52.30
N VAL A 143 36.10 20.87 51.99
CA VAL A 143 35.29 21.04 50.79
C VAL A 143 34.01 21.81 51.12
N SER A 144 33.94 23.02 50.57
CA SER A 144 32.78 23.88 50.76
C SER A 144 32.08 24.10 49.42
N SER A 145 31.18 25.08 49.38
CA SER A 145 30.34 25.31 48.22
C SER A 145 30.18 26.81 48.00
N LEU A 146 29.69 27.19 46.82
CA LEU A 146 29.23 28.57 46.64
C LEU A 146 28.21 28.91 47.72
N ALA A 147 27.42 27.92 48.14
CA ALA A 147 26.45 28.10 49.21
C ALA A 147 27.08 28.39 50.56
N GLY A 148 28.40 28.28 50.62
CA GLY A 148 29.15 28.59 51.83
C GLY A 148 29.91 29.89 51.73
N LYS A 149 29.47 30.75 50.81
CA LYS A 149 30.03 32.08 50.62
C LYS A 149 28.93 33.09 50.29
N VAL A 150 27.89 32.63 49.61
CA VAL A 150 26.74 33.47 49.26
C VAL A 150 25.48 32.69 49.56
N ALA A 151 24.36 33.36 49.70
CA ALA A 151 23.12 32.69 50.09
C ALA A 151 22.31 32.17 48.89
N TYR A 152 21.83 30.94 49.04
CA TYR A 152 20.94 30.27 48.07
C TYR A 152 19.65 29.90 48.79
N PRO A 153 18.49 30.03 48.12
CA PRO A 153 17.27 29.44 48.69
C PRO A 153 17.24 27.91 48.49
N MET A 154 16.57 27.21 49.40
CA MET A 154 16.35 25.75 49.32
C MET A 154 17.48 24.89 49.87
N VAL A 155 18.58 25.52 50.25
CA VAL A 155 19.70 24.81 50.88
C VAL A 155 20.11 25.46 52.19
N ALA A 156 19.13 25.96 52.94
CA ALA A 156 19.36 26.73 54.15
C ALA A 156 20.23 26.02 55.21
N ALA A 157 19.84 24.80 55.59
CA ALA A 157 20.59 24.05 56.59
C ALA A 157 21.99 23.73 56.08
N TYR A 158 22.08 23.37 54.81
CA TYR A 158 23.34 23.08 54.14
C TYR A 158 24.24 24.30 54.16
N SER A 159 23.70 25.42 53.68
CA SER A 159 24.41 26.69 53.61
C SER A 159 24.95 27.10 54.97
N ALA A 160 24.12 26.98 56.00
CA ALA A 160 24.54 27.28 57.36
C ALA A 160 25.80 26.51 57.73
N SER A 161 25.79 25.20 57.51
CA SER A 161 26.94 24.36 57.85
C SER A 161 28.19 24.73 57.04
N LYS A 162 28.00 25.14 55.80
CA LYS A 162 29.11 25.46 54.93
C LYS A 162 29.67 26.83 55.25
N PHE A 163 28.81 27.70 55.79
CA PHE A 163 29.22 29.00 56.28
C PHE A 163 30.05 28.82 57.55
N ALA A 164 29.54 28.01 58.47
CA ALA A 164 30.24 27.71 59.70
C ALA A 164 31.66 27.22 59.46
N LEU A 165 31.88 26.50 58.35
CA LEU A 165 33.19 25.96 58.03
C LEU A 165 34.19 27.06 57.74
N ASP A 166 33.73 28.08 57.01
CA ASP A 166 34.53 29.24 56.67
C ASP A 166 34.90 29.96 57.95
N GLY A 167 33.90 30.23 58.77
CA GLY A 167 34.13 30.89 60.04
C GLY A 167 35.14 30.17 60.92
N PHE A 168 34.96 28.88 61.11
CA PHE A 168 35.83 28.13 61.99
C PHE A 168 37.21 28.01 61.39
N PHE A 169 37.30 27.48 60.18
CA PHE A 169 38.59 27.17 59.62
C PHE A 169 39.41 28.39 59.21
N SER A 170 38.74 29.48 58.82
CA SER A 170 39.45 30.71 58.49
C SER A 170 39.98 31.35 59.76
N SER A 171 39.31 31.05 60.86
CA SER A 171 39.68 31.54 62.17
C SER A 171 40.90 30.80 62.74
N ILE A 172 40.85 29.48 62.79
CA ILE A 172 42.00 28.72 63.29
C ILE A 172 43.23 28.81 62.38
N ARG A 173 43.04 29.18 61.10
CA ARG A 173 44.17 29.46 60.23
C ARG A 173 45.00 30.58 60.82
N LYS A 174 44.32 31.63 61.28
CA LYS A 174 44.98 32.79 61.86
C LYS A 174 45.69 32.42 63.16
N GLU A 175 45.05 31.57 63.95
CA GLU A 175 45.65 31.02 65.17
C GLU A 175 46.94 30.26 64.83
N TYR A 176 46.87 29.36 63.86
CA TYR A 176 48.02 28.52 63.49
C TYR A 176 49.19 29.37 63.00
N SER A 177 48.86 30.37 62.18
CA SER A 177 49.82 31.34 61.66
C SER A 177 50.74 31.95 62.73
N VAL A 178 50.16 32.42 63.83
CA VAL A 178 50.92 33.05 64.91
C VAL A 178 51.43 32.07 65.98
N SER A 179 50.81 30.89 66.07
CA SER A 179 51.29 29.84 66.97
C SER A 179 52.45 29.11 66.33
N ARG A 180 52.76 29.49 65.09
CA ARG A 180 53.68 28.73 64.23
C ARG A 180 53.37 27.21 64.23
N VAL A 181 52.08 26.90 64.20
CA VAL A 181 51.57 25.56 63.85
C VAL A 181 51.52 25.54 62.33
N ASN A 182 52.33 24.68 61.74
CA ASN A 182 52.66 24.78 60.34
C ASN A 182 51.81 23.88 59.43
N VAL A 183 50.51 23.89 59.70
CA VAL A 183 49.54 23.10 58.95
C VAL A 183 48.71 24.06 58.11
N SER A 184 48.69 23.84 56.81
CA SER A 184 47.96 24.70 55.90
C SER A 184 46.50 24.30 55.84
N ILE A 185 45.63 25.27 55.54
CA ILE A 185 44.18 25.04 55.48
C ILE A 185 43.59 25.58 54.19
N THR A 186 43.10 24.67 53.35
CA THR A 186 42.49 25.03 52.07
C THR A 186 40.97 24.92 52.14
N LEU A 187 40.28 26.02 51.89
CA LEU A 187 38.83 26.02 51.76
C LEU A 187 38.44 26.05 50.30
N CYS A 188 37.80 24.98 49.83
CA CYS A 188 37.44 24.85 48.43
C CYS A 188 36.00 25.26 48.20
N VAL A 189 35.79 26.30 47.40
CA VAL A 189 34.47 26.80 47.10
C VAL A 189 34.07 26.28 45.73
N LEU A 190 33.10 25.36 45.71
CA LEU A 190 32.65 24.70 44.49
C LEU A 190 31.27 25.13 44.03
N GLY A 191 31.12 25.31 42.73
CA GLY A 191 29.81 25.51 42.11
C GLY A 191 29.25 24.16 41.72
N LEU A 192 28.22 24.14 40.88
CA LEU A 192 27.57 22.87 40.52
C LEU A 192 28.53 21.92 39.82
N ILE A 193 28.58 20.69 40.33
CA ILE A 193 29.46 19.65 39.81
C ILE A 193 28.58 18.48 39.36
N ASP A 194 28.92 17.87 38.22
CA ASP A 194 28.10 16.81 37.62
C ASP A 194 28.16 15.45 38.32
N THR A 195 28.24 15.43 39.65
CA THR A 195 28.06 14.17 40.38
C THR A 195 26.62 13.73 40.22
N GLU A 196 26.34 12.46 40.42
CA GLU A 196 24.99 11.94 40.30
C GLU A 196 24.06 12.50 41.38
N THR A 197 24.52 12.48 42.64
CA THR A 197 23.73 13.04 43.74
C THR A 197 23.30 14.46 43.43
N ALA A 198 24.21 15.24 42.84
CA ALA A 198 23.91 16.62 42.49
C ALA A 198 22.86 16.69 41.39
N MET A 199 23.17 16.08 40.25
CA MET A 199 22.34 16.13 39.06
C MET A 199 20.90 15.68 39.32
N LYS A 200 20.73 14.65 40.15
CA LYS A 200 19.40 14.22 40.57
C LYS A 200 18.71 15.32 41.36
N ALA A 201 19.41 15.89 42.33
CA ALA A 201 18.83 16.82 43.29
C ALA A 201 18.38 18.13 42.67
N VAL A 202 19.14 18.61 41.69
CA VAL A 202 18.87 19.90 41.07
C VAL A 202 17.98 19.79 39.82
N SER A 203 17.69 18.57 39.39
CA SER A 203 16.97 18.31 38.16
C SER A 203 15.57 18.86 38.24
N GLY A 204 15.24 19.73 37.29
CA GLY A 204 13.91 20.32 37.22
C GLY A 204 13.75 21.55 38.10
N ILE A 205 14.71 21.79 39.00
CA ILE A 205 14.66 22.95 39.90
C ILE A 205 15.69 23.97 39.46
N VAL A 206 16.97 23.60 39.58
CA VAL A 206 18.07 24.44 39.10
C VAL A 206 18.31 24.02 37.68
N HIS A 207 18.99 24.85 36.89
CA HIS A 207 19.15 24.54 35.50
C HIS A 207 20.58 24.39 34.99
N MET A 208 21.44 25.31 35.39
CA MET A 208 22.70 25.62 34.68
C MET A 208 23.80 24.57 34.61
N GLN A 209 24.85 24.89 33.86
CA GLN A 209 26.00 24.02 33.66
C GLN A 209 26.56 23.42 34.93
N ALA A 210 26.93 22.15 34.84
CA ALA A 210 27.69 21.49 35.88
C ALA A 210 29.13 21.32 35.39
N ALA A 211 30.10 21.52 36.28
CA ALA A 211 31.50 21.25 35.94
C ALA A 211 31.78 19.77 36.18
N PRO A 212 32.72 19.20 35.41
CA PRO A 212 32.98 17.76 35.49
C PRO A 212 33.56 17.26 36.82
N LYS A 213 33.01 16.15 37.36
CA LYS A 213 33.49 15.56 38.62
C LYS A 213 35.01 15.36 38.66
N GLU A 214 35.60 14.91 37.56
CA GLU A 214 37.01 14.54 37.55
C GLU A 214 37.96 15.73 37.65
N GLU A 215 37.69 16.78 36.89
CA GLU A 215 38.56 17.95 36.91
C GLU A 215 38.47 18.68 38.25
N CYS A 216 37.25 18.78 38.77
CA CYS A 216 36.99 19.37 40.09
C CYS A 216 37.83 18.72 41.18
N ALA A 217 37.88 17.39 41.17
CA ALA A 217 38.63 16.62 42.15
C ALA A 217 40.10 16.99 42.14
N LEU A 218 40.66 17.15 40.94
CA LEU A 218 42.07 17.47 40.77
C LEU A 218 42.36 18.89 41.24
N GLU A 219 41.49 19.82 40.86
CA GLU A 219 41.62 21.20 41.26
C GLU A 219 41.73 21.32 42.78
N ILE A 220 40.94 20.54 43.51
CA ILE A 220 41.00 20.48 44.97
C ILE A 220 42.37 19.98 45.45
N ILE A 221 42.76 18.78 45.02
CA ILE A 221 44.07 18.22 45.35
C ILE A 221 45.19 19.20 45.01
N LYS A 222 45.16 19.81 43.84
CA LYS A 222 46.12 20.85 43.46
C LYS A 222 46.23 21.95 44.51
N GLY A 223 45.10 22.51 44.91
CA GLY A 223 45.06 23.61 45.86
C GLY A 223 45.64 23.28 47.23
N GLY A 224 45.32 22.08 47.72
CA GLY A 224 45.84 21.64 49.02
C GLY A 224 47.34 21.45 49.01
N ALA A 225 47.85 20.83 47.95
CA ALA A 225 49.27 20.55 47.83
C ALA A 225 50.10 21.83 47.68
N LEU A 226 49.54 22.81 46.98
CA LEU A 226 50.18 24.12 46.84
C LEU A 226 49.84 25.01 48.02
N ARG A 227 49.21 24.42 49.04
CA ARG A 227 48.91 25.10 50.30
C ARG A 227 48.13 26.40 50.12
N GLN A 228 47.34 26.51 49.05
CA GLN A 228 46.46 27.67 48.81
C GLN A 228 45.43 27.76 49.90
N GLU A 229 45.06 28.98 50.27
CA GLU A 229 44.08 29.18 51.32
C GLU A 229 42.66 28.89 50.82
N GLU A 230 42.43 29.21 49.55
CA GLU A 230 41.15 28.94 48.87
C GLU A 230 41.28 28.46 47.42
N VAL A 231 40.39 27.55 47.05
CA VAL A 231 40.25 27.11 45.66
C VAL A 231 38.83 27.45 45.24
N TYR A 232 38.68 28.12 44.10
CA TYR A 232 37.37 28.42 43.54
C TYR A 232 37.21 27.66 42.24
N TYR A 233 36.11 26.94 42.12
CA TYR A 233 35.86 26.12 40.92
C TYR A 233 34.40 26.08 40.54
N ASP A 234 34.10 26.71 39.40
CA ASP A 234 32.73 26.79 38.87
C ASP A 234 32.76 26.83 37.35
N SER A 235 31.64 26.50 36.73
CA SER A 235 31.50 26.57 35.27
C SER A 235 31.69 28.01 34.78
N SER A 236 30.94 28.94 35.38
CA SER A 236 31.07 30.36 35.04
C SER A 236 32.37 30.94 35.59
N LEU A 237 33.13 31.60 34.71
CA LEU A 237 34.32 32.34 35.14
C LEU A 237 33.91 33.68 35.78
N TRP A 238 32.76 34.20 35.35
CA TRP A 238 32.13 35.37 35.97
C TRP A 238 31.93 35.16 37.47
N THR A 239 31.61 33.93 37.87
CA THR A 239 31.60 33.54 39.27
C THR A 239 32.98 33.65 39.88
N THR A 240 33.95 32.91 39.33
CA THR A 240 35.32 32.94 39.85
C THR A 240 35.91 34.38 39.90
N LEU A 241 35.37 35.29 39.08
CA LEU A 241 35.74 36.72 39.20
C LEU A 241 34.58 37.59 39.75
N LEU A 242 34.20 37.27 40.99
CA LEU A 242 33.12 37.94 41.74
C LEU A 242 32.92 37.26 43.08
N ILE A 243 33.33 35.99 43.15
CA ILE A 243 33.21 35.18 44.37
C ILE A 243 34.26 35.63 45.38
N ARG A 244 35.39 36.10 44.86
CA ARG A 244 36.46 36.66 45.69
C ARG A 244 35.97 37.85 46.52
N ASN A 245 36.56 38.02 47.70
CA ASN A 245 36.22 39.13 48.58
C ASN A 245 37.47 39.80 49.13
N PRO A 246 38.06 40.73 48.34
CA PRO A 246 39.31 41.40 48.75
C PRO A 246 39.09 42.35 49.94
N SER A 247 37.89 42.91 50.03
CA SER A 247 37.48 43.71 51.18
C SER A 247 37.74 42.95 52.49
N ARG A 248 37.24 41.72 52.59
CA ARG A 248 37.44 40.92 53.79
C ARG A 248 38.93 40.69 54.12
N LYS A 249 39.74 40.33 53.13
CA LYS A 249 41.19 40.13 53.38
C LYS A 249 41.87 41.39 53.89
N ILE A 250 41.45 42.54 53.37
CA ILE A 250 41.94 43.85 53.81
C ILE A 250 41.51 44.11 55.25
N LEU A 251 40.21 43.97 55.53
CA LEU A 251 39.72 44.15 56.89
C LEU A 251 40.43 43.24 57.91
N GLU A 252 40.56 41.96 57.57
CA GLU A 252 41.19 40.99 58.45
C GLU A 252 42.62 41.40 58.76
N PHE A 253 43.19 42.19 57.85
CA PHE A 253 44.56 42.69 57.99
C PHE A 253 44.66 43.98 58.81
N LEU A 254 43.83 44.96 58.49
CA LEU A 254 43.79 46.20 59.26
C LEU A 254 43.50 45.91 60.72
N TYR A 255 42.71 44.88 60.97
CA TYR A 255 42.46 44.42 62.33
C TYR A 255 43.60 43.60 62.90
N SER A 256 44.44 43.05 62.02
CA SER A 256 45.42 42.03 62.42
C SER A 256 46.35 42.51 63.53
N THR A 257 46.70 43.80 63.51
CA THR A 257 47.35 44.42 64.68
C THR A 257 46.38 45.40 65.34
N SER A 258 45.75 44.89 66.40
CA SER A 258 44.70 45.54 67.20
C SER A 258 44.34 44.55 68.28
N TYR A 259 44.94 43.36 68.16
CA TYR A 259 44.99 42.39 69.25
C TYR A 259 46.44 41.99 69.38
N ASN A 260 46.74 41.25 70.44
CA ASN A 260 48.10 40.82 70.71
C ASN A 260 48.12 39.40 71.25
N MET A 261 48.63 38.48 70.42
CA MET A 261 48.63 37.04 70.71
C MET A 261 49.70 36.59 71.70
N ASP A 262 50.80 37.33 71.78
CA ASP A 262 52.00 36.97 72.58
C ASP A 262 51.70 36.23 73.89
N ARG A 263 50.60 36.59 74.54
CA ARG A 263 50.16 36.00 75.79
C ARG A 263 49.93 34.46 75.70
N PHE A 264 49.84 33.92 74.48
CA PHE A 264 49.57 32.48 74.29
C PHE A 264 50.70 31.70 73.57
N GLU B 1 12.14 57.01 56.83
CA GLU B 1 13.08 57.31 57.97
C GLU B 1 12.48 56.93 59.32
N PHE B 2 13.33 56.54 60.27
CA PHE B 2 12.85 56.01 61.55
C PHE B 2 12.13 57.02 62.43
N ARG B 3 11.17 56.53 63.21
CA ARG B 3 10.50 57.32 64.24
C ARG B 3 10.11 56.41 65.41
N PRO B 4 10.40 56.83 66.66
CA PRO B 4 10.08 56.05 67.87
C PRO B 4 8.64 55.55 67.94
N GLU B 5 7.72 56.27 67.30
CA GLU B 5 6.30 55.90 67.28
C GLU B 5 6.09 54.49 66.71
N MET B 6 6.96 54.10 65.76
CA MET B 6 6.87 52.82 65.05
C MET B 6 6.82 51.60 65.96
N LEU B 7 7.35 51.73 67.17
CA LEU B 7 7.34 50.64 68.14
C LEU B 7 6.16 50.71 69.13
N GLN B 8 5.41 51.81 69.09
CA GLN B 8 4.33 52.05 70.06
C GLN B 8 3.30 50.95 69.97
N GLY B 9 3.12 50.22 71.06
CA GLY B 9 2.12 49.15 71.11
C GLY B 9 2.53 47.82 70.49
N LYS B 10 3.72 47.77 69.86
CA LYS B 10 4.22 46.53 69.26
C LYS B 10 4.60 45.49 70.30
N LYS B 11 4.46 44.22 69.95
CA LYS B 11 4.74 43.13 70.87
C LYS B 11 6.09 42.51 70.52
N VAL B 12 7.07 42.68 71.41
CA VAL B 12 8.45 42.37 71.09
C VAL B 12 9.08 41.41 72.08
N ILE B 13 9.83 40.42 71.56
CA ILE B 13 10.60 39.49 72.39
C ILE B 13 12.09 39.81 72.30
N VAL B 14 12.74 39.94 73.45
CA VAL B 14 14.20 40.11 73.50
C VAL B 14 14.84 38.99 74.31
N THR B 15 15.77 38.29 73.70
CA THR B 15 16.49 37.20 74.37
C THR B 15 17.82 37.70 74.92
N GLY B 16 18.31 37.02 75.95
CA GLY B 16 19.50 37.44 76.65
C GLY B 16 19.44 38.92 76.96
N ALA B 17 18.37 39.31 77.65
CA ALA B 17 18.11 40.72 77.99
C ALA B 17 18.30 41.02 79.48
N SER B 18 19.02 40.14 80.20
CA SER B 18 19.31 40.38 81.60
C SER B 18 20.48 41.37 81.82
N LYS B 19 21.25 41.60 80.76
CA LYS B 19 22.42 42.49 80.83
C LYS B 19 22.93 42.90 79.45
N GLY B 20 23.93 43.78 79.41
CA GLY B 20 24.54 44.26 78.17
C GLY B 20 23.58 44.79 77.14
N ILE B 21 23.86 44.47 75.88
CA ILE B 21 23.09 44.94 74.72
C ILE B 21 21.63 44.55 74.78
N GLY B 22 21.38 43.33 75.27
CA GLY B 22 20.01 42.83 75.44
C GLY B 22 19.18 43.75 76.32
N ARG B 23 19.67 43.96 77.54
CA ARG B 23 19.03 44.83 78.53
C ARG B 23 18.78 46.24 77.97
N GLU B 24 19.79 46.83 77.32
CA GLU B 24 19.65 48.15 76.72
C GLU B 24 18.49 48.23 75.73
N MET B 25 18.32 47.18 74.92
CA MET B 25 17.24 47.10 73.94
C MET B 25 15.87 47.06 74.62
N ALA B 26 15.76 46.25 75.66
CA ALA B 26 14.53 46.20 76.43
C ALA B 26 14.15 47.59 76.97
N TYR B 27 15.16 48.38 77.36
CA TYR B 27 14.90 49.72 77.88
C TYR B 27 14.43 50.68 76.77
N HIS B 28 15.11 50.65 75.63
CA HIS B 28 14.69 51.46 74.48
C HIS B 28 13.23 51.17 74.13
N LEU B 29 12.89 49.88 74.11
CA LEU B 29 11.56 49.44 73.75
C LEU B 29 10.54 49.91 74.78
N ALA B 30 10.92 49.84 76.05
CA ALA B 30 10.08 50.33 77.14
C ALA B 30 9.77 51.82 76.94
N LYS B 31 10.78 52.58 76.52
CA LYS B 31 10.65 54.03 76.28
C LYS B 31 9.74 54.32 75.11
N MET B 32 9.72 53.43 74.13
CA MET B 32 8.85 53.62 72.98
C MET B 32 7.43 53.08 73.22
N GLY B 33 7.20 52.62 74.45
CA GLY B 33 5.88 52.17 74.89
C GLY B 33 5.41 50.91 74.19
N ALA B 34 6.33 49.96 74.03
CA ALA B 34 6.04 48.70 73.37
C ALA B 34 5.70 47.65 74.41
N HIS B 35 5.11 46.55 73.95
CA HIS B 35 4.96 45.36 74.80
C HIS B 35 6.26 44.58 74.70
N VAL B 36 6.71 44.05 75.83
CA VAL B 36 8.03 43.46 75.91
C VAL B 36 8.02 42.17 76.75
N VAL B 37 8.50 41.08 76.14
CA VAL B 37 8.81 39.88 76.90
C VAL B 37 10.32 39.64 76.83
N VAL B 38 10.96 39.57 77.99
CA VAL B 38 12.40 39.39 78.05
C VAL B 38 12.72 38.01 78.61
N THR B 39 13.92 37.52 78.29
CA THR B 39 14.35 36.21 78.76
C THR B 39 15.87 36.11 78.90
N ALA B 40 16.26 35.20 79.79
CA ALA B 40 17.64 34.83 80.05
C ALA B 40 17.52 33.70 81.06
N ARG B 41 18.60 33.43 81.80
CA ARG B 41 18.55 32.38 82.80
C ARG B 41 18.28 32.91 84.20
N SER B 42 18.85 34.09 84.50
CA SER B 42 18.82 34.62 85.87
C SER B 42 17.56 35.43 86.19
N LYS B 43 16.68 34.84 87.00
CA LYS B 43 15.37 35.47 87.28
C LYS B 43 15.44 36.70 88.19
N GLU B 44 16.49 36.81 89.01
CA GLU B 44 16.75 38.04 89.78
C GLU B 44 16.99 39.25 88.84
N THR B 45 17.97 39.13 87.95
CA THR B 45 18.31 40.23 87.04
C THR B 45 17.16 40.53 86.08
N LEU B 46 16.33 39.52 85.88
CA LEU B 46 15.20 39.64 84.96
C LEU B 46 14.03 40.40 85.56
N GLN B 47 13.75 40.13 86.84
CA GLN B 47 12.75 40.90 87.59
C GLN B 47 13.11 42.38 87.52
N LYS B 48 14.39 42.68 87.77
CA LYS B 48 14.89 44.04 87.76
C LYS B 48 14.68 44.75 86.43
N VAL B 49 15.02 44.08 85.33
CA VAL B 49 14.82 44.63 83.99
C VAL B 49 13.33 44.89 83.70
N VAL B 50 12.46 44.02 84.23
CA VAL B 50 11.01 44.20 84.08
C VAL B 50 10.51 45.46 84.80
N SER B 51 10.96 45.64 86.04
CA SER B 51 10.57 46.79 86.86
C SER B 51 10.91 48.10 86.15
N HIS B 52 12.15 48.21 85.72
CA HIS B 52 12.61 49.42 85.08
C HIS B 52 11.90 49.63 83.74
N CYS B 53 11.49 48.53 83.11
CA CYS B 53 10.75 48.60 81.85
C CYS B 53 9.37 49.22 82.06
N LEU B 54 8.69 48.77 83.12
CA LEU B 54 7.40 49.34 83.51
C LEU B 54 7.56 50.82 83.86
N GLU B 55 8.60 51.13 84.65
CA GLU B 55 8.97 52.52 84.97
C GLU B 55 9.12 53.41 83.75
N LEU B 56 9.86 52.95 82.73
CA LEU B 56 10.13 53.77 81.56
C LEU B 56 8.89 53.97 80.67
N GLY B 57 7.84 53.22 80.96
CA GLY B 57 6.55 53.42 80.29
C GLY B 57 6.25 52.39 79.20
N ALA B 58 6.64 51.14 79.45
CA ALA B 58 6.30 50.05 78.54
C ALA B 58 4.78 49.82 78.57
N ALA B 59 4.22 49.43 77.43
CA ALA B 59 2.81 49.06 77.36
C ALA B 59 2.55 47.86 78.28
N SER B 60 3.53 46.96 78.38
CA SER B 60 3.57 45.88 79.39
C SER B 60 4.97 45.29 79.39
N ALA B 61 5.29 44.52 80.43
CA ALA B 61 6.61 43.90 80.54
C ALA B 61 6.54 42.65 81.41
N HIS B 62 7.11 41.57 80.88
CA HIS B 62 7.13 40.27 81.55
C HIS B 62 8.44 39.57 81.25
N TYR B 63 8.80 38.61 82.09
CA TYR B 63 9.96 37.78 81.82
C TYR B 63 9.61 36.31 81.90
N ILE B 64 10.37 35.48 81.20
CA ILE B 64 10.33 34.03 81.39
C ILE B 64 11.78 33.56 81.46
N ALA B 65 12.13 32.79 82.49
CA ALA B 65 13.51 32.37 82.72
C ALA B 65 13.78 30.92 82.33
N GLY B 66 15.00 30.64 81.86
CA GLY B 66 15.39 29.30 81.41
C GLY B 66 16.54 29.36 80.42
N THR B 67 17.24 28.24 80.26
CA THR B 67 18.41 28.15 79.39
C THR B 67 18.06 27.82 77.94
N MET B 68 18.74 28.49 77.02
CA MET B 68 18.58 28.24 75.58
C MET B 68 19.38 27.03 75.09
N GLU B 69 20.03 26.31 76.01
CA GLU B 69 20.61 24.99 75.69
C GLU B 69 19.48 24.00 75.50
N ASP B 70 18.37 24.28 76.18
CA ASP B 70 17.20 23.43 76.24
C ASP B 70 16.23 23.79 75.11
N MET B 71 16.20 22.95 74.07
CA MET B 71 15.43 23.27 72.87
C MET B 71 13.93 23.21 73.09
N THR B 72 13.52 22.41 74.08
CA THR B 72 12.12 22.35 74.47
C THR B 72 11.70 23.70 75.04
N PHE B 73 12.56 24.27 75.90
CA PHE B 73 12.27 25.57 76.50
C PHE B 73 12.15 26.69 75.47
N ALA B 74 13.03 26.69 74.48
CA ALA B 74 12.99 27.72 73.45
C ALA B 74 11.66 27.68 72.70
N GLU B 75 11.15 26.47 72.49
CA GLU B 75 9.89 26.30 71.81
C GLU B 75 8.71 26.78 72.66
N GLN B 76 8.68 26.32 73.91
CA GLN B 76 7.63 26.70 74.86
C GLN B 76 7.62 28.19 75.19
N PHE B 77 8.81 28.78 75.34
CA PHE B 77 8.93 30.19 75.66
C PHE B 77 8.19 31.07 74.66
N VAL B 78 8.46 30.86 73.36
CA VAL B 78 7.86 31.73 72.34
C VAL B 78 6.34 31.68 72.47
N ALA B 79 5.79 30.48 72.68
CA ALA B 79 4.35 30.27 72.81
C ALA B 79 3.77 31.02 74.01
N GLN B 80 4.41 30.89 75.17
CA GLN B 80 3.96 31.55 76.40
C GLN B 80 4.04 33.07 76.28
N ALA B 81 5.09 33.55 75.62
CA ALA B 81 5.30 34.98 75.42
C ALA B 81 4.21 35.51 74.51
N GLY B 82 3.84 34.71 73.52
CA GLY B 82 2.82 35.08 72.54
C GLY B 82 1.46 35.26 73.20
N LYS B 83 1.14 34.31 74.09
CA LYS B 83 -0.11 34.37 74.86
C LYS B 83 -0.12 35.61 75.77
N LEU B 84 1.00 35.86 76.45
CA LEU B 84 1.17 37.07 77.28
C LEU B 84 0.87 38.36 76.53
N MET B 85 1.41 38.51 75.33
CA MET B 85 1.24 39.74 74.56
C MET B 85 0.05 39.64 73.59
N GLY B 86 -0.54 38.43 73.51
CA GLY B 86 -1.60 38.15 72.53
C GLY B 86 -1.16 38.39 71.09
N GLY B 87 -0.08 37.74 70.67
CA GLY B 87 0.49 37.96 69.35
C GLY B 87 1.92 38.43 69.45
N LEU B 88 2.59 38.55 68.31
CA LEU B 88 4.00 38.93 68.29
C LEU B 88 4.35 39.73 67.03
N ASP B 89 5.05 40.85 67.22
CA ASP B 89 5.44 41.73 66.11
C ASP B 89 6.93 41.71 65.77
N MET B 90 7.77 41.44 66.77
CA MET B 90 9.22 41.42 66.56
C MET B 90 9.92 40.42 67.45
N LEU B 91 10.82 39.64 66.83
CA LEU B 91 11.62 38.66 67.55
C LEU B 91 13.07 39.08 67.51
N ILE B 92 13.57 39.62 68.62
CA ILE B 92 14.98 40.01 68.69
C ILE B 92 15.80 38.89 69.31
N LEU B 93 16.65 38.30 68.47
CA LEU B 93 17.46 37.15 68.85
C LEU B 93 18.87 37.59 69.17
N ASN B 94 19.25 37.46 70.44
CA ASN B 94 20.38 38.18 70.99
C ASN B 94 21.33 37.36 71.87
N HIS B 95 20.81 36.31 72.51
CA HIS B 95 21.59 35.55 73.47
C HIS B 95 22.75 34.78 72.84
N ILE B 96 23.81 34.56 73.61
CA ILE B 96 24.93 33.67 73.25
C ILE B 96 25.45 32.97 74.49
N THR B 97 26.00 31.78 74.29
CA THR B 97 26.57 30.98 75.39
C THR B 97 27.90 31.61 75.90
N ASN B 98 28.22 31.36 77.18
CA ASN B 98 29.45 31.88 77.80
C ASN B 98 30.66 31.54 76.91
N THR B 99 31.38 32.57 76.47
CA THR B 99 32.54 32.40 75.60
C THR B 99 33.66 33.39 75.96
N SER B 100 34.91 32.98 75.71
CA SER B 100 36.07 33.81 76.00
C SER B 100 37.12 33.65 74.92
N LEU B 101 38.03 34.61 74.81
CA LEU B 101 39.10 34.53 73.81
C LEU B 101 40.15 33.50 74.18
N ASN B 102 40.29 32.48 73.34
CA ASN B 102 41.26 31.42 73.54
C ASN B 102 41.63 30.79 72.22
N LEU B 103 42.84 30.25 72.14
CA LEU B 103 43.20 29.39 71.02
C LEU B 103 42.34 28.14 71.10
N PHE B 104 42.01 27.58 69.93
CA PHE B 104 41.27 26.32 69.90
C PHE B 104 42.26 25.15 70.05
N HIS B 105 41.98 24.25 70.99
CA HIS B 105 42.80 23.05 71.10
C HIS B 105 41.98 21.79 70.84
N ASP B 106 41.22 21.35 71.84
CA ASP B 106 40.42 20.14 71.68
C ASP B 106 39.06 20.26 72.35
N ASP B 107 38.62 21.51 72.53
CA ASP B 107 37.38 21.80 73.25
C ASP B 107 36.15 21.65 72.36
N ILE B 108 35.91 20.41 71.91
CA ILE B 108 34.77 20.10 71.07
C ILE B 108 33.46 20.44 71.79
N HIS B 109 33.38 20.11 73.08
CA HIS B 109 32.23 20.44 73.91
C HIS B 109 31.79 21.90 73.73
N HIS B 110 32.75 22.81 73.61
CA HIS B 110 32.44 24.23 73.44
C HIS B 110 31.91 24.55 72.05
N VAL B 111 32.57 24.02 71.02
CA VAL B 111 32.15 24.19 69.63
C VAL B 111 30.69 23.75 69.46
N ARG B 112 30.36 22.61 70.07
CA ARG B 112 29.02 22.05 70.00
C ARG B 112 28.01 22.97 70.64
N LYS B 113 28.22 23.26 71.92
CA LYS B 113 27.34 24.12 72.71
C LYS B 113 27.16 25.47 72.05
N SER B 114 28.21 25.98 71.44
CA SER B 114 28.13 27.22 70.68
C SER B 114 27.12 27.13 69.55
N MET B 115 27.15 26.04 68.77
CA MET B 115 26.19 25.88 67.67
C MET B 115 24.80 25.68 68.24
N GLU B 116 24.70 24.86 69.29
CA GLU B 116 23.45 24.61 69.99
C GLU B 116 22.79 25.91 70.49
N VAL B 117 23.56 26.78 71.13
CA VAL B 117 22.99 27.98 71.71
C VAL B 117 22.98 29.20 70.76
N ASN B 118 24.11 29.51 70.15
CA ASN B 118 24.23 30.73 69.36
C ASN B 118 23.50 30.67 68.03
N PHE B 119 23.29 29.45 67.53
CA PHE B 119 22.69 29.24 66.21
C PHE B 119 21.40 28.41 66.23
N LEU B 120 21.48 27.21 66.79
CA LEU B 120 20.40 26.25 66.65
C LEU B 120 19.12 26.73 67.33
N SER B 121 19.25 27.28 68.53
CA SER B 121 18.11 27.83 69.26
C SER B 121 17.51 29.05 68.56
N TYR B 122 18.34 29.82 67.86
CA TYR B 122 17.80 30.89 67.03
C TYR B 122 16.80 30.35 66.00
N VAL B 123 17.12 29.19 65.44
CA VAL B 123 16.25 28.54 64.45
C VAL B 123 14.98 28.04 65.14
N VAL B 124 15.14 27.27 66.21
CA VAL B 124 14.02 26.76 67.02
C VAL B 124 13.04 27.90 67.37
N LEU B 125 13.58 29.02 67.83
CA LEU B 125 12.79 30.21 68.16
C LEU B 125 12.09 30.81 66.95
N THR B 126 12.76 30.79 65.80
CA THR B 126 12.15 31.29 64.56
C THR B 126 10.96 30.42 64.15
N VAL B 127 11.18 29.11 64.13
CA VAL B 127 10.13 28.15 63.80
C VAL B 127 8.89 28.42 64.64
N ALA B 128 9.06 28.46 65.96
CA ALA B 128 7.98 28.74 66.90
C ALA B 128 7.29 30.08 66.67
N ALA B 129 8.07 31.12 66.39
CA ALA B 129 7.54 32.48 66.27
C ALA B 129 6.89 32.80 64.92
N LEU B 130 7.15 31.97 63.91
CA LEU B 130 6.78 32.30 62.54
C LEU B 130 5.28 32.46 62.27
N PRO B 131 4.43 31.52 62.78
CA PRO B 131 2.97 31.70 62.61
C PRO B 131 2.47 33.08 63.05
N MET B 132 2.82 33.49 64.28
CA MET B 132 2.45 34.81 64.78
C MET B 132 3.06 35.92 63.94
N LEU B 133 4.31 35.73 63.51
CA LEU B 133 4.98 36.76 62.72
C LEU B 133 4.40 36.93 61.33
N LYS B 134 3.89 35.84 60.74
CA LYS B 134 3.20 35.92 59.45
C LYS B 134 1.92 36.72 59.63
N GLN B 135 1.25 36.47 60.76
CA GLN B 135 0.00 37.13 61.13
C GLN B 135 0.15 38.65 61.16
N SER B 136 1.23 39.14 61.76
CA SER B 136 1.44 40.55 61.95
C SER B 136 2.38 41.16 60.92
N ASN B 137 2.84 40.36 59.96
CA ASN B 137 3.83 40.81 58.98
C ASN B 137 5.04 41.39 59.68
N GLY B 138 5.45 40.71 60.74
CA GLY B 138 6.46 41.21 61.66
C GLY B 138 7.89 41.19 61.16
N SER B 139 8.80 40.96 62.10
CA SER B 139 10.23 41.05 61.84
C SER B 139 11.01 40.09 62.74
N ILE B 140 12.08 39.56 62.17
CA ILE B 140 13.08 38.82 62.93
C ILE B 140 14.35 39.65 62.90
N VAL B 141 14.97 39.79 64.07
CA VAL B 141 16.22 40.53 64.23
C VAL B 141 17.27 39.59 64.80
N VAL B 142 18.35 39.37 64.06
CA VAL B 142 19.38 38.41 64.45
C VAL B 142 20.68 39.14 64.77
N VAL B 143 21.15 38.99 66.01
CA VAL B 143 22.36 39.70 66.43
C VAL B 143 23.65 38.91 66.12
N SER B 144 24.40 39.42 65.15
CA SER B 144 25.64 38.80 64.74
C SER B 144 26.81 39.72 65.10
N SER B 145 27.98 39.43 64.55
CA SER B 145 29.21 40.12 64.89
C SER B 145 30.04 40.32 63.64
N LEU B 146 31.05 41.18 63.73
CA LEU B 146 32.07 41.25 62.68
C LEU B 146 32.68 39.87 62.49
N ALA B 147 32.75 39.10 63.58
CA ALA B 147 33.24 37.71 63.56
C ALA B 147 32.33 36.78 62.76
N GLY B 148 31.15 37.28 62.37
CA GLY B 148 30.22 36.52 61.56
C GLY B 148 30.21 36.99 60.13
N LYS B 149 31.27 37.65 59.69
CA LYS B 149 31.41 38.11 58.31
C LYS B 149 32.85 38.04 57.86
N VAL B 150 33.77 38.18 58.81
CA VAL B 150 35.20 38.03 58.56
C VAL B 150 35.79 37.20 59.68
N ALA B 151 36.98 36.64 59.43
CA ALA B 151 37.60 35.73 60.39
C ALA B 151 38.48 36.45 61.43
N TYR B 152 38.33 36.03 62.68
CA TYR B 152 39.15 36.48 63.78
C TYR B 152 39.79 35.27 64.45
N PRO B 153 41.04 35.39 64.91
CA PRO B 153 41.59 34.35 65.79
C PRO B 153 41.04 34.42 67.23
N MET B 154 41.02 33.28 67.92
CA MET B 154 40.59 33.17 69.34
C MET B 154 39.09 33.15 69.59
N VAL B 155 38.30 33.28 68.52
CA VAL B 155 36.85 33.16 68.62
C VAL B 155 36.29 32.18 67.59
N ALA B 156 37.04 31.12 67.31
CA ALA B 156 36.70 30.14 66.28
C ALA B 156 35.30 29.54 66.38
N ALA B 157 34.99 28.93 67.52
CA ALA B 157 33.67 28.35 67.77
C ALA B 157 32.58 29.40 67.61
N TYR B 158 32.80 30.55 68.26
CA TYR B 158 31.89 31.69 68.19
C TYR B 158 31.64 32.15 66.75
N SER B 159 32.73 32.42 66.04
CA SER B 159 32.71 32.80 64.62
C SER B 159 31.93 31.81 63.77
N ALA B 160 32.19 30.51 63.95
CA ALA B 160 31.46 29.47 63.24
C ALA B 160 29.97 29.64 63.40
N SER B 161 29.50 29.79 64.64
CA SER B 161 28.06 29.92 64.89
C SER B 161 27.48 31.19 64.26
N LYS B 162 28.26 32.26 64.23
CA LYS B 162 27.79 33.54 63.73
C LYS B 162 27.81 33.54 62.20
N PHE B 163 28.72 32.77 61.62
CA PHE B 163 28.72 32.55 60.19
C PHE B 163 27.47 31.74 59.76
N ALA B 164 27.22 30.64 60.47
CA ALA B 164 26.03 29.82 60.28
C ALA B 164 24.75 30.65 60.23
N LEU B 165 24.68 31.70 61.05
CA LEU B 165 23.49 32.53 61.13
C LEU B 165 23.26 33.26 59.82
N ASP B 166 24.35 33.76 59.24
CA ASP B 166 24.28 34.49 57.99
C ASP B 166 23.77 33.54 56.93
N GLY B 167 24.39 32.37 56.84
CA GLY B 167 24.01 31.36 55.85
C GLY B 167 22.56 30.92 55.95
N PHE B 168 22.08 30.63 57.16
CA PHE B 168 20.72 30.16 57.34
C PHE B 168 19.71 31.28 57.09
N PHE B 169 19.91 32.41 57.77
CA PHE B 169 18.90 33.45 57.73
C PHE B 169 18.91 34.22 56.42
N SER B 170 20.06 34.31 55.76
CA SER B 170 20.14 34.96 54.44
C SER B 170 19.47 34.08 53.39
N SER B 171 19.49 32.78 53.67
CA SER B 171 18.90 31.78 52.81
C SER B 171 17.38 31.76 52.91
N ILE B 172 16.86 31.64 54.12
CA ILE B 172 15.40 31.65 54.30
C ILE B 172 14.75 33.00 53.96
N ARG B 173 15.54 34.08 53.95
CA ARG B 173 15.02 35.37 53.49
C ARG B 173 14.58 35.23 52.04
N LYS B 174 15.42 34.59 51.24
CA LYS B 174 15.15 34.38 49.82
C LYS B 174 13.94 33.48 49.62
N GLU B 175 13.79 32.49 50.50
CA GLU B 175 12.62 31.61 50.49
C GLU B 175 11.35 32.42 50.77
N TYR B 176 11.38 33.22 51.83
CA TYR B 176 10.22 34.02 52.25
C TYR B 176 9.83 35.01 51.15
N SER B 177 10.84 35.64 50.54
CA SER B 177 10.65 36.57 49.44
C SER B 177 9.73 36.02 48.34
N VAL B 178 9.99 34.79 47.90
CA VAL B 178 9.20 34.17 46.81
C VAL B 178 7.98 33.37 47.28
N SER B 179 7.97 32.94 48.54
CA SER B 179 6.79 32.32 49.13
C SER B 179 5.75 33.39 49.50
N ARG B 180 6.09 34.66 49.30
CA ARG B 180 5.32 35.78 49.85
C ARG B 180 4.93 35.57 51.34
N VAL B 181 5.89 35.06 52.11
CA VAL B 181 5.89 35.11 53.57
C VAL B 181 6.49 36.45 53.95
N ASN B 182 5.67 37.29 54.56
CA ASN B 182 5.96 38.72 54.65
C ASN B 182 6.66 39.14 55.97
N VAL B 183 7.63 38.32 56.39
CA VAL B 183 8.40 38.54 57.61
C VAL B 183 9.82 38.98 57.25
N SER B 184 10.21 40.16 57.72
CA SER B 184 11.52 40.72 57.37
C SER B 184 12.58 40.13 58.27
N ILE B 185 13.81 40.06 57.76
CA ILE B 185 14.93 39.48 58.50
C ILE B 185 16.12 40.44 58.50
N THR B 186 16.47 40.89 59.70
CA THR B 186 17.60 41.80 59.89
C THR B 186 18.81 41.09 60.53
N LEU B 187 19.94 41.09 59.82
CA LEU B 187 21.19 40.59 60.39
C LEU B 187 22.04 41.78 60.80
N CYS B 188 22.27 41.87 62.11
CA CYS B 188 23.03 42.97 62.69
C CYS B 188 24.48 42.58 62.91
N VAL B 189 25.38 43.24 62.18
CA VAL B 189 26.82 42.98 62.28
C VAL B 189 27.43 44.01 63.21
N LEU B 190 27.86 43.56 64.38
CA LEU B 190 28.40 44.47 65.40
C LEU B 190 29.90 44.33 65.59
N GLY B 191 30.58 45.46 65.79
CA GLY B 191 31.98 45.48 66.22
C GLY B 191 32.03 45.50 67.74
N LEU B 192 33.20 45.80 68.30
CA LEU B 192 33.35 45.79 69.76
C LEU B 192 32.40 46.79 70.42
N ILE B 193 31.68 46.31 71.43
CA ILE B 193 30.69 47.09 72.17
C ILE B 193 31.08 47.06 73.65
N ASP B 194 31.00 48.21 74.31
CA ASP B 194 31.45 48.35 75.70
C ASP B 194 30.58 47.68 76.77
N THR B 195 30.03 46.51 76.47
CA THR B 195 29.34 45.73 77.51
C THR B 195 30.39 45.24 78.47
N GLU B 196 29.99 44.87 79.69
CA GLU B 196 30.96 44.38 80.67
C GLU B 196 31.59 43.05 80.23
N THR B 197 30.74 42.08 79.89
CA THR B 197 31.20 40.78 79.39
C THR B 197 32.27 40.92 78.29
N ALA B 198 32.05 41.87 77.38
CA ALA B 198 32.99 42.17 76.31
C ALA B 198 34.31 42.74 76.85
N MET B 199 34.21 43.85 77.58
CA MET B 199 35.37 44.57 78.11
C MET B 199 36.26 43.68 78.95
N LYS B 200 35.67 42.83 79.79
CA LYS B 200 36.42 41.85 80.56
C LYS B 200 37.16 40.88 79.65
N ALA B 201 36.45 40.33 78.68
CA ALA B 201 37.00 39.25 77.85
C ALA B 201 38.15 39.70 76.97
N VAL B 202 38.06 40.91 76.42
CA VAL B 202 39.09 41.41 75.50
C VAL B 202 40.26 42.12 76.19
N SER B 203 40.12 42.37 77.50
CA SER B 203 41.08 43.15 78.27
C SER B 203 42.47 42.52 78.26
N GLY B 204 43.46 43.28 77.81
CA GLY B 204 44.82 42.79 77.75
C GLY B 204 45.15 41.98 76.50
N ILE B 205 44.12 41.59 75.74
CA ILE B 205 44.31 40.81 74.51
C ILE B 205 44.03 41.68 73.29
N VAL B 206 42.79 42.11 73.13
CA VAL B 206 42.41 43.08 72.10
C VAL B 206 42.60 44.45 72.71
N HIS B 207 42.64 45.48 71.88
CA HIS B 207 42.89 46.80 72.41
C HIS B 207 41.80 47.86 72.14
N MET B 208 41.33 47.91 70.91
CA MET B 208 40.68 49.10 70.33
C MET B 208 39.35 49.58 70.90
N GLN B 209 38.92 50.73 70.39
CA GLN B 209 37.67 51.37 70.79
C GLN B 209 36.47 50.45 70.85
N ALA B 210 35.67 50.61 71.89
CA ALA B 210 34.37 49.95 71.96
C ALA B 210 33.29 51.00 71.68
N ALA B 211 32.25 50.63 70.96
CA ALA B 211 31.12 51.53 70.78
C ALA B 211 30.17 51.34 71.96
N PRO B 212 29.42 52.41 72.34
CA PRO B 212 28.58 52.37 73.54
C PRO B 212 27.40 51.40 73.48
N LYS B 213 27.19 50.63 74.56
CA LYS B 213 26.06 49.68 74.63
C LYS B 213 24.69 50.28 74.28
N GLU B 214 24.41 51.50 74.76
CA GLU B 214 23.11 52.11 74.54
C GLU B 214 22.81 52.51 73.08
N GLU B 215 23.76 53.16 72.42
CA GLU B 215 23.54 53.56 71.02
C GLU B 215 23.38 52.35 70.09
N CYS B 216 24.24 51.34 70.31
CA CYS B 216 24.20 50.07 69.60
C CYS B 216 22.84 49.40 69.67
N ALA B 217 22.26 49.37 70.87
CA ALA B 217 20.95 48.77 71.08
C ALA B 217 19.90 49.43 70.22
N LEU B 218 19.93 50.75 70.15
CA LEU B 218 18.94 51.50 69.38
C LEU B 218 19.13 51.24 67.89
N GLU B 219 20.39 51.27 67.44
CA GLU B 219 20.70 51.03 66.03
C GLU B 219 20.13 49.70 65.52
N ILE B 220 20.17 48.69 66.38
CA ILE B 220 19.55 47.41 66.10
C ILE B 220 18.04 47.59 65.94
N ILE B 221 17.37 47.99 67.01
CA ILE B 221 15.92 48.28 66.96
C ILE B 221 15.54 49.10 65.73
N LYS B 222 16.30 50.16 65.44
CA LYS B 222 16.07 50.96 64.24
C LYS B 222 16.04 50.11 62.96
N GLY B 223 17.06 49.27 62.76
CA GLY B 223 17.19 48.46 61.56
C GLY B 223 16.05 47.46 61.36
N GLY B 224 15.60 46.85 62.45
CA GLY B 224 14.52 45.88 62.40
C GLY B 224 13.19 46.51 62.03
N ALA B 225 12.92 47.66 62.61
CA ALA B 225 11.67 48.38 62.38
C ALA B 225 11.60 48.93 60.96
N LEU B 226 12.74 49.37 60.42
CA LEU B 226 12.78 49.83 59.04
C LEU B 226 13.02 48.66 58.08
N ARG B 227 12.88 47.45 58.62
CA ARG B 227 12.95 46.21 57.84
C ARG B 227 14.21 46.10 56.95
N GLN B 228 15.31 46.72 57.37
CA GLN B 228 16.60 46.60 56.72
C GLN B 228 17.10 45.16 56.79
N GLU B 229 17.79 44.71 55.74
CA GLU B 229 18.30 43.36 55.71
C GLU B 229 19.52 43.22 56.60
N GLU B 230 20.33 44.28 56.66
CA GLU B 230 21.52 44.33 57.52
C GLU B 230 21.77 45.67 58.21
N VAL B 231 22.23 45.59 59.45
CA VAL B 231 22.71 46.76 60.18
C VAL B 231 24.18 46.55 60.48
N TYR B 232 25.00 47.54 60.18
CA TYR B 232 26.43 47.50 60.50
C TYR B 232 26.75 48.56 61.53
N TYR B 233 27.35 48.14 62.64
CA TYR B 233 27.66 49.07 63.72
C TYR B 233 29.01 48.82 64.35
N ASP B 234 29.94 49.75 64.13
CA ASP B 234 31.29 49.67 64.66
C ASP B 234 31.87 51.05 64.93
N SER B 235 32.87 51.13 65.81
CA SER B 235 33.59 52.38 66.11
C SER B 235 34.19 52.94 64.84
N SER B 236 34.99 52.13 64.15
CA SER B 236 35.58 52.57 62.88
C SER B 236 34.52 52.64 61.79
N LEU B 237 34.54 53.77 61.07
CA LEU B 237 33.70 53.93 59.89
C LEU B 237 34.38 53.26 58.69
N TRP B 238 35.72 53.17 58.75
CA TRP B 238 36.50 52.40 57.77
C TRP B 238 36.02 50.96 57.70
N THR B 239 35.63 50.40 58.85
CA THR B 239 34.95 49.12 58.91
C THR B 239 33.64 49.17 58.16
N THR B 240 32.71 50.01 58.62
CA THR B 240 31.40 50.13 57.97
C THR B 240 31.51 50.40 56.44
N LEU B 241 32.62 50.99 55.98
CA LEU B 241 32.86 51.09 54.54
C LEU B 241 33.99 50.16 54.07
N LEU B 242 33.74 48.85 54.24
CA LEU B 242 34.62 47.75 53.85
C LEU B 242 33.99 46.40 54.22
N ILE B 243 33.12 46.43 55.23
CA ILE B 243 32.42 45.25 55.72
C ILE B 243 31.34 44.83 54.72
N ARG B 244 30.81 45.81 54.00
CA ARG B 244 29.86 45.55 52.92
C ARG B 244 30.43 44.63 51.83
N ASN B 245 29.57 43.81 51.23
CA ASN B 245 29.98 42.92 50.16
C ASN B 245 29.01 43.04 48.99
N PRO B 246 29.21 44.04 48.11
CA PRO B 246 28.30 44.22 46.97
C PRO B 246 28.45 43.08 45.95
N SER B 247 29.64 42.49 45.86
CA SER B 247 29.88 41.32 44.99
C SER B 247 28.88 40.20 45.29
N ARG B 248 28.71 39.89 46.57
CA ARG B 248 27.79 38.83 46.95
C ARG B 248 26.37 39.15 46.51
N LYS B 249 25.91 40.38 46.78
CA LYS B 249 24.56 40.78 46.40
C LYS B 249 24.33 40.67 44.88
N ILE B 250 25.37 40.99 44.12
CA ILE B 250 25.35 40.86 42.67
C ILE B 250 25.26 39.38 42.24
N LEU B 251 26.14 38.55 42.79
CA LEU B 251 26.11 37.10 42.52
C LEU B 251 24.78 36.46 42.90
N GLU B 252 24.27 36.76 44.08
CA GLU B 252 23.00 36.20 44.52
C GLU B 252 21.90 36.57 43.53
N PHE B 253 22.09 37.66 42.81
CA PHE B 253 21.10 38.14 41.86
C PHE B 253 21.26 37.50 40.48
N LEU B 254 22.48 37.48 39.95
CA LEU B 254 22.77 36.82 38.69
C LEU B 254 22.33 35.36 38.75
N TYR B 255 22.44 34.77 39.93
CA TYR B 255 21.95 33.41 40.14
C TYR B 255 20.44 33.34 40.38
N SER B 256 19.84 34.46 40.81
CA SER B 256 18.44 34.46 41.24
C SER B 256 17.48 33.90 40.20
N THR B 257 17.77 34.13 38.91
CA THR B 257 17.08 33.38 37.85
C THR B 257 18.06 32.43 37.16
N SER B 258 17.97 31.17 37.61
CA SER B 258 18.77 30.02 37.22
C SER B 258 18.25 28.85 38.00
N TYR B 259 17.34 29.15 38.92
CA TYR B 259 16.48 28.15 39.52
C TYR B 259 15.03 28.63 39.34
N ASN B 260 14.08 27.76 39.67
CA ASN B 260 12.68 28.08 39.52
C ASN B 260 11.85 27.52 40.67
N MET B 261 11.37 28.44 41.50
CA MET B 261 10.67 28.12 42.74
C MET B 261 9.23 27.65 42.55
N ASP B 262 8.61 28.05 41.42
CA ASP B 262 7.17 27.87 41.17
C ASP B 262 6.59 26.54 41.65
N ARG B 263 7.40 25.49 41.58
CA ARG B 263 7.05 24.14 42.04
C ARG B 263 6.64 24.08 43.54
N PHE B 264 6.97 25.11 44.32
CA PHE B 264 6.65 25.14 45.76
C PHE B 264 5.67 26.24 46.19
N GLU C 1 -4.37 21.88 22.28
CA GLU C 1 -3.70 22.15 23.59
C GLU C 1 -3.84 20.97 24.55
N PHE C 2 -2.70 20.56 25.12
CA PHE C 2 -2.62 19.31 25.88
C PHE C 2 -3.42 19.29 27.19
N ARG C 3 -4.03 18.14 27.46
CA ARG C 3 -4.66 17.83 28.74
C ARG C 3 -4.34 16.38 29.09
N PRO C 4 -3.96 16.11 30.36
CA PRO C 4 -3.51 14.76 30.77
C PRO C 4 -4.56 13.65 30.66
N GLU C 5 -5.81 14.03 30.42
CA GLU C 5 -6.89 13.05 30.24
C GLU C 5 -6.75 12.33 28.91
N MET C 6 -6.19 13.02 27.91
CA MET C 6 -5.93 12.46 26.57
C MET C 6 -5.20 11.11 26.54
N LEU C 7 -4.44 10.80 27.59
CA LEU C 7 -3.68 9.55 27.68
C LEU C 7 -4.37 8.50 28.55
N GLN C 8 -5.43 8.91 29.24
CA GLN C 8 -6.16 8.00 30.12
C GLN C 8 -6.77 6.87 29.32
N GLY C 9 -6.48 5.64 29.73
CA GLY C 9 -7.03 4.46 29.08
C GLY C 9 -6.33 4.04 27.80
N LYS C 10 -5.45 4.91 27.29
CA LYS C 10 -4.72 4.64 26.07
C LYS C 10 -3.72 3.53 26.26
N LYS C 11 -3.60 2.67 25.25
CA LYS C 11 -2.66 1.55 25.26
C LYS C 11 -1.34 1.96 24.62
N VAL C 12 -0.27 1.95 25.42
CA VAL C 12 1.02 2.51 24.99
C VAL C 12 2.20 1.57 25.22
N ILE C 13 3.09 1.51 24.22
CA ILE C 13 4.39 0.85 24.32
C ILE C 13 5.50 1.90 24.47
N VAL C 14 6.41 1.66 25.41
CA VAL C 14 7.64 2.44 25.50
C VAL C 14 8.82 1.48 25.39
N THR C 15 9.75 1.76 24.49
CA THR C 15 10.95 0.95 24.38
C THR C 15 12.12 1.64 25.08
N GLY C 16 13.09 0.85 25.50
CA GLY C 16 14.23 1.36 26.26
C GLY C 16 13.77 2.07 27.53
N ALA C 17 12.82 1.46 28.23
CA ALA C 17 12.18 2.08 29.37
C ALA C 17 12.66 1.53 30.71
N SER C 18 13.82 0.86 30.73
CA SER C 18 14.38 0.38 31.98
C SER C 18 15.09 1.51 32.73
N LYS C 19 15.50 2.54 32.00
CA LYS C 19 16.10 3.73 32.61
C LYS C 19 15.88 4.99 31.78
N GLY C 20 16.55 6.08 32.17
CA GLY C 20 16.54 7.34 31.43
C GLY C 20 15.19 7.92 31.10
N ILE C 21 15.09 8.48 29.91
CA ILE C 21 13.87 9.11 29.39
C ILE C 21 12.75 8.10 29.24
N GLY C 22 13.09 6.91 28.76
CA GLY C 22 12.13 5.83 28.61
C GLY C 22 11.35 5.58 29.87
N ARG C 23 12.06 5.26 30.95
CA ARG C 23 11.43 4.97 32.24
C ARG C 23 10.60 6.15 32.74
N GLU C 24 11.11 7.36 32.52
CA GLU C 24 10.42 8.56 32.92
C GLU C 24 9.13 8.74 32.13
N MET C 25 9.17 8.42 30.83
CA MET C 25 7.97 8.40 29.99
C MET C 25 6.95 7.36 30.48
N ALA C 26 7.43 6.19 30.89
CA ALA C 26 6.55 5.16 31.40
C ALA C 26 5.88 5.60 32.70
N TYR C 27 6.59 6.39 33.50
CA TYR C 27 6.04 6.89 34.76
C TYR C 27 4.98 7.95 34.53
N HIS C 28 5.22 8.82 33.55
CA HIS C 28 4.25 9.84 33.17
C HIS C 28 2.94 9.25 32.68
N LEU C 29 3.04 8.20 31.86
CA LEU C 29 1.86 7.52 31.33
C LEU C 29 1.10 6.80 32.44
N ALA C 30 1.84 6.18 33.36
CA ALA C 30 1.25 5.51 34.51
C ALA C 30 0.46 6.48 35.38
N LYS C 31 1.01 7.69 35.57
CA LYS C 31 0.33 8.76 36.32
C LYS C 31 -0.99 9.15 35.65
N MET C 32 -0.97 9.24 34.33
CA MET C 32 -2.13 9.64 33.55
C MET C 32 -3.21 8.56 33.42
N GLY C 33 -2.92 7.37 33.94
CA GLY C 33 -3.88 6.27 33.92
C GLY C 33 -3.95 5.53 32.61
N ALA C 34 -2.81 5.44 31.92
CA ALA C 34 -2.69 4.75 30.64
C ALA C 34 -2.35 3.27 30.83
N HIS C 35 -2.60 2.48 29.80
CA HIS C 35 -2.13 1.09 29.74
C HIS C 35 -0.73 1.11 29.17
N VAL C 36 0.20 0.39 29.81
CA VAL C 36 1.59 0.46 29.41
C VAL C 36 2.23 -0.93 29.27
N VAL C 37 3.07 -1.08 28.24
CA VAL C 37 3.97 -2.24 28.11
C VAL C 37 5.41 -1.74 27.87
N VAL C 38 6.29 -1.98 28.83
CA VAL C 38 7.66 -1.49 28.72
C VAL C 38 8.63 -2.59 28.28
N THR C 39 9.68 -2.20 27.55
CA THR C 39 10.70 -3.15 27.12
C THR C 39 12.13 -2.61 27.19
N ALA C 40 13.04 -3.51 27.58
CA ALA C 40 14.49 -3.32 27.56
C ALA C 40 15.10 -4.71 27.72
N ARG C 41 16.42 -4.80 27.77
CA ARG C 41 17.07 -6.10 27.98
C ARG C 41 16.96 -6.56 29.45
N SER C 42 17.13 -5.62 30.37
CA SER C 42 17.19 -5.91 31.80
C SER C 42 15.84 -6.31 32.41
N LYS C 43 15.68 -7.62 32.64
CA LYS C 43 14.47 -8.21 33.22
C LYS C 43 14.21 -7.74 34.65
N GLU C 44 15.30 -7.58 35.40
CA GLU C 44 15.25 -7.25 36.82
C GLU C 44 14.79 -5.81 37.08
N THR C 45 15.33 -4.84 36.33
CA THR C 45 14.98 -3.44 36.54
C THR C 45 13.67 -3.06 35.86
N LEU C 46 13.20 -3.90 34.93
CA LEU C 46 11.90 -3.71 34.28
C LEU C 46 10.76 -4.06 35.22
N GLN C 47 10.95 -5.07 36.05
CA GLN C 47 9.98 -5.45 37.07
C GLN C 47 9.75 -4.31 38.07
N LYS C 48 10.82 -3.58 38.37
CA LYS C 48 10.73 -2.44 39.28
C LYS C 48 9.99 -1.30 38.63
N VAL C 49 10.20 -1.11 37.32
CA VAL C 49 9.48 -0.10 36.52
C VAL C 49 7.98 -0.42 36.48
N VAL C 50 7.63 -1.66 36.18
CA VAL C 50 6.25 -2.10 36.18
C VAL C 50 5.58 -1.89 37.55
N SER C 51 6.27 -2.28 38.62
CA SER C 51 5.74 -2.13 39.98
C SER C 51 5.43 -0.67 40.30
N HIS C 52 6.40 0.20 40.03
CA HIS C 52 6.24 1.61 40.29
C HIS C 52 5.12 2.21 39.44
N CYS C 53 4.99 1.73 38.22
CA CYS C 53 3.94 2.17 37.30
C CYS C 53 2.56 1.89 37.85
N LEU C 54 2.38 0.69 38.39
CA LEU C 54 1.12 0.28 39.01
C LEU C 54 0.79 1.14 40.21
N GLU C 55 1.80 1.36 41.06
CA GLU C 55 1.68 2.25 42.22
C GLU C 55 1.25 3.64 41.82
N LEU C 56 1.89 4.18 40.79
CA LEU C 56 1.55 5.52 40.28
C LEU C 56 0.12 5.58 39.73
N GLY C 57 -0.50 4.42 39.53
CA GLY C 57 -1.92 4.33 39.19
C GLY C 57 -2.23 4.05 37.73
N ALA C 58 -1.37 3.26 37.09
CA ALA C 58 -1.56 2.85 35.69
C ALA C 58 -2.85 2.07 35.56
N ALA C 59 -3.42 2.06 34.35
CA ALA C 59 -4.56 1.20 34.07
C ALA C 59 -4.09 -0.26 34.13
N SER C 60 -2.93 -0.52 33.50
CA SER C 60 -2.23 -1.79 33.59
C SER C 60 -0.77 -1.53 33.26
N ALA C 61 0.11 -2.49 33.53
CA ALA C 61 1.52 -2.35 33.21
C ALA C 61 2.16 -3.72 33.10
N HIS C 62 2.87 -3.96 31.99
CA HIS C 62 3.59 -5.22 31.79
C HIS C 62 4.93 -4.94 31.14
N TYR C 63 5.88 -5.86 31.31
CA TYR C 63 7.16 -5.77 30.63
C TYR C 63 7.39 -7.00 29.77
N ILE C 64 8.25 -6.87 28.76
CA ILE C 64 8.77 -8.02 28.02
C ILE C 64 10.23 -7.74 27.80
N ALA C 65 11.08 -8.66 28.26
CA ALA C 65 12.53 -8.48 28.16
C ALA C 65 13.08 -9.05 26.85
N GLY C 66 13.99 -8.32 26.23
CA GLY C 66 14.68 -8.80 25.04
C GLY C 66 15.50 -7.73 24.35
N THR C 67 16.33 -8.16 23.41
CA THR C 67 17.28 -7.30 22.70
C THR C 67 16.80 -6.89 21.31
N MET C 68 16.76 -5.59 21.06
CA MET C 68 16.36 -5.07 19.76
C MET C 68 17.44 -5.25 18.69
N GLU C 69 18.49 -6.00 19.01
CA GLU C 69 19.39 -6.50 17.99
C GLU C 69 18.67 -7.57 17.20
N ASP C 70 17.87 -8.36 17.90
CA ASP C 70 17.12 -9.45 17.29
C ASP C 70 15.82 -8.92 16.67
N MET C 71 15.75 -8.92 15.34
CA MET C 71 14.61 -8.36 14.60
C MET C 71 13.38 -9.22 14.74
N THR C 72 13.58 -10.49 15.08
CA THR C 72 12.48 -11.42 15.32
C THR C 72 11.80 -11.07 16.62
N PHE C 73 12.59 -10.62 17.60
CA PHE C 73 12.05 -10.19 18.87
C PHE C 73 11.25 -8.91 18.71
N ALA C 74 11.82 -7.93 18.02
CA ALA C 74 11.12 -6.67 17.76
C ALA C 74 9.70 -6.96 17.27
N GLU C 75 9.62 -7.89 16.33
CA GLU C 75 8.35 -8.33 15.76
C GLU C 75 7.48 -9.10 16.76
N GLN C 76 8.10 -10.09 17.42
CA GLN C 76 7.49 -10.91 18.46
C GLN C 76 6.89 -10.04 19.57
N PHE C 77 7.67 -9.06 20.04
CA PHE C 77 7.28 -8.16 21.12
C PHE C 77 5.96 -7.41 20.87
N VAL C 78 5.86 -6.75 19.73
CA VAL C 78 4.68 -5.95 19.36
C VAL C 78 3.43 -6.81 19.42
N ALA C 79 3.54 -8.06 18.98
CA ALA C 79 2.43 -9.00 18.98
C ALA C 79 2.01 -9.29 20.41
N GLN C 80 2.95 -9.73 21.23
CA GLN C 80 2.69 -9.98 22.64
C GLN C 80 2.11 -8.74 23.30
N ALA C 81 2.75 -7.59 23.08
CA ALA C 81 2.33 -6.34 23.70
C ALA C 81 0.89 -6.00 23.38
N GLY C 82 0.56 -6.06 22.10
CA GLY C 82 -0.78 -5.78 21.60
C GLY C 82 -1.82 -6.70 22.20
N LYS C 83 -1.51 -8.00 22.24
CA LYS C 83 -2.39 -8.99 22.85
C LYS C 83 -2.62 -8.66 24.33
N LEU C 84 -1.55 -8.32 25.04
CA LEU C 84 -1.59 -7.96 26.46
C LEU C 84 -2.50 -6.76 26.77
N MET C 85 -2.50 -5.76 25.89
CA MET C 85 -3.36 -4.60 26.09
C MET C 85 -4.64 -4.66 25.27
N GLY C 86 -4.76 -5.66 24.41
CA GLY C 86 -5.88 -5.77 23.48
C GLY C 86 -6.01 -4.58 22.55
N GLY C 87 -4.89 -4.20 21.92
CA GLY C 87 -4.85 -3.05 21.01
C GLY C 87 -3.63 -2.18 21.26
N LEU C 88 -3.46 -1.17 20.41
CA LEU C 88 -2.36 -0.21 20.57
C LEU C 88 -2.73 1.19 20.09
N ASP C 89 -2.54 2.19 20.95
CA ASP C 89 -2.85 3.59 20.62
C ASP C 89 -1.62 4.42 20.29
N MET C 90 -0.50 4.11 20.92
CA MET C 90 0.75 4.85 20.76
C MET C 90 1.94 3.92 20.87
N LEU C 91 2.92 4.12 19.99
CA LEU C 91 4.15 3.35 19.97
C LEU C 91 5.31 4.32 20.09
N ILE C 92 5.97 4.30 21.24
CA ILE C 92 7.07 5.24 21.49
C ILE C 92 8.42 4.56 21.35
N LEU C 93 9.13 4.89 20.28
CA LEU C 93 10.41 4.29 19.98
C LEU C 93 11.57 5.14 20.53
N ASN C 94 12.21 4.61 21.57
CA ASN C 94 13.13 5.36 22.39
C ASN C 94 14.53 4.71 22.55
N HIS C 95 14.60 3.40 22.38
CA HIS C 95 15.83 2.63 22.63
C HIS C 95 16.99 2.94 21.66
N ILE C 96 18.21 2.79 22.17
CA ILE C 96 19.44 2.83 21.37
C ILE C 96 20.46 1.84 21.91
N THR C 97 21.38 1.41 21.06
CA THR C 97 22.49 0.56 21.45
C THR C 97 23.48 1.36 22.30
N ASN C 98 24.22 0.69 23.20
CA ASN C 98 25.25 1.34 24.03
C ASN C 98 26.18 2.12 23.12
N THR C 99 26.37 3.41 23.40
CA THR C 99 27.30 4.26 22.63
C THR C 99 28.04 5.26 23.54
N SER C 100 29.26 5.62 23.16
CA SER C 100 30.01 6.65 23.84
C SER C 100 30.56 7.67 22.85
N LEU C 101 31.22 8.73 23.35
CA LEU C 101 31.84 9.70 22.47
C LEU C 101 33.25 9.26 22.14
N ASN C 102 33.55 9.12 20.86
CA ASN C 102 34.85 8.72 20.36
C ASN C 102 35.01 9.15 18.93
N LEU C 103 36.25 9.36 18.51
CA LEU C 103 36.54 9.56 17.10
C LEU C 103 36.33 8.24 16.38
N PHE C 104 35.94 8.31 15.11
CA PHE C 104 35.73 7.11 14.33
C PHE C 104 37.05 6.61 13.75
N HIS C 105 37.55 5.49 14.29
CA HIS C 105 38.75 4.89 13.73
C HIS C 105 38.42 3.87 12.63
N ASP C 106 38.00 2.66 13.00
CA ASP C 106 37.65 1.65 12.01
C ASP C 106 36.56 0.71 12.51
N ASP C 107 35.73 1.23 13.40
CA ASP C 107 34.72 0.42 14.08
C ASP C 107 33.47 0.26 13.23
N ILE C 108 33.59 -0.54 12.18
CA ILE C 108 32.46 -0.81 11.28
C ILE C 108 31.37 -1.57 12.05
N HIS C 109 31.79 -2.48 12.94
CA HIS C 109 30.89 -3.23 13.79
C HIS C 109 29.87 -2.35 14.53
N HIS C 110 30.33 -1.19 15.00
CA HIS C 110 29.50 -0.24 15.73
C HIS C 110 28.54 0.51 14.81
N VAL C 111 29.03 0.94 13.65
CA VAL C 111 28.21 1.63 12.66
C VAL C 111 27.06 0.72 12.23
N ARG C 112 27.35 -0.56 12.05
CA ARG C 112 26.35 -1.53 11.64
C ARG C 112 25.32 -1.76 12.73
N LYS C 113 25.80 -1.97 13.96
CA LYS C 113 24.93 -2.23 15.10
C LYS C 113 24.05 -1.01 15.43
N SER C 114 24.63 0.18 15.31
CA SER C 114 23.90 1.42 15.45
C SER C 114 22.76 1.51 14.46
N MET C 115 23.03 1.18 13.20
CA MET C 115 21.98 1.13 12.18
C MET C 115 20.91 0.08 12.48
N GLU C 116 21.35 -1.13 12.82
CA GLU C 116 20.43 -2.22 13.15
C GLU C 116 19.52 -1.82 14.30
N VAL C 117 20.11 -1.36 15.41
CA VAL C 117 19.36 -1.13 16.63
C VAL C 117 18.62 0.22 16.63
N ASN C 118 19.33 1.31 16.35
CA ASN C 118 18.73 2.64 16.43
C ASN C 118 17.72 2.93 15.33
N PHE C 119 17.88 2.25 14.20
CA PHE C 119 17.06 2.52 13.02
C PHE C 119 16.22 1.32 12.58
N LEU C 120 16.88 0.26 12.12
CA LEU C 120 16.19 -0.85 11.47
C LEU C 120 15.10 -1.51 12.33
N SER C 121 15.32 -1.57 13.64
CA SER C 121 14.34 -2.17 14.52
C SER C 121 13.14 -1.28 14.69
N TYR C 122 13.35 0.05 14.57
CA TYR C 122 12.25 1.00 14.66
C TYR C 122 11.29 0.77 13.52
N VAL C 123 11.86 0.49 12.34
CA VAL C 123 11.10 0.15 11.14
C VAL C 123 10.36 -1.16 11.38
N VAL C 124 11.08 -2.19 11.82
CA VAL C 124 10.47 -3.48 12.15
C VAL C 124 9.31 -3.32 13.12
N LEU C 125 9.53 -2.55 14.18
CA LEU C 125 8.50 -2.32 15.20
C LEU C 125 7.30 -1.57 14.61
N THR C 126 7.55 -0.67 13.66
CA THR C 126 6.48 0.04 12.99
C THR C 126 5.64 -0.93 12.17
N VAL C 127 6.27 -1.66 11.26
CA VAL C 127 5.58 -2.64 10.40
C VAL C 127 4.69 -3.58 11.21
N ALA C 128 5.19 -4.03 12.35
CA ALA C 128 4.45 -4.92 13.24
C ALA C 128 3.28 -4.23 13.92
N ALA C 129 3.46 -2.96 14.28
CA ALA C 129 2.46 -2.23 15.04
C ALA C 129 1.36 -1.65 14.17
N LEU C 130 1.70 -1.37 12.91
CA LEU C 130 0.85 -0.58 12.03
C LEU C 130 -0.63 -1.03 11.94
N PRO C 131 -0.88 -2.37 11.78
CA PRO C 131 -2.27 -2.83 11.76
C PRO C 131 -3.06 -2.35 12.97
N MET C 132 -2.49 -2.49 14.16
CA MET C 132 -3.16 -2.03 15.38
C MET C 132 -3.28 -0.52 15.47
N LEU C 133 -2.31 0.19 14.89
CA LEU C 133 -2.30 1.65 14.94
C LEU C 133 -3.30 2.27 13.95
N LYS C 134 -3.48 1.62 12.79
CA LYS C 134 -4.56 1.94 11.85
C LYS C 134 -5.93 1.73 12.49
N GLN C 135 -6.07 0.65 13.25
CA GLN C 135 -7.32 0.29 13.92
C GLN C 135 -7.80 1.39 14.85
N SER C 136 -6.85 2.09 15.46
CA SER C 136 -7.16 3.06 16.51
C SER C 136 -6.83 4.50 16.12
N ASN C 137 -6.32 4.68 14.89
CA ASN C 137 -5.82 5.98 14.43
C ASN C 137 -4.75 6.51 15.37
N GLY C 138 -3.81 5.64 15.74
CA GLY C 138 -2.82 5.92 16.76
C GLY C 138 -1.64 6.78 16.36
N SER C 139 -0.58 6.68 17.16
CA SER C 139 0.58 7.52 16.98
C SER C 139 1.87 6.71 17.01
N ILE C 140 2.81 7.08 16.16
CA ILE C 140 4.19 6.64 16.30
C ILE C 140 5.03 7.83 16.78
N VAL C 141 5.73 7.63 17.90
CA VAL C 141 6.65 8.63 18.45
C VAL C 141 8.09 8.15 18.30
N VAL C 142 8.84 8.82 17.44
CA VAL C 142 10.21 8.43 17.17
C VAL C 142 11.13 9.40 17.89
N VAL C 143 11.90 8.90 18.85
CA VAL C 143 12.78 9.76 19.63
C VAL C 143 14.14 9.95 18.94
N SER C 144 14.45 11.19 18.59
CA SER C 144 15.71 11.53 17.93
C SER C 144 16.58 12.53 18.72
N SER C 145 17.52 13.17 18.04
CA SER C 145 18.52 14.01 18.71
C SER C 145 18.88 15.19 17.84
N LEU C 146 19.56 16.18 18.42
CA LEU C 146 20.11 17.28 17.62
C LEU C 146 21.12 16.71 16.65
N ALA C 147 21.67 15.54 17.00
CA ALA C 147 22.65 14.85 16.16
C ALA C 147 21.99 14.18 14.94
N GLY C 148 20.65 14.14 14.94
CA GLY C 148 19.88 13.66 13.79
C GLY C 148 19.30 14.78 12.97
N LYS C 149 19.84 15.99 13.12
CA LYS C 149 19.47 17.18 12.35
C LYS C 149 20.69 18.00 11.96
N VAL C 150 21.63 18.16 12.89
CA VAL C 150 22.92 18.82 12.60
C VAL C 150 24.07 17.87 12.95
N ALA C 151 25.24 18.08 12.34
CA ALA C 151 26.38 17.19 12.54
C ALA C 151 27.19 17.54 13.79
N TYR C 152 27.47 16.53 14.60
CA TYR C 152 28.35 16.66 15.75
C TYR C 152 29.53 15.71 15.55
N PRO C 153 30.75 16.14 15.91
CA PRO C 153 31.87 15.21 15.88
C PRO C 153 31.74 14.19 17.00
N MET C 154 32.44 13.06 16.87
CA MET C 154 32.52 12.04 17.94
C MET C 154 31.30 11.17 18.13
N VAL C 155 30.26 11.41 17.33
CA VAL C 155 29.05 10.58 17.34
C VAL C 155 28.64 10.17 15.93
N ALA C 156 29.61 9.89 15.07
CA ALA C 156 29.36 9.63 13.66
C ALA C 156 28.30 8.56 13.42
N ALA C 157 28.59 7.35 13.91
CA ALA C 157 27.70 6.19 13.77
C ALA C 157 26.29 6.48 14.30
N TYR C 158 26.24 7.04 15.51
CA TYR C 158 25.00 7.41 16.18
C TYR C 158 24.23 8.48 15.41
N SER C 159 24.95 9.52 14.99
CA SER C 159 24.38 10.61 14.22
C SER C 159 23.75 10.06 12.95
N ALA C 160 24.50 9.21 12.25
CA ALA C 160 24.07 8.58 11.01
C ALA C 160 22.73 7.87 11.14
N SER C 161 22.56 7.12 12.23
CA SER C 161 21.33 6.37 12.44
C SER C 161 20.14 7.30 12.70
N LYS C 162 20.38 8.39 13.42
CA LYS C 162 19.33 9.33 13.79
C LYS C 162 18.90 10.20 12.63
N PHE C 163 19.83 10.43 11.70
CA PHE C 163 19.51 11.05 10.41
C PHE C 163 18.59 10.10 9.63
N ALA C 164 19.03 8.84 9.51
CA ALA C 164 18.26 7.82 8.82
C ALA C 164 16.80 7.78 9.26
N LEU C 165 16.58 7.89 10.57
CA LEU C 165 15.23 7.92 11.15
C LEU C 165 14.40 9.05 10.59
N ASP C 166 15.01 10.23 10.46
CA ASP C 166 14.37 11.43 9.91
C ASP C 166 13.98 11.16 8.48
N GLY C 167 14.93 10.67 7.69
CA GLY C 167 14.69 10.37 6.28
C GLY C 167 13.54 9.40 6.05
N PHE C 168 13.53 8.31 6.81
CA PHE C 168 12.55 7.26 6.63
C PHE C 168 11.18 7.69 7.08
N PHE C 169 11.08 8.10 8.33
CA PHE C 169 9.78 8.39 8.93
C PHE C 169 9.12 9.64 8.40
N SER C 170 9.92 10.63 8.01
CA SER C 170 9.38 11.83 7.35
C SER C 170 8.82 11.47 5.99
N SER C 171 9.52 10.56 5.31
CA SER C 171 9.10 10.07 4.02
C SER C 171 7.82 9.23 4.10
N ILE C 172 7.74 8.29 5.04
CA ILE C 172 6.51 7.50 5.14
C ILE C 172 5.33 8.30 5.70
N ARG C 173 5.61 9.42 6.37
CA ARG C 173 4.55 10.32 6.82
C ARG C 173 3.83 10.93 5.61
N LYS C 174 4.61 11.27 4.59
CA LYS C 174 4.03 11.77 3.36
C LYS C 174 3.28 10.66 2.64
N GLU C 175 3.82 9.45 2.69
CA GLU C 175 3.13 8.31 2.12
C GLU C 175 1.76 8.12 2.76
N TYR C 176 1.70 8.10 4.09
CA TYR C 176 0.45 7.90 4.82
C TYR C 176 -0.60 8.95 4.46
N SER C 177 -0.11 10.13 4.09
CA SER C 177 -0.95 11.26 3.70
C SER C 177 -1.72 10.95 2.42
N VAL C 178 -1.04 10.44 1.40
CA VAL C 178 -1.70 10.04 0.15
C VAL C 178 -2.53 8.75 0.28
N SER C 179 -1.99 7.74 0.98
CA SER C 179 -2.69 6.49 1.23
C SER C 179 -3.89 6.69 2.15
N ARG C 180 -3.94 7.86 2.77
CA ARG C 180 -4.95 8.18 3.77
C ARG C 180 -4.95 7.13 4.91
N VAL C 181 -3.74 6.80 5.35
CA VAL C 181 -3.52 6.04 6.57
C VAL C 181 -3.42 7.05 7.71
N ASN C 182 -4.30 6.91 8.69
CA ASN C 182 -4.49 7.95 9.71
C ASN C 182 -3.68 7.69 10.99
N VAL C 183 -2.38 7.49 10.82
CA VAL C 183 -1.47 7.30 11.94
C VAL C 183 -0.42 8.40 11.90
N SER C 184 -0.33 9.15 12.99
CA SER C 184 0.59 10.27 13.07
C SER C 184 2.02 9.84 13.38
N ILE C 185 2.98 10.60 12.87
CA ILE C 185 4.39 10.34 13.13
C ILE C 185 5.02 11.58 13.78
N THR C 186 5.39 11.46 15.05
CA THR C 186 6.09 12.52 15.78
C THR C 186 7.59 12.25 15.88
N LEU C 187 8.40 13.09 15.23
CA LEU C 187 9.85 13.03 15.38
C LEU C 187 10.29 14.03 16.45
N CYS C 188 10.96 13.52 17.48
CA CYS C 188 11.39 14.34 18.63
C CYS C 188 12.87 14.64 18.57
N VAL C 189 13.22 15.87 18.19
CA VAL C 189 14.61 16.30 18.19
C VAL C 189 15.05 16.74 19.61
N LEU C 190 15.95 15.98 20.22
CA LEU C 190 16.38 16.26 21.61
C LEU C 190 17.81 16.78 21.75
N GLY C 191 17.99 17.73 22.65
CA GLY C 191 19.32 18.14 23.08
C GLY C 191 19.77 17.38 24.31
N LEU C 192 20.91 17.77 24.87
CA LEU C 192 21.46 17.06 26.02
C LEU C 192 20.44 17.03 27.15
N ILE C 193 20.11 15.82 27.58
CA ILE C 193 19.19 15.59 28.69
C ILE C 193 19.97 14.99 29.85
N ASP C 194 19.61 15.36 31.08
CA ASP C 194 20.41 15.00 32.24
C ASP C 194 20.20 13.57 32.76
N THR C 195 20.06 12.61 31.85
CA THR C 195 20.00 11.21 32.23
C THR C 195 21.40 10.73 32.61
N GLU C 196 21.46 9.74 33.50
CA GLU C 196 22.74 9.22 33.99
C GLU C 196 23.69 8.80 32.87
N THR C 197 23.19 8.05 31.89
CA THR C 197 24.01 7.59 30.76
C THR C 197 24.61 8.77 30.00
N ALA C 198 23.82 9.82 29.82
CA ALA C 198 24.23 11.02 29.09
C ALA C 198 25.32 11.77 29.83
N MET C 199 25.08 12.04 31.10
CA MET C 199 26.02 12.76 31.96
C MET C 199 27.37 12.05 32.06
N LYS C 200 27.37 10.74 32.24
CA LYS C 200 28.60 9.96 32.25
C LYS C 200 29.35 9.99 30.92
N ALA C 201 28.61 10.09 29.82
CA ALA C 201 29.22 10.09 28.50
C ALA C 201 29.92 11.39 28.15
N VAL C 202 29.28 12.51 28.50
CA VAL C 202 29.72 13.83 28.05
C VAL C 202 30.71 14.50 28.98
N SER C 203 30.74 14.09 30.24
CA SER C 203 31.58 14.79 31.22
C SER C 203 33.06 14.64 30.92
N GLY C 204 33.76 15.76 30.96
CA GLY C 204 35.18 15.82 30.69
C GLY C 204 35.46 16.02 29.21
N ILE C 205 34.41 15.97 28.39
CA ILE C 205 34.53 16.07 26.94
C ILE C 205 33.69 17.24 26.49
N VAL C 206 32.40 17.17 26.76
CA VAL C 206 31.47 18.20 26.37
C VAL C 206 31.09 18.94 27.63
N HIS C 207 30.78 20.23 27.50
CA HIS C 207 30.34 20.98 28.67
C HIS C 207 28.82 21.19 28.74
N MET C 208 28.31 22.32 28.25
CA MET C 208 26.85 22.52 28.08
C MET C 208 25.94 22.41 29.29
N GLN C 209 24.76 23.00 29.16
CA GLN C 209 23.69 22.80 30.11
C GLN C 209 22.91 21.58 29.67
N ALA C 210 22.34 20.85 30.61
CA ALA C 210 21.53 19.68 30.30
C ALA C 210 20.12 19.85 30.83
N ALA C 211 19.12 19.70 29.98
CA ALA C 211 17.71 19.80 30.39
C ALA C 211 17.28 18.58 31.22
N PRO C 212 16.23 18.72 32.05
CA PRO C 212 15.82 17.64 32.98
C PRO C 212 15.11 16.45 32.33
N LYS C 213 15.43 15.23 32.78
CA LYS C 213 14.82 14.01 32.24
C LYS C 213 13.29 14.06 32.33
N GLU C 214 12.79 14.50 33.49
CA GLU C 214 11.35 14.48 33.76
C GLU C 214 10.55 15.31 32.76
N GLU C 215 10.94 16.58 32.60
CA GLU C 215 10.20 17.48 31.75
C GLU C 215 10.29 17.07 30.29
N CYS C 216 11.50 16.71 29.88
CA CYS C 216 11.74 16.15 28.54
C CYS C 216 10.79 15.00 28.22
N ALA C 217 10.75 14.00 29.10
CA ALA C 217 9.89 12.86 28.94
C ALA C 217 8.46 13.28 28.64
N LEU C 218 7.94 14.20 29.44
CA LEU C 218 6.56 14.67 29.26
C LEU C 218 6.35 15.41 27.95
N GLU C 219 7.35 16.17 27.52
CA GLU C 219 7.27 16.94 26.27
C GLU C 219 7.09 16.04 25.07
N ILE C 220 7.71 14.87 25.12
CA ILE C 220 7.61 13.88 24.05
C ILE C 220 6.20 13.29 24.04
N ILE C 221 5.69 12.93 25.22
CA ILE C 221 4.33 12.41 25.34
C ILE C 221 3.32 13.46 24.89
N LYS C 222 3.54 14.71 25.29
CA LYS C 222 2.69 15.84 24.87
C LYS C 222 2.61 15.93 23.36
N GLY C 223 3.76 15.87 22.70
CA GLY C 223 3.85 16.01 21.24
C GLY C 223 3.18 14.88 20.47
N GLY C 224 3.31 13.66 20.99
CA GLY C 224 2.67 12.50 20.40
C GLY C 224 1.18 12.65 20.50
N ALA C 225 0.70 12.97 21.70
CA ALA C 225 -0.72 13.14 21.97
C ALA C 225 -1.34 14.20 21.08
N LEU C 226 -0.59 15.26 20.78
CA LEU C 226 -1.10 16.33 19.93
C LEU C 226 -0.82 16.09 18.44
N ARG C 227 -0.37 14.88 18.10
CA ARG C 227 -0.10 14.49 16.71
C ARG C 227 0.80 15.48 15.95
N GLN C 228 1.69 16.15 16.67
CA GLN C 228 2.65 17.05 16.03
C GLN C 228 3.63 16.24 15.21
N GLU C 229 4.11 16.83 14.11
CA GLU C 229 5.09 16.16 13.28
C GLU C 229 6.45 16.11 13.97
N GLU C 230 6.87 17.24 14.55
CA GLU C 230 8.16 17.34 15.24
C GLU C 230 7.99 17.94 16.63
N VAL C 231 8.89 17.56 17.53
CA VAL C 231 8.97 18.12 18.89
C VAL C 231 10.43 18.48 19.19
N TYR C 232 10.65 19.73 19.59
CA TYR C 232 12.00 20.21 19.91
C TYR C 232 12.15 20.49 21.39
N TYR C 233 13.20 19.91 21.97
CA TYR C 233 13.48 20.09 23.38
C TYR C 233 14.98 20.24 23.61
N ASP C 234 15.36 21.42 24.09
CA ASP C 234 16.75 21.72 24.45
C ASP C 234 16.77 22.76 25.55
N SER C 235 17.94 22.97 26.14
CA SER C 235 18.10 23.99 27.15
C SER C 235 18.04 25.36 26.51
N SER C 236 18.82 25.56 25.44
CA SER C 236 18.89 26.86 24.75
C SER C 236 17.72 27.09 23.79
N LEU C 237 16.96 28.15 24.07
CA LEU C 237 15.86 28.58 23.20
C LEU C 237 16.43 28.99 21.84
N TRP C 238 17.57 29.69 21.88
CA TRP C 238 18.35 30.00 20.69
C TRP C 238 18.49 28.77 19.76
N THR C 239 18.87 27.62 20.36
CA THR C 239 18.94 26.34 19.65
C THR C 239 17.57 25.94 19.13
N THR C 240 16.57 25.90 20.00
CA THR C 240 15.22 25.49 19.58
C THR C 240 14.65 26.41 18.47
N LEU C 241 15.22 27.62 18.33
CA LEU C 241 14.81 28.54 17.26
C LEU C 241 15.88 28.68 16.15
N LEU C 242 16.78 27.72 16.06
CA LEU C 242 17.72 27.65 14.94
C LEU C 242 17.73 26.26 14.34
N ILE C 243 17.09 25.33 15.05
CA ILE C 243 17.06 23.94 14.65
C ILE C 243 15.98 23.71 13.57
N ARG C 244 14.94 24.54 13.61
CA ARG C 244 13.83 24.43 12.67
C ARG C 244 14.32 24.79 11.27
N ASN C 245 13.86 24.04 10.27
CA ASN C 245 14.29 24.24 8.90
C ASN C 245 13.12 24.59 7.98
N PRO C 246 12.79 25.89 7.88
CA PRO C 246 11.63 26.29 7.09
C PRO C 246 11.86 26.12 5.58
N SER C 247 13.12 26.22 5.15
CA SER C 247 13.47 25.97 3.75
C SER C 247 13.00 24.58 3.32
N ARG C 248 13.28 23.58 4.15
CA ARG C 248 12.83 22.23 3.90
C ARG C 248 11.29 22.13 3.81
N LYS C 249 10.58 22.78 4.75
CA LYS C 249 9.12 22.75 4.75
C LYS C 249 8.55 23.33 3.46
N ILE C 250 9.18 24.42 2.99
CA ILE C 250 8.78 25.08 1.76
C ILE C 250 9.02 24.19 0.55
N LEU C 251 10.23 23.63 0.44
CA LEU C 251 10.57 22.75 -0.68
C LEU C 251 9.58 21.61 -0.85
N GLU C 252 9.27 20.93 0.25
CA GLU C 252 8.40 19.77 0.22
C GLU C 252 6.97 20.14 -0.20
N PHE C 253 6.55 21.36 0.18
CA PHE C 253 5.28 21.91 -0.28
C PHE C 253 5.30 22.29 -1.79
N LEU C 254 6.39 22.92 -2.21
CA LEU C 254 6.58 23.22 -3.63
C LEU C 254 6.64 21.95 -4.46
N TYR C 255 7.32 20.92 -3.94
CA TYR C 255 7.48 19.67 -4.68
C TYR C 255 6.27 18.75 -4.62
N SER C 256 5.35 19.02 -3.68
CA SER C 256 4.18 18.16 -3.49
C SER C 256 3.32 18.07 -4.76
N THR C 257 3.10 19.21 -5.42
CA THR C 257 2.27 19.27 -6.62
C THR C 257 2.93 18.59 -7.82
N GLU D 1 38.88 28.24 -8.31
CA GLU D 1 38.15 28.13 -9.61
C GLU D 1 38.65 26.96 -10.46
N PHE D 2 37.72 26.15 -10.97
CA PHE D 2 38.07 24.88 -11.60
C PHE D 2 38.84 25.01 -12.92
N ARG D 3 39.84 24.14 -13.07
CA ARG D 3 40.55 23.96 -14.34
C ARG D 3 40.80 22.45 -14.58
N PRO D 4 40.49 21.95 -15.80
CA PRO D 4 40.53 20.50 -16.08
C PRO D 4 41.90 19.84 -15.86
N GLU D 5 42.95 20.66 -15.74
CA GLU D 5 44.30 20.16 -15.49
C GLU D 5 44.42 19.53 -14.09
N MET D 6 43.63 20.06 -13.15
CA MET D 6 43.59 19.57 -11.76
C MET D 6 43.39 18.05 -11.62
N LEU D 7 42.74 17.42 -12.61
CA LEU D 7 42.50 15.97 -12.57
C LEU D 7 43.52 15.16 -13.38
N GLN D 8 44.40 15.84 -14.10
CA GLN D 8 45.41 15.18 -14.92
C GLN D 8 46.39 14.41 -14.04
N GLY D 9 46.57 13.13 -14.34
CA GLY D 9 47.50 12.30 -13.58
C GLY D 9 46.95 11.75 -12.27
N LYS D 10 45.87 12.36 -11.77
CA LYS D 10 45.22 11.94 -10.52
C LYS D 10 44.65 10.52 -10.60
N LYS D 11 44.86 9.76 -9.53
CA LYS D 11 44.36 8.38 -9.43
C LYS D 11 42.96 8.36 -8.80
N VAL D 12 41.98 7.92 -9.59
CA VAL D 12 40.58 8.02 -9.16
C VAL D 12 39.79 6.70 -9.28
N ILE D 13 38.96 6.45 -8.28
CA ILE D 13 38.01 5.34 -8.27
C ILE D 13 36.63 5.91 -8.47
N VAL D 14 35.86 5.28 -9.35
CA VAL D 14 34.42 5.56 -9.48
C VAL D 14 33.68 4.25 -9.27
N THR D 15 32.70 4.27 -8.36
CA THR D 15 31.82 3.11 -8.15
C THR D 15 30.50 3.29 -8.88
N GLY D 16 29.85 2.18 -9.21
CA GLY D 16 28.61 2.20 -9.99
C GLY D 16 28.81 2.91 -11.30
N ALA D 17 29.94 2.64 -11.95
CA ALA D 17 30.32 3.32 -13.18
C ALA D 17 30.07 2.51 -14.46
N SER D 18 29.24 1.47 -14.36
CA SER D 18 28.88 0.70 -15.56
C SER D 18 27.83 1.43 -16.39
N LYS D 19 27.10 2.35 -15.77
CA LYS D 19 26.13 3.17 -16.49
C LYS D 19 25.90 4.50 -15.80
N GLY D 20 24.85 5.21 -16.21
CA GLY D 20 24.42 6.47 -15.58
C GLY D 20 25.50 7.50 -15.32
N ILE D 21 25.37 8.20 -14.19
CA ILE D 21 26.28 9.26 -13.79
C ILE D 21 27.69 8.70 -13.55
N GLY D 22 27.76 7.50 -12.97
CA GLY D 22 29.04 6.84 -12.73
C GLY D 22 29.90 6.78 -13.99
N ARG D 23 29.37 6.12 -15.02
CA ARG D 23 30.05 5.98 -16.32
C ARG D 23 30.43 7.33 -16.93
N GLU D 24 29.50 8.29 -16.83
CA GLU D 24 29.72 9.65 -17.32
C GLU D 24 30.87 10.35 -16.58
N MET D 25 30.98 10.11 -15.28
CA MET D 25 32.10 10.61 -14.48
C MET D 25 33.41 9.96 -14.90
N ALA D 26 33.36 8.65 -15.17
CA ALA D 26 34.53 7.93 -15.62
C ALA D 26 35.02 8.46 -16.96
N TYR D 27 34.08 8.87 -17.82
CA TYR D 27 34.42 9.42 -19.13
C TYR D 27 35.05 10.81 -19.01
N HIS D 28 34.51 11.61 -18.09
CA HIS D 28 35.03 12.95 -17.85
C HIS D 28 36.47 12.90 -17.35
N LEU D 29 36.77 11.92 -16.50
CA LEU D 29 38.10 11.80 -15.90
C LEU D 29 39.09 11.29 -16.92
N ALA D 30 38.61 10.39 -17.77
CA ALA D 30 39.41 9.86 -18.89
C ALA D 30 39.79 10.97 -19.88
N LYS D 31 38.85 11.89 -20.12
CA LYS D 31 39.10 13.06 -20.98
C LYS D 31 40.19 13.92 -20.39
N MET D 32 40.15 14.10 -19.07
CA MET D 32 41.09 14.96 -18.36
C MET D 32 42.46 14.32 -18.15
N GLY D 33 42.59 13.07 -18.58
CA GLY D 33 43.87 12.35 -18.51
C GLY D 33 44.23 11.83 -17.13
N ALA D 34 43.19 11.44 -16.38
CA ALA D 34 43.32 10.88 -15.03
C ALA D 34 43.53 9.37 -15.06
N HIS D 35 44.05 8.81 -13.98
CA HIS D 35 44.08 7.36 -13.81
C HIS D 35 42.74 6.97 -13.23
N VAL D 36 42.15 5.90 -13.77
CA VAL D 36 40.79 5.50 -13.35
C VAL D 36 40.67 3.99 -13.09
N VAL D 37 39.95 3.65 -12.02
CA VAL D 37 39.51 2.27 -11.76
C VAL D 37 37.99 2.28 -11.51
N VAL D 38 37.25 1.63 -12.40
CA VAL D 38 35.79 1.62 -12.29
C VAL D 38 35.27 0.30 -11.75
N THR D 39 34.12 0.37 -11.07
CA THR D 39 33.51 -0.85 -10.54
C THR D 39 31.99 -0.86 -10.61
N ALA D 40 31.45 -2.06 -10.82
CA ALA D 40 30.04 -2.37 -10.79
C ALA D 40 29.96 -3.89 -10.85
N ARG D 41 28.74 -4.45 -10.86
CA ARG D 41 28.60 -5.91 -10.98
C ARG D 41 28.89 -6.42 -12.39
N SER D 42 28.39 -5.71 -13.39
CA SER D 42 28.46 -6.14 -14.79
C SER D 42 29.88 -6.08 -15.37
N LYS D 43 30.47 -7.26 -15.54
CA LYS D 43 31.83 -7.45 -16.09
C LYS D 43 31.88 -7.02 -17.55
N GLU D 44 30.80 -7.32 -18.27
CA GLU D 44 30.73 -7.14 -19.72
C GLU D 44 30.67 -5.65 -20.10
N THR D 45 29.83 -4.89 -19.41
CA THR D 45 29.67 -3.46 -19.75
C THR D 45 30.77 -2.60 -19.13
N LEU D 46 31.47 -3.14 -18.14
CA LEU D 46 32.63 -2.45 -17.57
C LEU D 46 33.83 -2.45 -18.52
N GLN D 47 34.03 -3.58 -19.23
CA GLN D 47 35.07 -3.67 -20.25
C GLN D 47 34.88 -2.60 -21.32
N LYS D 48 33.63 -2.31 -21.67
CA LYS D 48 33.30 -1.30 -22.67
C LYS D 48 33.59 0.10 -22.16
N VAL D 49 33.34 0.31 -20.86
CA VAL D 49 33.66 1.56 -20.18
C VAL D 49 35.18 1.80 -20.14
N VAL D 50 35.92 0.76 -19.77
CA VAL D 50 37.38 0.85 -19.75
C VAL D 50 37.95 1.16 -21.15
N SER D 51 37.44 0.46 -22.16
CA SER D 51 37.89 0.67 -23.54
C SER D 51 37.69 2.11 -23.97
N HIS D 52 36.47 2.59 -23.80
CA HIS D 52 36.12 3.96 -24.19
C HIS D 52 36.93 5.00 -23.41
N CYS D 53 37.25 4.68 -22.16
CA CYS D 53 38.06 5.56 -21.31
C CYS D 53 39.46 5.75 -21.89
N LEU D 54 40.08 4.63 -22.26
CA LEU D 54 41.40 4.64 -22.90
C LEU D 54 41.37 5.48 -24.18
N GLU D 55 40.39 5.20 -25.05
CA GLU D 55 40.17 5.97 -26.28
C GLU D 55 40.07 7.46 -25.99
N LEU D 56 39.27 7.82 -24.99
CA LEU D 56 39.13 9.22 -24.59
C LEU D 56 40.44 9.84 -24.07
N GLY D 57 41.43 8.99 -23.79
CA GLY D 57 42.79 9.44 -23.51
C GLY D 57 43.16 9.43 -22.04
N ALA D 58 42.62 8.47 -21.31
CA ALA D 58 42.93 8.27 -19.89
C ALA D 58 44.40 7.97 -19.73
N ALA D 59 44.96 8.31 -18.56
CA ALA D 59 46.32 7.92 -18.22
C ALA D 59 46.39 6.40 -18.14
N SER D 60 45.38 5.81 -17.50
CA SER D 60 45.19 4.35 -17.45
C SER D 60 43.73 4.09 -17.11
N ALA D 61 43.26 2.88 -17.34
CA ALA D 61 41.88 2.51 -16.98
C ALA D 61 41.74 1.02 -16.72
N HIS D 62 41.14 0.66 -15.59
CA HIS D 62 40.91 -0.75 -15.25
C HIS D 62 39.56 -0.89 -14.60
N TYR D 63 39.03 -2.10 -14.61
CA TYR D 63 37.80 -2.40 -13.89
C TYR D 63 37.99 -3.57 -12.94
N ILE D 64 37.15 -3.63 -11.91
CA ILE D 64 37.05 -4.80 -11.06
C ILE D 64 35.57 -5.05 -10.83
N ALA D 65 35.12 -6.25 -11.16
CA ALA D 65 33.70 -6.61 -11.05
C ALA D 65 33.35 -7.23 -9.70
N GLY D 66 32.22 -6.80 -9.13
CA GLY D 66 31.74 -7.37 -7.89
C GLY D 66 30.61 -6.58 -7.26
N THR D 67 30.00 -7.17 -6.24
CA THR D 67 28.81 -6.62 -5.60
C THR D 67 29.14 -5.95 -4.28
N MET D 68 28.70 -4.71 -4.12
CA MET D 68 28.92 -3.98 -2.87
C MET D 68 27.98 -4.45 -1.75
N GLU D 69 27.25 -5.53 -2.00
CA GLU D 69 26.55 -6.22 -0.93
C GLU D 69 27.58 -6.87 -0.03
N ASP D 70 28.60 -7.43 -0.66
CA ASP D 70 29.68 -8.13 0.02
C ASP D 70 30.67 -7.10 0.54
N MET D 71 30.73 -6.94 1.87
CA MET D 71 31.59 -5.92 2.49
C MET D 71 33.06 -6.29 2.38
N THR D 72 33.31 -7.59 2.20
CA THR D 72 34.66 -8.07 2.01
C THR D 72 35.16 -7.62 0.66
N PHE D 73 34.25 -7.59 -0.31
CA PHE D 73 34.61 -7.14 -1.65
C PHE D 73 34.93 -5.65 -1.65
N ALA D 74 34.07 -4.84 -1.05
CA ALA D 74 34.32 -3.40 -0.95
C ALA D 74 35.76 -3.15 -0.46
N GLU D 75 36.16 -3.90 0.57
CA GLU D 75 37.49 -3.80 1.17
C GLU D 75 38.56 -4.33 0.23
N GLN D 76 38.26 -5.47 -0.39
CA GLN D 76 39.13 -6.13 -1.36
C GLN D 76 39.45 -5.22 -2.54
N PHE D 77 38.39 -4.60 -3.06
CA PHE D 77 38.46 -3.76 -4.24
C PHE D 77 39.42 -2.59 -4.06
N VAL D 78 39.25 -1.83 -2.98
CA VAL D 78 40.11 -0.67 -2.70
C VAL D 78 41.59 -1.08 -2.72
N ALA D 79 41.90 -2.25 -2.18
CA ALA D 79 43.27 -2.73 -2.13
C ALA D 79 43.79 -2.97 -3.54
N GLN D 80 43.04 -3.75 -4.32
CA GLN D 80 43.40 -4.01 -5.71
C GLN D 80 43.49 -2.72 -6.52
N ALA D 81 42.47 -1.85 -6.38
CA ALA D 81 42.43 -0.58 -7.09
C ALA D 81 43.66 0.27 -6.79
N GLY D 82 44.00 0.39 -5.51
CA GLY D 82 45.17 1.18 -5.11
C GLY D 82 46.47 0.64 -5.68
N LYS D 83 46.61 -0.68 -5.62
CA LYS D 83 47.81 -1.33 -6.13
C LYS D 83 47.91 -1.11 -7.63
N LEU D 84 46.77 -1.18 -8.33
CA LEU D 84 46.71 -0.94 -9.77
C LEU D 84 47.15 0.46 -10.19
N MET D 85 46.76 1.47 -9.41
CA MET D 85 47.17 2.84 -9.71
C MET D 85 48.42 3.29 -8.92
N GLY D 86 48.88 2.46 -7.99
CA GLY D 86 49.98 2.83 -7.09
C GLY D 86 49.65 4.07 -6.26
N GLY D 87 48.49 4.09 -5.64
CA GLY D 87 48.02 5.25 -4.87
C GLY D 87 46.56 5.59 -5.12
N LEU D 88 46.05 6.60 -4.41
CA LEU D 88 44.68 7.07 -4.63
C LEU D 88 44.52 8.53 -4.26
N ASP D 89 43.99 9.32 -5.19
CA ASP D 89 43.79 10.75 -4.98
C ASP D 89 42.33 11.10 -4.69
N MET D 90 41.41 10.39 -5.33
CA MET D 90 40.00 10.68 -5.18
C MET D 90 39.19 9.39 -5.17
N LEU D 91 38.20 9.33 -4.27
CA LEU D 91 37.31 8.19 -4.12
C LEU D 91 35.86 8.66 -4.30
N ILE D 92 35.27 8.29 -5.43
CA ILE D 92 33.91 8.77 -5.75
C ILE D 92 32.88 7.68 -5.52
N LEU D 93 32.10 7.85 -4.47
CA LEU D 93 31.15 6.83 -4.06
C LEU D 93 29.77 7.15 -4.63
N ASN D 94 29.36 6.34 -5.61
CA ASN D 94 28.23 6.65 -6.48
C ASN D 94 27.15 5.56 -6.54
N HIS D 95 27.55 4.31 -6.26
CA HIS D 95 26.67 3.15 -6.41
C HIS D 95 25.48 3.12 -5.44
N ILE D 96 24.40 2.49 -5.88
CA ILE D 96 23.24 2.17 -5.03
C ILE D 96 22.65 0.83 -5.47
N THR D 97 21.92 0.18 -4.57
CA THR D 97 21.18 -1.03 -4.88
C THR D 97 19.96 -0.71 -5.76
N ASN D 98 19.53 -1.67 -6.59
CA ASN D 98 18.33 -1.49 -7.44
C ASN D 98 17.16 -1.03 -6.59
N THR D 99 16.55 0.10 -6.97
CA THR D 99 15.38 0.63 -6.26
C THR D 99 14.36 1.24 -7.22
N SER D 100 13.08 1.11 -6.88
CA SER D 100 12.02 1.77 -7.65
C SER D 100 11.14 2.63 -6.74
N LEU D 101 10.14 3.30 -7.30
CA LEU D 101 9.21 4.08 -6.50
C LEU D 101 8.02 3.22 -6.06
N ASN D 102 7.86 3.04 -4.75
CA ASN D 102 6.75 2.28 -4.19
C ASN D 102 6.43 2.80 -2.81
N LEU D 103 5.18 2.65 -2.39
CA LEU D 103 4.85 2.89 -1.00
C LEU D 103 5.48 1.79 -0.19
N PHE D 104 5.84 2.08 1.05
CA PHE D 104 6.45 1.08 1.91
C PHE D 104 5.35 0.20 2.54
N HIS D 105 5.30 -1.07 2.15
CA HIS D 105 4.37 -2.01 2.80
C HIS D 105 5.05 -2.74 3.99
N ASP D 106 5.82 -3.79 3.72
CA ASP D 106 6.52 -4.51 4.79
C ASP D 106 7.88 -5.03 4.32
N ASP D 107 8.47 -4.35 3.34
CA ASP D 107 9.73 -4.78 2.74
C ASP D 107 10.94 -4.42 3.57
N ILE D 108 11.11 -5.11 4.69
CA ILE D 108 12.23 -4.89 5.58
C ILE D 108 13.52 -5.29 4.87
N HIS D 109 13.46 -6.38 4.11
CA HIS D 109 14.58 -6.84 3.29
C HIS D 109 15.22 -5.72 2.44
N HIS D 110 14.38 -4.86 1.88
CA HIS D 110 14.85 -3.74 1.05
C HIS D 110 15.48 -2.63 1.89
N VAL D 111 14.85 -2.30 3.02
CA VAL D 111 15.37 -1.26 3.91
C VAL D 111 16.77 -1.65 4.39
N ARG D 112 16.94 -2.93 4.72
CA ARG D 112 18.22 -3.44 5.19
C ARG D 112 19.28 -3.38 4.09
N LYS D 113 18.92 -3.87 2.90
CA LYS D 113 19.83 -3.91 1.75
C LYS D 113 20.21 -2.50 1.33
N SER D 114 19.23 -1.59 1.34
CA SER D 114 19.48 -0.18 1.07
C SER D 114 20.55 0.37 2.01
N MET D 115 20.39 0.09 3.31
CA MET D 115 21.36 0.53 4.29
C MET D 115 22.71 -0.11 4.03
N GLU D 116 22.73 -1.43 3.84
CA GLU D 116 23.98 -2.14 3.60
C GLU D 116 24.72 -1.54 2.40
N VAL D 117 24.02 -1.40 1.28
CA VAL D 117 24.66 -1.04 0.01
C VAL D 117 24.90 0.46 -0.13
N ASN D 118 23.84 1.26 0.03
CA ASN D 118 23.93 2.71 -0.16
C ASN D 118 24.78 3.44 0.86
N PHE D 119 24.91 2.86 2.04
CA PHE D 119 25.54 3.51 3.17
C PHE D 119 26.73 2.73 3.71
N LEU D 120 26.47 1.55 4.28
CA LEU D 120 27.48 0.82 5.02
C LEU D 120 28.73 0.51 4.21
N SER D 121 28.56 0.22 2.91
CA SER D 121 29.71 -0.08 2.05
C SER D 121 30.51 1.18 1.75
N TYR D 122 29.86 2.34 1.77
CA TYR D 122 30.54 3.61 1.56
C TYR D 122 31.50 3.82 2.72
N VAL D 123 31.07 3.43 3.91
CA VAL D 123 31.90 3.52 5.11
C VAL D 123 33.06 2.55 5.00
N VAL D 124 32.76 1.30 4.65
CA VAL D 124 33.77 0.27 4.44
C VAL D 124 34.82 0.74 3.43
N LEU D 125 34.34 1.29 2.31
CA LEU D 125 35.23 1.79 1.25
C LEU D 125 36.09 2.95 1.76
N THR D 126 35.50 3.80 2.60
CA THR D 126 36.26 4.90 3.20
C THR D 126 37.38 4.35 4.10
N VAL D 127 37.04 3.49 5.04
CA VAL D 127 38.03 2.91 5.96
C VAL D 127 39.21 2.30 5.20
N ALA D 128 38.90 1.60 4.11
CA ALA D 128 39.93 0.96 3.29
C ALA D 128 40.77 1.96 2.49
N ALA D 129 40.15 3.05 2.05
CA ALA D 129 40.84 4.01 1.19
C ALA D 129 41.67 4.99 1.99
N LEU D 130 41.23 5.29 3.21
CA LEU D 130 41.77 6.40 4.00
C LEU D 130 43.30 6.46 4.11
N PRO D 131 43.99 5.32 4.37
CA PRO D 131 45.45 5.39 4.40
C PRO D 131 46.07 5.99 3.14
N MET D 132 45.59 5.56 1.98
CA MET D 132 46.04 6.12 0.70
C MET D 132 45.61 7.57 0.49
N LEU D 133 44.43 7.93 0.99
CA LEU D 133 43.93 9.29 0.84
C LEU D 133 44.68 10.29 1.72
N LYS D 134 45.05 9.86 2.93
CA LYS D 134 45.90 10.63 3.81
C LYS D 134 47.24 10.88 3.14
N GLN D 135 47.78 9.82 2.51
CA GLN D 135 49.09 9.84 1.86
C GLN D 135 49.18 10.96 0.85
N SER D 136 48.07 11.23 0.15
CA SER D 136 48.03 12.15 -0.97
C SER D 136 47.17 13.39 -0.72
N ASN D 137 46.66 13.53 0.50
CA ASN D 137 45.73 14.60 0.86
C ASN D 137 44.51 14.63 -0.08
N GLY D 138 43.95 13.44 -0.31
CA GLY D 138 42.94 13.23 -1.34
C GLY D 138 41.53 13.70 -1.02
N SER D 139 40.58 13.15 -1.76
CA SER D 139 39.18 13.55 -1.64
C SER D 139 38.25 12.36 -1.60
N ILE D 140 37.21 12.46 -0.78
CA ILE D 140 36.08 11.53 -0.82
C ILE D 140 34.89 12.32 -1.33
N VAL D 141 34.30 11.80 -2.41
CA VAL D 141 33.12 12.38 -3.04
C VAL D 141 31.96 11.41 -2.81
N VAL D 142 31.01 11.83 -1.98
CA VAL D 142 29.86 11.01 -1.64
C VAL D 142 28.67 11.55 -2.40
N VAL D 143 28.13 10.73 -3.30
CA VAL D 143 26.99 11.13 -4.14
C VAL D 143 25.64 10.88 -3.43
N SER D 144 24.91 11.96 -3.19
CA SER D 144 23.63 11.90 -2.49
C SER D 144 22.48 12.47 -3.35
N SER D 145 21.37 12.79 -2.70
CA SER D 145 20.13 13.14 -3.40
C SER D 145 19.36 14.24 -2.64
N LEU D 146 18.39 14.87 -3.30
CA LEU D 146 17.48 15.76 -2.59
C LEU D 146 16.72 14.96 -1.54
N ALA D 147 16.65 13.65 -1.77
CA ALA D 147 15.96 12.72 -0.87
C ALA D 147 16.80 12.43 0.36
N GLY D 148 18.07 12.87 0.33
CA GLY D 148 18.96 12.81 1.49
C GLY D 148 19.06 14.13 2.23
N LYS D 149 18.12 15.04 1.96
CA LYS D 149 18.06 16.35 2.62
C LYS D 149 16.62 16.72 2.97
N VAL D 150 15.70 16.44 2.06
CA VAL D 150 14.26 16.61 2.33
C VAL D 150 13.52 15.28 2.11
N ALA D 151 12.34 15.15 2.71
CA ALA D 151 11.58 13.91 2.60
C ALA D 151 10.74 13.83 1.33
N TYR D 152 10.86 12.71 0.61
CA TYR D 152 10.01 12.43 -0.52
C TYR D 152 9.22 11.15 -0.25
N PRO D 153 7.93 11.12 -0.57
CA PRO D 153 7.21 9.85 -0.42
C PRO D 153 7.70 8.85 -1.47
N MET D 154 7.43 7.57 -1.23
CA MET D 154 7.72 6.49 -2.20
C MET D 154 9.18 6.08 -2.28
N VAL D 155 10.05 6.75 -1.53
CA VAL D 155 11.47 6.39 -1.50
C VAL D 155 11.99 6.31 -0.07
N ALA D 156 11.15 5.87 0.85
CA ALA D 156 11.50 5.80 2.28
C ALA D 156 12.86 5.15 2.57
N ALA D 157 13.00 3.87 2.19
CA ALA D 157 14.24 3.12 2.39
C ALA D 157 15.47 3.82 1.79
N TYR D 158 15.31 4.30 0.55
CA TYR D 158 16.37 4.97 -0.20
C TYR D 158 16.72 6.31 0.44
N SER D 159 15.68 7.09 0.75
CA SER D 159 15.81 8.36 1.44
C SER D 159 16.56 8.17 2.75
N ALA D 160 16.12 7.20 3.56
CA ALA D 160 16.77 6.88 4.83
C ALA D 160 18.28 6.66 4.71
N SER D 161 18.71 5.92 3.70
CA SER D 161 20.14 5.64 3.53
C SER D 161 20.93 6.89 3.16
N LYS D 162 20.31 7.77 2.37
CA LYS D 162 20.98 8.98 1.88
C LYS D 162 21.08 10.03 2.97
N PHE D 163 20.12 10.02 3.89
CA PHE D 163 20.20 10.81 5.10
C PHE D 163 21.37 10.30 5.93
N ALA D 164 21.38 9.01 6.23
CA ALA D 164 22.46 8.39 6.98
C ALA D 164 23.84 8.87 6.49
N LEU D 165 24.01 8.92 5.17
CA LEU D 165 25.27 9.33 4.54
C LEU D 165 25.68 10.71 4.98
N ASP D 166 24.70 11.61 5.00
CA ASP D 166 24.89 13.00 5.42
C ASP D 166 25.33 13.02 6.87
N GLY D 167 24.59 12.30 7.71
CA GLY D 167 24.89 12.24 9.13
C GLY D 167 26.30 11.77 9.40
N PHE D 168 26.70 10.68 8.75
CA PHE D 168 27.99 10.06 9.02
C PHE D 168 29.16 10.88 8.50
N PHE D 169 29.12 11.23 7.23
CA PHE D 169 30.25 11.90 6.59
C PHE D 169 30.40 13.35 7.02
N SER D 170 29.28 14.02 7.31
CA SER D 170 29.35 15.37 7.84
C SER D 170 30.00 15.34 9.21
N SER D 171 29.72 14.28 9.95
CA SER D 171 30.27 14.12 11.28
C SER D 171 31.76 13.77 11.26
N ILE D 172 32.18 12.85 10.39
CA ILE D 172 33.61 12.55 10.35
C ILE D 172 34.41 13.67 9.68
N ARG D 173 33.73 14.53 8.90
CA ARG D 173 34.41 15.72 8.36
C ARG D 173 34.89 16.60 9.48
N LYS D 174 34.04 16.78 10.49
CA LYS D 174 34.41 17.57 11.67
C LYS D 174 35.48 16.87 12.47
N GLU D 175 35.41 15.54 12.54
CA GLU D 175 36.45 14.77 13.20
C GLU D 175 37.81 15.01 12.53
N TYR D 176 37.86 14.90 11.20
CA TYR D 176 39.10 15.08 10.41
C TYR D 176 39.70 16.47 10.58
N SER D 177 38.84 17.44 10.80
CA SER D 177 39.25 18.81 11.12
C SER D 177 40.10 18.89 12.41
N VAL D 178 39.61 18.34 13.54
CA VAL D 178 40.37 18.33 14.79
C VAL D 178 41.58 17.38 14.73
N SER D 179 41.39 16.18 14.17
CA SER D 179 42.47 15.19 14.01
C SER D 179 43.55 15.72 13.06
N ARG D 180 43.22 16.81 12.37
CA ARG D 180 44.04 17.35 11.27
C ARG D 180 44.41 16.25 10.24
N VAL D 181 43.42 15.43 9.91
CA VAL D 181 43.49 14.53 8.76
C VAL D 181 43.06 15.33 7.55
N ASN D 182 43.95 15.45 6.59
CA ASN D 182 43.75 16.38 5.48
C ASN D 182 43.12 15.73 4.22
N VAL D 183 41.95 15.12 4.43
CA VAL D 183 41.16 14.52 3.34
C VAL D 183 39.78 15.17 3.28
N SER D 184 39.45 15.77 2.14
CA SER D 184 38.19 16.51 2.02
C SER D 184 36.99 15.59 1.79
N ILE D 185 35.82 16.02 2.25
CA ILE D 185 34.61 15.25 2.06
C ILE D 185 33.55 16.07 1.34
N THR D 186 33.29 15.72 0.08
CA THR D 186 32.25 16.38 -0.73
C THR D 186 30.93 15.59 -0.73
N LEU D 187 29.90 16.17 -0.14
CA LEU D 187 28.56 15.61 -0.27
C LEU D 187 27.81 16.28 -1.42
N CYS D 188 27.38 15.48 -2.41
CA CYS D 188 26.69 15.98 -3.59
C CYS D 188 25.18 15.75 -3.52
N VAL D 189 24.42 16.80 -3.24
CA VAL D 189 22.95 16.70 -3.25
C VAL D 189 22.43 16.83 -4.68
N LEU D 190 21.82 15.77 -5.21
CA LEU D 190 21.34 15.74 -6.60
C LEU D 190 19.83 15.67 -6.75
N GLY D 191 19.30 16.44 -7.70
CA GLY D 191 17.90 16.34 -8.11
C GLY D 191 17.75 15.34 -9.25
N LEU D 192 16.55 15.25 -9.82
CA LEU D 192 16.32 14.29 -10.89
C LEU D 192 17.29 14.50 -12.06
N ILE D 193 18.04 13.45 -12.39
CA ILE D 193 19.00 13.47 -13.50
C ILE D 193 18.51 12.53 -14.60
N ASP D 194 18.70 12.91 -15.87
CA ASP D 194 18.07 12.17 -16.98
C ASP D 194 18.76 10.87 -17.39
N THR D 195 19.28 10.13 -16.41
CA THR D 195 19.81 8.80 -16.65
C THR D 195 18.67 7.84 -17.00
N GLU D 196 18.99 6.77 -17.73
CA GLU D 196 17.99 5.81 -18.16
C GLU D 196 17.24 5.18 -16.99
N THR D 197 17.96 4.75 -15.94
CA THR D 197 17.36 4.14 -14.76
C THR D 197 16.36 5.09 -14.08
N ALA D 198 16.73 6.38 -14.03
CA ALA D 198 15.90 7.41 -13.39
C ALA D 198 14.62 7.66 -14.17
N MET D 199 14.75 7.88 -15.47
CA MET D 199 13.63 8.14 -16.37
C MET D 199 12.63 6.99 -16.40
N LYS D 200 13.11 5.75 -16.42
CA LYS D 200 12.23 4.58 -16.32
C LYS D 200 11.49 4.48 -14.98
N ALA D 201 12.14 4.95 -13.91
CA ALA D 201 11.57 4.82 -12.58
C ALA D 201 10.46 5.84 -12.34
N VAL D 202 10.69 7.07 -12.80
CA VAL D 202 9.79 8.16 -12.45
C VAL D 202 8.59 8.31 -13.38
N SER D 203 8.75 7.84 -14.63
CA SER D 203 7.73 8.07 -15.65
C SER D 203 6.39 7.41 -15.30
N GLY D 204 5.31 8.16 -15.48
CA GLY D 204 3.98 7.69 -15.10
C GLY D 204 3.64 7.91 -13.63
N ILE D 205 4.62 8.38 -12.85
CA ILE D 205 4.43 8.62 -11.43
C ILE D 205 4.75 10.07 -11.09
N VAL D 206 5.98 10.47 -11.42
CA VAL D 206 6.49 11.80 -11.15
C VAL D 206 6.63 12.47 -12.50
N HIS D 207 6.49 13.79 -12.52
CA HIS D 207 6.67 14.52 -13.78
C HIS D 207 8.02 15.26 -13.88
N MET D 208 8.09 16.51 -13.44
CA MET D 208 9.40 17.21 -13.28
C MET D 208 10.30 17.32 -14.51
N GLN D 209 11.13 18.37 -14.50
CA GLN D 209 12.26 18.47 -15.42
C GLN D 209 13.40 17.60 -14.89
N ALA D 210 14.22 17.06 -15.80
CA ALA D 210 15.38 16.30 -15.40
C ALA D 210 16.64 16.94 -16.00
N ALA D 211 17.63 17.23 -15.15
CA ALA D 211 18.91 17.79 -15.62
C ALA D 211 19.73 16.71 -16.37
N PRO D 212 20.65 17.15 -17.27
CA PRO D 212 21.42 16.19 -18.08
C PRO D 212 22.51 15.40 -17.32
N LYS D 213 22.62 14.11 -17.63
CA LYS D 213 23.63 13.24 -16.99
C LYS D 213 25.04 13.79 -17.15
N GLU D 214 25.37 14.28 -18.35
CA GLU D 214 26.72 14.71 -18.67
C GLU D 214 27.19 15.86 -17.78
N GLU D 215 26.40 16.93 -17.73
CA GLU D 215 26.78 18.13 -16.98
C GLU D 215 26.85 17.85 -15.48
N CYS D 216 25.82 17.15 -14.96
CA CYS D 216 25.77 16.68 -13.57
C CYS D 216 27.04 15.92 -13.16
N ALA D 217 27.42 14.93 -13.98
CA ALA D 217 28.64 14.19 -13.76
C ALA D 217 29.86 15.11 -13.52
N LEU D 218 30.03 16.10 -14.40
CA LEU D 218 31.16 17.00 -14.32
C LEU D 218 31.10 17.89 -13.10
N GLU D 219 29.88 18.30 -12.71
CA GLU D 219 29.67 19.17 -11.55
C GLU D 219 30.16 18.51 -10.26
N ILE D 220 29.93 17.19 -10.17
CA ILE D 220 30.40 16.39 -9.05
C ILE D 220 31.93 16.36 -9.02
N ILE D 221 32.55 16.06 -10.15
CA ILE D 221 34.01 16.05 -10.27
C ILE D 221 34.60 17.45 -9.96
N LYS D 222 33.96 18.50 -10.46
CA LYS D 222 34.37 19.86 -10.16
C LYS D 222 34.37 20.10 -8.66
N GLY D 223 33.28 19.71 -8.00
CA GLY D 223 33.11 19.92 -6.56
C GLY D 223 34.15 19.23 -5.69
N GLY D 224 34.48 17.99 -6.07
CA GLY D 224 35.47 17.20 -5.36
C GLY D 224 36.85 17.82 -5.54
N ALA D 225 37.16 18.21 -6.77
CA ALA D 225 38.46 18.81 -7.08
C ALA D 225 38.66 20.10 -6.32
N LEU D 226 37.59 20.85 -6.10
CA LEU D 226 37.70 22.11 -5.36
C LEU D 226 37.51 21.92 -3.86
N ARG D 227 37.53 20.65 -3.42
CA ARG D 227 37.38 20.30 -2.00
C ARG D 227 36.17 20.96 -1.31
N GLN D 228 35.10 21.20 -2.06
CA GLN D 228 33.90 21.80 -1.48
C GLN D 228 33.25 20.79 -0.54
N GLU D 229 32.60 21.29 0.50
CA GLU D 229 31.90 20.40 1.41
C GLU D 229 30.66 19.80 0.77
N GLU D 230 29.85 20.65 0.13
CA GLU D 230 28.63 20.22 -0.54
C GLU D 230 28.57 20.71 -1.98
N VAL D 231 27.86 19.99 -2.84
CA VAL D 231 27.60 20.37 -4.24
C VAL D 231 26.11 20.18 -4.51
N TYR D 232 25.47 21.23 -5.00
CA TYR D 232 24.05 21.14 -5.34
C TYR D 232 23.82 21.19 -6.85
N TYR D 233 23.06 20.23 -7.34
CA TYR D 233 22.73 20.16 -8.75
C TYR D 233 21.27 19.74 -8.97
N ASP D 234 20.47 20.69 -9.47
CA ASP D 234 19.09 20.41 -9.87
C ASP D 234 18.70 21.28 -11.08
N SER D 235 17.55 20.98 -11.67
CA SER D 235 17.00 21.79 -12.74
C SER D 235 16.59 23.18 -12.23
N SER D 236 15.79 23.21 -11.17
CA SER D 236 15.27 24.46 -10.63
C SER D 236 16.27 25.17 -9.70
N LEU D 237 16.64 26.40 -10.08
CA LEU D 237 17.51 27.24 -9.28
C LEU D 237 16.83 27.57 -7.95
N TRP D 238 15.51 27.77 -8.01
CA TRP D 238 14.67 27.94 -6.82
C TRP D 238 14.95 26.81 -5.80
N THR D 239 15.02 25.58 -6.30
CA THR D 239 15.38 24.42 -5.48
C THR D 239 16.80 24.56 -4.93
N THR D 240 17.78 24.76 -5.82
CA THR D 240 19.17 24.89 -5.38
C THR D 240 19.35 26.03 -4.35
N LEU D 241 18.43 27.00 -4.34
CA LEU D 241 18.49 28.10 -3.37
C LEU D 241 17.44 27.96 -2.25
N LEU D 242 16.92 26.75 -2.06
CA LEU D 242 16.02 26.43 -0.94
C LEU D 242 16.51 25.19 -0.20
N ILE D 243 17.45 24.49 -0.82
CA ILE D 243 17.97 23.23 -0.32
C ILE D 243 19.06 23.50 0.71
N ARG D 244 19.76 24.62 0.56
CA ARG D 244 20.80 25.01 1.50
C ARG D 244 20.19 25.29 2.88
N ASN D 245 20.89 24.84 3.93
CA ASN D 245 20.42 25.05 5.30
C ASN D 245 21.42 25.88 6.13
N PRO D 246 21.28 27.21 6.10
CA PRO D 246 22.20 28.07 6.84
C PRO D 246 22.02 27.98 8.38
N SER D 247 20.79 27.70 8.83
CA SER D 247 20.54 27.43 10.26
C SER D 247 21.46 26.33 10.78
N ARG D 248 21.55 25.23 10.05
CA ARG D 248 22.45 24.15 10.41
C ARG D 248 23.91 24.61 10.48
N LYS D 249 24.38 25.37 9.48
CA LYS D 249 25.77 25.85 9.47
C LYS D 249 26.09 26.71 10.69
N ILE D 250 25.12 27.55 11.08
CA ILE D 250 25.21 28.43 12.24
C ILE D 250 25.29 27.63 13.54
N LEU D 251 24.35 26.70 13.73
CA LEU D 251 24.33 25.86 14.94
C LEU D 251 25.65 25.14 15.18
N GLU D 252 26.17 24.49 14.15
CA GLU D 252 27.40 23.73 14.26
C GLU D 252 28.57 24.63 14.60
N PHE D 253 28.53 25.87 14.11
CA PHE D 253 29.56 26.85 14.47
C PHE D 253 29.38 27.30 15.93
N LEU D 254 28.13 27.59 16.32
CA LEU D 254 27.85 27.95 17.70
C LEU D 254 28.23 26.85 18.67
N TYR D 255 27.95 25.60 18.30
CA TYR D 255 28.28 24.44 19.13
C TYR D 255 29.74 24.01 19.10
N SER D 256 30.50 24.50 18.12
CA SER D 256 31.89 24.08 17.96
C SER D 256 32.73 24.39 19.20
N THR D 257 32.49 25.56 19.79
CA THR D 257 33.25 26.00 20.96
C THR D 257 32.91 25.19 22.21
N SER D 258 31.67 24.69 22.26
CA SER D 258 31.07 24.05 23.45
C SER D 258 31.57 22.63 23.88
N TYR D 259 32.47 22.03 23.11
CA TYR D 259 33.06 20.73 23.48
C TYR D 259 34.58 20.74 23.35
N ASN D 260 35.23 19.72 23.89
CA ASN D 260 36.69 19.63 23.93
C ASN D 260 37.27 18.31 23.40
N MET D 261 37.88 18.38 22.22
CA MET D 261 38.44 17.20 21.51
C MET D 261 39.82 16.73 22.00
N ASP D 262 40.54 17.60 22.70
CA ASP D 262 42.00 17.45 22.98
C ASP D 262 42.50 16.08 23.40
N ARG D 263 41.72 15.38 24.21
CA ARG D 263 42.06 14.03 24.67
C ARG D 263 42.02 12.98 23.54
N PHE D 264 41.55 13.37 22.36
CA PHE D 264 41.42 12.49 21.19
C PHE D 264 42.19 12.98 19.96
N GLU E 1 -3.15 3.62 -31.38
CA GLU E 1 -3.56 2.68 -32.46
C GLU E 1 -2.65 1.45 -32.47
N PHE E 2 -3.27 0.27 -32.47
CA PHE E 2 -2.57 -1.00 -32.29
C PHE E 2 -1.66 -1.40 -33.44
N ARG E 3 -0.53 -2.02 -33.10
CA ARG E 3 0.35 -2.66 -34.07
C ARG E 3 0.80 -3.99 -33.47
N PRO E 4 0.88 -5.06 -34.29
CA PRO E 4 1.15 -6.40 -33.75
C PRO E 4 2.53 -6.53 -33.10
N GLU E 5 3.38 -5.54 -33.31
CA GLU E 5 4.72 -5.53 -32.74
C GLU E 5 4.66 -5.39 -31.22
N MET E 6 3.70 -4.60 -30.73
CA MET E 6 3.52 -4.35 -29.30
C MET E 6 3.53 -5.60 -28.40
N LEU E 7 3.29 -6.77 -29.00
CA LEU E 7 3.25 -8.01 -28.24
C LEU E 7 4.47 -8.88 -28.44
N GLN E 8 5.35 -8.47 -29.35
CA GLN E 8 6.54 -9.25 -29.67
C GLN E 8 7.52 -9.24 -28.50
N GLY E 9 7.89 -10.43 -28.04
CA GLY E 9 8.82 -10.54 -26.93
C GLY E 9 8.18 -10.44 -25.56
N LYS E 10 6.93 -9.97 -25.52
CA LYS E 10 6.15 -9.83 -24.28
C LYS E 10 5.82 -11.15 -23.58
N LYS E 11 5.87 -11.13 -22.25
CA LYS E 11 5.62 -12.31 -21.45
C LYS E 11 4.19 -12.31 -20.93
N VAL E 12 3.43 -13.32 -21.35
CA VAL E 12 1.98 -13.31 -21.18
C VAL E 12 1.39 -14.63 -20.61
N ILE E 13 0.58 -14.49 -19.57
CA ILE E 13 -0.23 -15.60 -19.04
C ILE E 13 -1.63 -15.55 -19.64
N VAL E 14 -2.12 -16.70 -20.11
CA VAL E 14 -3.52 -16.82 -20.48
C VAL E 14 -4.11 -17.94 -19.64
N THR E 15 -5.20 -17.65 -18.92
CA THR E 15 -5.89 -18.68 -18.16
C THR E 15 -7.07 -19.21 -18.96
N GLY E 16 -7.57 -20.38 -18.59
CA GLY E 16 -8.61 -21.04 -19.37
C GLY E 16 -8.28 -21.07 -20.85
N ALA E 17 -7.10 -21.58 -21.19
CA ALA E 17 -6.59 -21.54 -22.54
C ALA E 17 -6.53 -22.91 -23.22
N SER E 18 -7.26 -23.89 -22.69
CA SER E 18 -7.32 -25.20 -23.32
C SER E 18 -8.31 -25.22 -24.49
N LYS E 19 -9.23 -24.25 -24.51
CA LYS E 19 -10.26 -24.17 -25.55
C LYS E 19 -10.90 -22.76 -25.64
N GLY E 20 -11.84 -22.60 -26.56
CA GLY E 20 -12.65 -21.39 -26.66
C GLY E 20 -11.85 -20.14 -26.96
N ILE E 21 -12.24 -19.04 -26.30
CA ILE E 21 -11.57 -17.73 -26.44
C ILE E 21 -10.12 -17.77 -25.99
N GLY E 22 -9.88 -18.34 -24.81
CA GLY E 22 -8.56 -18.46 -24.24
C GLY E 22 -7.58 -19.00 -25.26
N ARG E 23 -7.87 -20.19 -25.79
CA ARG E 23 -6.98 -20.83 -26.75
C ARG E 23 -6.72 -19.96 -27.97
N GLU E 24 -7.75 -19.27 -28.46
CA GLU E 24 -7.60 -18.34 -29.57
C GLU E 24 -6.70 -17.15 -29.22
N MET E 25 -6.85 -16.64 -27.99
CA MET E 25 -5.96 -15.60 -27.49
C MET E 25 -4.51 -16.07 -27.40
N ALA E 26 -4.31 -17.33 -27.01
CA ALA E 26 -2.96 -17.88 -26.96
C ALA E 26 -2.35 -17.88 -28.36
N TYR E 27 -3.15 -18.27 -29.35
CA TYR E 27 -2.68 -18.41 -30.73
C TYR E 27 -2.30 -17.07 -31.36
N HIS E 28 -3.07 -16.04 -31.06
CA HIS E 28 -2.77 -14.68 -31.51
C HIS E 28 -1.43 -14.22 -30.99
N LEU E 29 -1.24 -14.39 -29.69
CA LEU E 29 0.00 -14.02 -29.01
C LEU E 29 1.16 -14.81 -29.59
N ALA E 30 0.92 -16.08 -29.87
CA ALA E 30 1.93 -16.93 -30.47
C ALA E 30 2.31 -16.46 -31.86
N LYS E 31 1.31 -16.06 -32.66
CA LYS E 31 1.55 -15.50 -34.00
C LYS E 31 2.39 -14.21 -33.91
N MET E 32 2.09 -13.35 -32.94
CA MET E 32 2.80 -12.08 -32.73
C MET E 32 4.22 -12.21 -32.16
N GLY E 33 4.64 -13.43 -31.84
CA GLY E 33 5.98 -13.70 -31.36
C GLY E 33 6.19 -13.39 -29.89
N ALA E 34 5.15 -13.58 -29.09
CA ALA E 34 5.21 -13.33 -27.64
C ALA E 34 5.66 -14.59 -26.91
N HIS E 35 5.99 -14.41 -25.62
CA HIS E 35 6.23 -15.55 -24.72
C HIS E 35 4.92 -15.85 -24.00
N VAL E 36 4.54 -17.12 -24.00
CA VAL E 36 3.24 -17.50 -23.48
C VAL E 36 3.37 -18.58 -22.43
N VAL E 37 2.57 -18.48 -21.37
CA VAL E 37 2.35 -19.59 -20.46
C VAL E 37 0.85 -19.80 -20.35
N VAL E 38 0.36 -20.92 -20.85
CA VAL E 38 -1.06 -21.22 -20.82
C VAL E 38 -1.42 -22.12 -19.65
N THR E 39 -2.63 -21.97 -19.11
CA THR E 39 -3.13 -22.85 -18.06
C THR E 39 -4.61 -23.20 -18.21
N ALA E 40 -4.92 -24.45 -17.86
CA ALA E 40 -6.27 -24.99 -17.69
C ALA E 40 -6.12 -26.27 -16.88
N ARG E 41 -7.21 -26.98 -16.64
CA ARG E 41 -7.11 -28.26 -15.95
C ARG E 41 -6.57 -29.37 -16.86
N SER E 42 -7.02 -29.35 -18.11
CA SER E 42 -6.77 -30.43 -19.05
C SER E 42 -5.32 -30.45 -19.57
N LYS E 43 -4.52 -31.35 -18.98
CA LYS E 43 -3.10 -31.50 -19.27
C LYS E 43 -2.83 -31.91 -20.72
N GLU E 44 -3.67 -32.80 -21.24
CA GLU E 44 -3.48 -33.39 -22.56
C GLU E 44 -3.74 -32.38 -23.68
N THR E 45 -4.84 -31.62 -23.58
CA THR E 45 -5.16 -30.64 -24.63
C THR E 45 -4.28 -29.39 -24.55
N LEU E 46 -3.73 -29.11 -23.38
CA LEU E 46 -2.81 -28.00 -23.19
C LEU E 46 -1.47 -28.22 -23.88
N GLN E 47 -1.05 -29.49 -23.96
CA GLN E 47 0.19 -29.87 -24.67
C GLN E 47 0.06 -29.60 -26.15
N LYS E 48 -1.15 -29.79 -26.66
CA LYS E 48 -1.45 -29.54 -28.07
C LYS E 48 -1.54 -28.03 -28.36
N VAL E 49 -2.02 -27.26 -27.38
CA VAL E 49 -2.04 -25.78 -27.47
C VAL E 49 -0.61 -25.23 -27.48
N VAL E 50 0.22 -25.71 -26.56
CA VAL E 50 1.65 -25.38 -26.57
C VAL E 50 2.26 -25.71 -27.93
N SER E 51 2.07 -26.94 -28.40
CA SER E 51 2.65 -27.39 -29.65
C SER E 51 2.24 -26.51 -30.84
N HIS E 52 0.95 -26.19 -30.92
CA HIS E 52 0.47 -25.34 -32.00
C HIS E 52 1.06 -23.93 -31.88
N CYS E 53 1.15 -23.43 -30.64
CA CYS E 53 1.71 -22.09 -30.35
C CYS E 53 3.12 -21.94 -30.86
N LEU E 54 3.93 -22.97 -30.65
CA LEU E 54 5.34 -22.99 -31.04
C LEU E 54 5.50 -23.02 -32.55
N GLU E 55 4.55 -23.71 -33.19
CA GLU E 55 4.50 -23.81 -34.65
C GLU E 55 4.10 -22.49 -35.27
N LEU E 56 3.15 -21.81 -34.66
CA LEU E 56 2.77 -20.47 -35.11
C LEU E 56 3.90 -19.45 -34.91
N GLY E 57 4.95 -19.85 -34.22
CA GLY E 57 6.17 -19.05 -34.11
C GLY E 57 6.28 -18.16 -32.89
N ALA E 58 5.74 -18.63 -31.77
CA ALA E 58 5.87 -17.92 -30.50
C ALA E 58 7.33 -17.81 -30.11
N ALA E 59 7.64 -16.86 -29.24
CA ALA E 59 8.99 -16.76 -28.70
C ALA E 59 9.28 -18.00 -27.86
N SER E 60 8.41 -18.26 -26.88
CA SER E 60 8.38 -19.52 -26.16
C SER E 60 6.93 -19.81 -25.80
N ALA E 61 6.65 -21.03 -25.34
CA ALA E 61 5.32 -21.40 -24.91
C ALA E 61 5.39 -22.57 -23.96
N HIS E 62 4.85 -22.39 -22.76
CA HIS E 62 4.72 -23.48 -21.78
C HIS E 62 3.30 -23.55 -21.21
N TYR E 63 2.93 -24.73 -20.73
CA TYR E 63 1.69 -24.90 -19.98
C TYR E 63 1.95 -25.33 -18.55
N ILE E 64 0.98 -25.09 -17.67
CA ILE E 64 0.95 -25.68 -16.33
C ILE E 64 -0.49 -26.03 -16.04
N ALA E 65 -0.72 -27.29 -15.68
CA ALA E 65 -2.06 -27.80 -15.49
C ALA E 65 -2.54 -27.69 -14.03
N GLY E 66 -3.81 -27.33 -13.85
CA GLY E 66 -4.39 -27.27 -12.52
C GLY E 66 -5.70 -26.52 -12.42
N THR E 67 -6.35 -26.69 -11.26
CA THR E 67 -7.68 -26.17 -11.00
C THR E 67 -7.69 -24.87 -10.20
N MET E 68 -8.36 -23.86 -10.74
CA MET E 68 -8.50 -22.56 -10.09
C MET E 68 -9.53 -22.58 -8.96
N GLU E 69 -10.06 -23.76 -8.65
CA GLU E 69 -10.82 -23.96 -7.41
C GLU E 69 -9.88 -23.86 -6.22
N ASP E 70 -8.60 -24.13 -6.47
CA ASP E 70 -7.57 -24.25 -5.45
C ASP E 70 -6.63 -23.02 -5.44
N MET E 71 -6.82 -22.14 -4.45
CA MET E 71 -6.09 -20.86 -4.36
C MET E 71 -4.56 -20.99 -4.19
N THR E 72 -4.12 -22.16 -3.74
CA THR E 72 -2.69 -22.44 -3.60
C THR E 72 -2.11 -22.65 -4.98
N PHE E 73 -2.88 -23.27 -5.86
CA PHE E 73 -2.40 -23.43 -7.23
C PHE E 73 -2.31 -22.06 -7.89
N ALA E 74 -3.36 -21.26 -7.77
CA ALA E 74 -3.36 -19.94 -8.35
C ALA E 74 -2.03 -19.21 -8.05
N GLU E 75 -1.67 -19.16 -6.77
CA GLU E 75 -0.48 -18.49 -6.28
C GLU E 75 0.80 -19.18 -6.73
N GLN E 76 0.83 -20.51 -6.51
CA GLN E 76 1.86 -21.43 -6.96
C GLN E 76 2.11 -21.18 -8.45
N PHE E 77 1.06 -21.27 -9.26
CA PHE E 77 1.15 -21.14 -10.73
C PHE E 77 1.86 -19.88 -11.26
N VAL E 78 1.45 -18.71 -10.75
CA VAL E 78 1.99 -17.43 -11.23
C VAL E 78 3.50 -17.40 -11.02
N ALA E 79 3.95 -17.96 -9.92
CA ALA E 79 5.36 -17.99 -9.57
C ALA E 79 6.12 -18.82 -10.59
N GLN E 80 5.67 -20.05 -10.82
CA GLN E 80 6.29 -20.92 -11.83
C GLN E 80 6.29 -20.26 -13.19
N ALA E 81 5.17 -19.65 -13.55
CA ALA E 81 4.99 -18.98 -14.85
C ALA E 81 5.99 -17.84 -15.06
N GLY E 82 5.97 -16.88 -14.13
CA GLY E 82 6.92 -15.77 -14.14
C GLY E 82 8.35 -16.25 -14.21
N LYS E 83 8.62 -17.40 -13.59
CA LYS E 83 9.96 -17.97 -13.56
C LYS E 83 10.34 -18.52 -14.93
N LEU E 84 9.44 -19.30 -15.53
CA LEU E 84 9.64 -19.87 -16.87
C LEU E 84 9.87 -18.81 -17.93
N MET E 85 9.26 -17.65 -17.77
CA MET E 85 9.38 -16.57 -18.76
C MET E 85 10.41 -15.51 -18.41
N GLY E 86 10.82 -15.46 -17.15
CA GLY E 86 11.77 -14.46 -16.68
C GLY E 86 11.10 -13.15 -16.30
N GLY E 87 9.78 -13.15 -16.22
CA GLY E 87 9.01 -11.96 -15.86
C GLY E 87 7.58 -12.06 -16.33
N LEU E 88 6.82 -10.98 -16.14
CA LEU E 88 5.46 -10.91 -16.67
C LEU E 88 5.12 -9.51 -17.20
N ASP E 89 4.65 -9.45 -18.45
CA ASP E 89 4.18 -8.20 -19.05
C ASP E 89 2.67 -8.08 -19.03
N MET E 90 1.97 -9.20 -19.19
CA MET E 90 0.53 -9.19 -19.30
C MET E 90 -0.10 -10.40 -18.64
N LEU E 91 -1.09 -10.16 -17.79
CA LEU E 91 -1.83 -11.22 -17.12
C LEU E 91 -3.28 -11.28 -17.63
N ILE E 92 -3.58 -12.29 -18.45
CA ILE E 92 -4.93 -12.39 -19.00
C ILE E 92 -5.78 -13.39 -18.23
N LEU E 93 -6.82 -12.89 -17.59
CA LEU E 93 -7.68 -13.72 -16.78
C LEU E 93 -9.01 -14.05 -17.49
N ASN E 94 -9.17 -15.33 -17.82
CA ASN E 94 -10.17 -15.76 -18.77
C ASN E 94 -11.04 -16.93 -18.32
N HIS E 95 -10.49 -17.81 -17.49
CA HIS E 95 -11.16 -19.02 -17.01
C HIS E 95 -12.46 -18.77 -16.22
N ILE E 96 -13.38 -19.72 -16.33
CA ILE E 96 -14.60 -19.79 -15.51
C ILE E 96 -14.95 -21.23 -15.23
N THR E 97 -15.59 -21.48 -14.08
CA THR E 97 -16.09 -22.81 -13.73
C THR E 97 -17.23 -23.21 -14.68
N ASN E 98 -17.44 -24.52 -14.88
CA ASN E 98 -18.51 -25.00 -15.76
C ASN E 98 -19.85 -24.41 -15.32
N THR E 99 -20.64 -23.94 -16.28
CA THR E 99 -21.94 -23.34 -15.97
C THR E 99 -22.91 -23.58 -17.13
N SER E 100 -24.21 -23.52 -16.85
CA SER E 100 -25.24 -23.64 -17.86
C SER E 100 -26.36 -22.66 -17.57
N LEU E 101 -27.26 -22.45 -18.53
CA LEU E 101 -28.41 -21.60 -18.27
C LEU E 101 -29.45 -22.41 -17.50
N ASN E 102 -29.90 -21.87 -16.38
CA ASN E 102 -30.93 -22.48 -15.54
C ASN E 102 -31.51 -21.47 -14.58
N LEU E 103 -32.75 -21.71 -14.16
CA LEU E 103 -33.33 -20.95 -13.04
C LEU E 103 -32.61 -21.32 -11.75
N PHE E 104 -32.50 -20.35 -10.85
CA PHE E 104 -31.88 -20.58 -9.55
C PHE E 104 -32.91 -21.10 -8.56
N HIS E 105 -32.70 -22.31 -8.08
CA HIS E 105 -33.56 -22.85 -7.07
C HIS E 105 -32.86 -22.73 -5.72
N ASP E 106 -31.93 -23.65 -5.46
CA ASP E 106 -31.34 -23.72 -4.14
C ASP E 106 -29.89 -24.10 -4.20
N ASP E 107 -29.28 -23.91 -5.36
CA ASP E 107 -27.90 -24.35 -5.56
C ASP E 107 -26.91 -23.30 -5.07
N ILE E 108 -26.70 -23.27 -3.76
CA ILE E 108 -25.72 -22.36 -3.17
C ILE E 108 -24.31 -22.85 -3.51
N HIS E 109 -24.15 -24.16 -3.62
CA HIS E 109 -22.87 -24.75 -4.03
C HIS E 109 -22.32 -24.10 -5.29
N HIS E 110 -23.18 -23.87 -6.28
CA HIS E 110 -22.76 -23.26 -7.55
C HIS E 110 -22.42 -21.77 -7.38
N VAL E 111 -23.27 -21.04 -6.66
CA VAL E 111 -23.05 -19.61 -6.40
C VAL E 111 -21.68 -19.40 -5.76
N ARG E 112 -21.38 -20.20 -4.75
CA ARG E 112 -20.10 -20.20 -4.10
C ARG E 112 -18.97 -20.55 -5.05
N LYS E 113 -19.10 -21.66 -5.78
CA LYS E 113 -18.03 -22.12 -6.66
C LYS E 113 -17.75 -21.11 -7.76
N SER E 114 -18.81 -20.49 -8.26
CA SER E 114 -18.70 -19.39 -9.21
C SER E 114 -17.90 -18.21 -8.65
N MET E 115 -18.17 -17.83 -7.40
CA MET E 115 -17.40 -16.77 -6.74
C MET E 115 -15.93 -17.11 -6.62
N GLU E 116 -15.62 -18.35 -6.23
CA GLU E 116 -14.23 -18.77 -6.04
C GLU E 116 -13.47 -18.81 -7.38
N VAL E 117 -14.04 -19.46 -8.38
CA VAL E 117 -13.34 -19.69 -9.64
C VAL E 117 -13.39 -18.48 -10.56
N ASN E 118 -14.55 -17.83 -10.66
CA ASN E 118 -14.71 -16.73 -11.61
C ASN E 118 -14.21 -15.39 -11.10
N PHE E 119 -14.18 -15.23 -9.78
CA PHE E 119 -13.78 -13.98 -9.15
C PHE E 119 -12.58 -14.13 -8.21
N LEU E 120 -12.77 -14.88 -7.13
CA LEU E 120 -11.77 -14.96 -6.06
C LEU E 120 -10.36 -15.38 -6.52
N SER E 121 -10.28 -16.30 -7.46
CA SER E 121 -8.99 -16.73 -7.97
C SER E 121 -8.40 -15.69 -8.89
N TYR E 122 -9.23 -14.81 -9.44
CA TYR E 122 -8.72 -13.70 -10.25
C TYR E 122 -7.98 -12.74 -9.36
N VAL E 123 -8.54 -12.51 -8.17
CA VAL E 123 -7.90 -11.69 -7.15
C VAL E 123 -6.59 -12.35 -6.74
N VAL E 124 -6.64 -13.64 -6.41
CA VAL E 124 -5.44 -14.37 -6.02
C VAL E 124 -4.35 -14.25 -7.09
N LEU E 125 -4.69 -14.58 -8.34
CA LEU E 125 -3.73 -14.50 -9.45
C LEU E 125 -3.15 -13.09 -9.65
N THR E 126 -3.96 -12.07 -9.33
CA THR E 126 -3.55 -10.68 -9.44
C THR E 126 -2.50 -10.36 -8.39
N VAL E 127 -2.79 -10.72 -7.14
CA VAL E 127 -1.88 -10.42 -6.01
C VAL E 127 -0.50 -11.06 -6.19
N ALA E 128 -0.49 -12.30 -6.66
CA ALA E 128 0.72 -13.06 -6.95
C ALA E 128 1.50 -12.52 -8.14
N ALA E 129 0.82 -11.76 -9.00
CA ALA E 129 1.42 -11.29 -10.24
C ALA E 129 1.90 -9.85 -10.15
N LEU E 130 1.36 -9.10 -9.21
CA LEU E 130 1.60 -7.66 -9.15
C LEU E 130 3.08 -7.24 -9.11
N PRO E 131 3.90 -7.83 -8.21
CA PRO E 131 5.34 -7.51 -8.19
C PRO E 131 5.98 -7.49 -9.57
N MET E 132 5.77 -8.55 -10.33
CA MET E 132 6.31 -8.67 -11.70
C MET E 132 5.68 -7.69 -12.69
N LEU E 133 4.41 -7.39 -12.48
CA LEU E 133 3.70 -6.45 -13.33
C LEU E 133 4.13 -5.02 -13.03
N LYS E 134 4.49 -4.76 -11.77
CA LYS E 134 5.07 -3.48 -11.34
C LYS E 134 6.49 -3.31 -11.88
N GLN E 135 7.22 -4.42 -11.97
CA GLN E 135 8.61 -4.42 -12.45
C GLN E 135 8.66 -3.96 -13.88
N SER E 136 7.55 -4.16 -14.59
CA SER E 136 7.53 -3.97 -16.04
C SER E 136 6.51 -2.94 -16.49
N ASN E 137 5.66 -2.49 -15.57
CA ASN E 137 4.51 -1.65 -15.90
C ASN E 137 3.56 -2.37 -16.86
N GLY E 138 3.26 -3.62 -16.52
CA GLY E 138 2.43 -4.46 -17.36
C GLY E 138 0.95 -4.19 -17.26
N SER E 139 0.15 -5.13 -17.74
CA SER E 139 -1.30 -4.97 -17.80
C SER E 139 -1.99 -6.19 -17.22
N ILE E 140 -3.05 -5.96 -16.45
CA ILE E 140 -4.00 -7.01 -16.09
C ILE E 140 -5.17 -6.93 -17.06
N VAL E 141 -5.53 -8.05 -17.67
CA VAL E 141 -6.68 -8.11 -18.57
C VAL E 141 -7.73 -9.05 -17.97
N VAL E 142 -8.85 -8.48 -17.54
CA VAL E 142 -9.93 -9.22 -16.90
C VAL E 142 -11.06 -9.45 -17.89
N VAL E 143 -11.41 -10.70 -18.13
CA VAL E 143 -12.42 -11.00 -19.13
C VAL E 143 -13.80 -11.14 -18.50
N SER E 144 -14.70 -10.26 -18.92
CA SER E 144 -16.07 -10.26 -18.40
C SER E 144 -17.12 -10.54 -19.49
N SER E 145 -18.36 -10.13 -19.21
CA SER E 145 -19.52 -10.43 -20.04
C SER E 145 -20.50 -9.28 -19.97
N LEU E 146 -21.48 -9.26 -20.88
CA LEU E 146 -22.61 -8.34 -20.78
C LEU E 146 -23.37 -8.61 -19.49
N ALA E 147 -23.30 -9.85 -19.00
CA ALA E 147 -23.92 -10.23 -17.74
C ALA E 147 -23.17 -9.67 -16.52
N GLY E 148 -22.01 -9.06 -16.76
CA GLY E 148 -21.29 -8.35 -15.72
C GLY E 148 -21.57 -6.85 -15.69
N LYS E 149 -22.48 -6.41 -16.56
CA LYS E 149 -22.87 -4.99 -16.63
C LYS E 149 -24.39 -4.80 -16.60
N VAL E 150 -25.10 -5.77 -17.16
CA VAL E 150 -26.58 -5.77 -17.13
C VAL E 150 -27.07 -7.13 -16.63
N ALA E 151 -28.29 -7.18 -16.10
CA ALA E 151 -28.84 -8.41 -15.56
C ALA E 151 -29.46 -9.27 -16.65
N TYR E 152 -29.24 -10.59 -16.57
CA TYR E 152 -29.94 -11.58 -17.40
C TYR E 152 -30.50 -12.67 -16.50
N PRO E 153 -31.71 -13.19 -16.82
CA PRO E 153 -32.19 -14.38 -16.11
C PRO E 153 -31.42 -15.63 -16.51
N MET E 154 -31.35 -16.61 -15.63
CA MET E 154 -30.75 -17.92 -15.93
C MET E 154 -29.24 -18.00 -15.79
N VAL E 155 -28.62 -16.87 -15.47
CA VAL E 155 -27.18 -16.83 -15.20
C VAL E 155 -26.87 -16.03 -13.92
N ALA E 156 -27.69 -16.23 -12.89
CA ALA E 156 -27.57 -15.45 -11.65
C ALA E 156 -26.20 -15.53 -10.96
N ALA E 157 -25.82 -16.74 -10.54
CA ALA E 157 -24.53 -17.01 -9.89
C ALA E 157 -23.32 -16.47 -10.66
N TYR E 158 -23.37 -16.65 -11.98
CA TYR E 158 -22.34 -16.27 -12.93
C TYR E 158 -22.32 -14.76 -13.08
N SER E 159 -23.52 -14.18 -13.15
CA SER E 159 -23.66 -12.74 -13.28
C SER E 159 -23.14 -12.05 -12.04
N ALA E 160 -23.45 -12.64 -10.89
CA ALA E 160 -22.94 -12.17 -9.60
C ALA E 160 -21.42 -12.10 -9.58
N SER E 161 -20.77 -13.18 -9.98
CA SER E 161 -19.32 -13.22 -10.03
C SER E 161 -18.73 -12.21 -11.01
N LYS E 162 -19.37 -12.03 -12.16
CA LYS E 162 -18.87 -11.10 -13.19
C LYS E 162 -19.05 -9.62 -12.84
N PHE E 163 -20.10 -9.32 -12.07
CA PHE E 163 -20.30 -7.99 -11.50
C PHE E 163 -19.20 -7.70 -10.48
N ALA E 164 -18.86 -8.71 -9.69
CA ALA E 164 -17.90 -8.58 -8.61
C ALA E 164 -16.55 -8.14 -9.15
N LEU E 165 -16.16 -8.72 -10.29
CA LEU E 165 -14.90 -8.38 -10.94
C LEU E 165 -14.83 -6.89 -11.24
N ASP E 166 -15.97 -6.33 -11.63
CA ASP E 166 -16.08 -4.91 -11.96
C ASP E 166 -15.87 -4.10 -10.71
N GLY E 167 -16.58 -4.46 -9.66
CA GLY E 167 -16.47 -3.80 -8.36
C GLY E 167 -15.04 -3.76 -7.87
N PHE E 168 -14.35 -4.90 -7.93
CA PHE E 168 -13.02 -4.99 -7.39
C PHE E 168 -12.01 -4.30 -8.28
N PHE E 169 -11.90 -4.78 -9.51
CA PHE E 169 -10.88 -4.32 -10.42
C PHE E 169 -11.01 -2.85 -10.84
N SER E 170 -12.24 -2.38 -11.05
CA SER E 170 -12.49 -0.97 -11.33
C SER E 170 -12.10 -0.14 -10.12
N SER E 171 -12.32 -0.70 -8.95
CA SER E 171 -11.96 -0.06 -7.69
C SER E 171 -10.45 -0.08 -7.40
N ILE E 172 -9.77 -1.20 -7.64
CA ILE E 172 -8.33 -1.20 -7.44
C ILE E 172 -7.60 -0.47 -8.58
N ARG E 173 -8.31 -0.10 -9.65
CA ARG E 173 -7.70 0.72 -10.70
C ARG E 173 -7.53 2.14 -10.20
N LYS E 174 -8.55 2.64 -9.50
CA LYS E 174 -8.50 3.94 -8.86
C LYS E 174 -7.47 3.93 -7.74
N GLU E 175 -7.33 2.80 -7.07
CA GLU E 175 -6.31 2.69 -6.02
C GLU E 175 -4.91 2.85 -6.58
N TYR E 176 -4.61 2.18 -7.69
CA TYR E 176 -3.29 2.24 -8.31
C TYR E 176 -2.96 3.66 -8.78
N SER E 177 -4.00 4.48 -8.90
CA SER E 177 -3.87 5.86 -9.35
C SER E 177 -3.32 6.73 -8.23
N VAL E 178 -3.90 6.60 -7.04
CA VAL E 178 -3.41 7.34 -5.88
C VAL E 178 -2.08 6.76 -5.38
N SER E 179 -1.90 5.44 -5.45
CA SER E 179 -0.65 4.75 -5.05
C SER E 179 0.45 4.96 -6.06
N ARG E 180 0.06 5.47 -7.23
CA ARG E 180 0.95 5.66 -8.36
C ARG E 180 1.63 4.36 -8.79
N VAL E 181 0.82 3.30 -8.85
CA VAL E 181 1.18 1.99 -9.41
C VAL E 181 0.86 1.98 -10.90
N ASN E 182 1.89 1.73 -11.71
CA ASN E 182 1.80 1.86 -13.15
C ASN E 182 1.42 0.55 -13.85
N VAL E 183 0.37 -0.10 -13.36
CA VAL E 183 -0.18 -1.31 -13.99
C VAL E 183 -1.61 -1.01 -14.42
N SER E 184 -1.92 -1.32 -15.68
CA SER E 184 -3.22 -1.00 -16.25
C SER E 184 -4.19 -2.18 -16.12
N ILE E 185 -5.46 -1.88 -15.93
CA ILE E 185 -6.51 -2.89 -15.80
C ILE E 185 -7.57 -2.72 -16.88
N THR E 186 -7.70 -3.74 -17.73
CA THR E 186 -8.63 -3.72 -18.86
C THR E 186 -9.79 -4.70 -18.62
N LEU E 187 -10.96 -4.15 -18.28
CA LEU E 187 -12.20 -4.95 -18.18
C LEU E 187 -12.87 -5.11 -19.54
N CYS E 188 -12.95 -6.35 -20.00
CA CYS E 188 -13.58 -6.68 -21.28
C CYS E 188 -15.03 -7.07 -21.09
N VAL E 189 -15.95 -6.30 -21.67
CA VAL E 189 -17.37 -6.63 -21.64
C VAL E 189 -17.75 -7.33 -22.95
N LEU E 190 -18.02 -8.63 -22.88
CA LEU E 190 -18.29 -9.44 -24.06
C LEU E 190 -19.74 -9.89 -24.21
N GLY E 191 -20.27 -9.75 -25.42
CA GLY E 191 -21.55 -10.33 -25.78
C GLY E 191 -21.37 -11.78 -26.19
N LEU E 192 -22.38 -12.37 -26.81
CA LEU E 192 -22.32 -13.78 -27.20
C LEU E 192 -21.23 -14.06 -28.22
N ILE E 193 -20.29 -14.93 -27.86
CA ILE E 193 -19.20 -15.36 -28.74
C ILE E 193 -19.42 -16.81 -29.16
N ASP E 194 -19.07 -17.13 -30.40
CA ASP E 194 -19.41 -18.42 -30.98
C ASP E 194 -18.49 -19.55 -30.56
N THR E 195 -18.18 -19.63 -29.27
CA THR E 195 -17.36 -20.71 -28.76
C THR E 195 -18.20 -21.97 -28.66
N GLU E 196 -17.55 -23.12 -28.87
CA GLU E 196 -18.19 -24.42 -28.72
C GLU E 196 -19.15 -24.46 -27.54
N THR E 197 -18.65 -24.07 -26.37
CA THR E 197 -19.36 -24.20 -25.10
C THR E 197 -20.55 -23.27 -25.02
N ALA E 198 -20.38 -22.07 -25.53
CA ALA E 198 -21.45 -21.08 -25.56
C ALA E 198 -22.60 -21.51 -26.46
N MET E 199 -22.28 -22.05 -27.62
CA MET E 199 -23.27 -22.48 -28.60
C MET E 199 -24.14 -23.62 -28.08
N LYS E 200 -23.51 -24.63 -27.49
CA LYS E 200 -24.23 -25.71 -26.81
C LYS E 200 -25.10 -25.20 -25.68
N ALA E 201 -24.57 -24.27 -24.89
CA ALA E 201 -25.26 -23.77 -23.72
C ALA E 201 -26.52 -22.99 -24.06
N VAL E 202 -26.48 -22.21 -25.15
CA VAL E 202 -27.55 -21.26 -25.46
C VAL E 202 -28.63 -21.74 -26.43
N SER E 203 -28.33 -22.76 -27.24
CA SER E 203 -29.26 -23.15 -28.29
C SER E 203 -30.54 -23.78 -27.75
N GLY E 204 -31.66 -23.41 -28.35
CA GLY E 204 -32.98 -23.77 -27.84
C GLY E 204 -33.49 -22.67 -26.94
N ILE E 205 -32.57 -22.01 -26.24
CA ILE E 205 -32.91 -20.97 -25.26
C ILE E 205 -32.69 -19.56 -25.77
N VAL E 206 -31.55 -19.28 -26.40
CA VAL E 206 -31.18 -17.91 -26.73
C VAL E 206 -31.13 -17.76 -28.24
N HIS E 207 -31.85 -16.78 -28.77
CA HIS E 207 -31.89 -16.56 -30.21
C HIS E 207 -31.24 -15.23 -30.62
N MET E 208 -29.94 -15.27 -30.91
CA MET E 208 -29.19 -14.08 -31.34
C MET E 208 -27.89 -14.39 -32.05
N GLN E 209 -27.41 -13.42 -32.82
CA GLN E 209 -26.11 -13.50 -33.47
C GLN E 209 -24.99 -13.75 -32.46
N ALA E 210 -24.05 -14.59 -32.85
CA ALA E 210 -22.87 -14.86 -32.05
C ALA E 210 -21.63 -14.35 -32.78
N ALA E 211 -20.88 -13.46 -32.12
CA ALA E 211 -19.65 -12.91 -32.69
C ALA E 211 -18.55 -13.97 -32.76
N PRO E 212 -17.60 -13.85 -33.71
CA PRO E 212 -16.59 -14.89 -33.97
C PRO E 212 -15.46 -15.02 -32.94
N LYS E 213 -15.14 -16.25 -32.52
CA LYS E 213 -14.12 -16.45 -31.46
C LYS E 213 -12.80 -15.74 -31.78
N GLU E 214 -12.31 -15.90 -33.00
CA GLU E 214 -11.01 -15.36 -33.41
C GLU E 214 -10.92 -13.86 -33.20
N GLU E 215 -11.82 -13.12 -33.82
CA GLU E 215 -11.75 -11.67 -33.75
C GLU E 215 -11.91 -11.19 -32.32
N CYS E 216 -12.77 -11.85 -31.56
CA CYS E 216 -13.00 -11.50 -30.16
C CYS E 216 -11.72 -11.62 -29.35
N ALA E 217 -11.03 -12.75 -29.51
CA ALA E 217 -9.73 -12.97 -28.87
C ALA E 217 -8.79 -11.80 -29.13
N LEU E 218 -8.72 -11.36 -30.37
CA LEU E 218 -7.80 -10.29 -30.78
C LEU E 218 -8.15 -8.93 -30.20
N GLU E 219 -9.45 -8.63 -30.09
CA GLU E 219 -9.91 -7.35 -29.54
C GLU E 219 -9.49 -7.20 -28.08
N ILE E 220 -9.54 -8.30 -27.34
CA ILE E 220 -9.12 -8.33 -25.95
C ILE E 220 -7.62 -8.07 -25.83
N ILE E 221 -6.82 -8.79 -26.61
CA ILE E 221 -5.37 -8.58 -26.64
C ILE E 221 -5.05 -7.16 -27.11
N LYS E 222 -5.82 -6.67 -28.09
CA LYS E 222 -5.71 -5.28 -28.59
C LYS E 222 -5.97 -4.23 -27.52
N GLY E 223 -6.96 -4.47 -26.67
CA GLY E 223 -7.32 -3.52 -25.63
C GLY E 223 -6.35 -3.51 -24.46
N GLY E 224 -5.91 -4.68 -24.06
CA GLY E 224 -4.91 -4.77 -23.02
C GLY E 224 -3.67 -4.03 -23.46
N ALA E 225 -3.19 -4.36 -24.67
CA ALA E 225 -1.99 -3.74 -25.24
C ALA E 225 -2.05 -2.22 -25.32
N LEU E 226 -3.25 -1.67 -25.53
CA LEU E 226 -3.44 -0.22 -25.52
C LEU E 226 -3.84 0.31 -24.15
N ARG E 227 -3.76 -0.55 -23.14
CA ARG E 227 -4.03 -0.16 -21.75
C ARG E 227 -5.36 0.56 -21.59
N GLN E 228 -6.35 0.19 -22.39
CA GLN E 228 -7.69 0.76 -22.24
C GLN E 228 -8.32 0.27 -20.93
N GLU E 229 -9.22 1.07 -20.38
CA GLU E 229 -9.88 0.66 -19.14
C GLU E 229 -10.87 -0.45 -19.43
N GLU E 230 -11.68 -0.27 -20.47
CA GLU E 230 -12.71 -1.24 -20.86
C GLU E 230 -12.63 -1.59 -22.36
N VAL E 231 -13.02 -2.81 -22.70
CA VAL E 231 -13.15 -3.24 -24.09
C VAL E 231 -14.57 -3.79 -24.30
N TYR E 232 -15.20 -3.38 -25.40
CA TYR E 232 -16.56 -3.81 -25.70
C TYR E 232 -16.63 -4.60 -26.99
N TYR E 233 -17.32 -5.74 -26.94
CA TYR E 233 -17.42 -6.61 -28.08
C TYR E 233 -18.75 -7.34 -28.11
N ASP E 234 -19.53 -7.06 -29.15
CA ASP E 234 -20.82 -7.68 -29.38
C ASP E 234 -21.10 -7.64 -30.87
N SER E 235 -22.18 -8.28 -31.29
CA SER E 235 -22.60 -8.28 -32.68
C SER E 235 -23.41 -7.03 -32.98
N SER E 236 -24.29 -6.65 -32.06
CA SER E 236 -25.10 -5.44 -32.18
C SER E 236 -24.31 -4.19 -31.78
N LEU E 237 -24.23 -3.21 -32.68
CA LEU E 237 -23.65 -1.90 -32.35
C LEU E 237 -24.58 -1.18 -31.37
N TRP E 238 -25.89 -1.33 -31.59
CA TRP E 238 -26.91 -0.87 -30.66
C TRP E 238 -26.56 -1.30 -29.23
N THR E 239 -25.95 -2.48 -29.10
CA THR E 239 -25.41 -2.95 -27.81
C THR E 239 -24.13 -2.22 -27.48
N THR E 240 -23.16 -2.20 -28.40
CA THR E 240 -21.86 -1.54 -28.11
C THR E 240 -21.99 -0.01 -27.93
N LEU E 241 -23.21 0.52 -28.08
CA LEU E 241 -23.47 1.93 -27.82
C LEU E 241 -24.27 2.18 -26.54
N LEU E 242 -25.26 1.34 -26.28
CA LEU E 242 -26.06 1.44 -25.05
C LEU E 242 -25.41 0.85 -23.80
N ILE E 243 -24.39 0.02 -23.98
CA ILE E 243 -23.74 -0.64 -22.85
C ILE E 243 -22.91 0.35 -22.02
N ARG E 244 -22.36 1.38 -22.68
CA ARG E 244 -21.60 2.42 -21.99
C ARG E 244 -22.44 3.19 -20.97
N ASN E 245 -21.80 3.57 -19.87
CA ASN E 245 -22.47 4.19 -18.76
C ASN E 245 -21.83 5.53 -18.45
N PRO E 246 -22.23 6.60 -19.18
CA PRO E 246 -21.63 7.92 -18.96
C PRO E 246 -21.97 8.48 -17.57
N SER E 247 -23.17 8.16 -17.07
CA SER E 247 -23.54 8.55 -15.72
C SER E 247 -22.50 8.11 -14.70
N ARG E 248 -22.04 6.86 -14.82
CA ARG E 248 -21.01 6.32 -13.92
C ARG E 248 -19.65 7.02 -14.10
N LYS E 249 -19.27 7.33 -15.35
CA LYS E 249 -18.02 8.06 -15.60
C LYS E 249 -18.02 9.44 -14.97
N ILE E 250 -19.16 10.15 -15.10
CA ILE E 250 -19.34 11.46 -14.52
C ILE E 250 -19.25 11.38 -13.00
N LEU E 251 -20.04 10.49 -12.37
CA LEU E 251 -20.01 10.34 -10.92
C LEU E 251 -18.61 10.12 -10.38
N GLU E 252 -17.82 9.33 -11.11
CA GLU E 252 -16.50 8.94 -10.67
C GLU E 252 -15.49 10.08 -10.83
N PHE E 253 -15.70 10.92 -11.85
CA PHE E 253 -14.90 12.14 -12.04
C PHE E 253 -15.27 13.23 -11.02
N LEU E 254 -16.56 13.36 -10.74
CA LEU E 254 -17.00 14.28 -9.71
C LEU E 254 -16.43 13.87 -8.35
N TYR E 255 -16.52 12.58 -8.03
CA TYR E 255 -16.06 12.11 -6.72
C TYR E 255 -14.55 12.18 -6.50
N SER E 256 -13.77 12.21 -7.58
CA SER E 256 -12.31 12.34 -7.46
C SER E 256 -11.91 13.37 -6.38
N THR E 257 -12.34 14.61 -6.60
CA THR E 257 -12.00 15.77 -5.77
C THR E 257 -12.26 15.58 -4.26
N GLU F 1 -48.55 5.48 -3.32
CA GLU F 1 -48.03 6.42 -2.28
C GLU F 1 -48.04 5.77 -0.90
N PHE F 2 -46.96 5.97 -0.15
CA PHE F 2 -46.75 5.27 1.12
C PHE F 2 -47.67 5.72 2.27
N ARG F 3 -48.08 4.75 3.09
CA ARG F 3 -48.81 5.03 4.32
C ARG F 3 -48.33 4.05 5.41
N PRO F 4 -48.02 4.56 6.62
CA PRO F 4 -47.45 3.74 7.69
C PRO F 4 -48.25 2.49 8.04
N GLU F 5 -49.54 2.48 7.67
CA GLU F 5 -50.40 1.34 7.92
C GLU F 5 -49.95 0.10 7.16
N MET F 6 -49.11 0.30 6.14
CA MET F 6 -48.61 -0.78 5.28
C MET F 6 -47.75 -1.82 6.00
N LEU F 7 -47.19 -1.45 7.14
CA LEU F 7 -46.34 -2.37 7.87
C LEU F 7 -47.02 -2.89 9.13
N GLN F 8 -48.20 -2.36 9.44
CA GLN F 8 -48.94 -2.80 10.64
C GLN F 8 -49.28 -4.29 10.55
N GLY F 9 -48.78 -5.06 11.50
CA GLY F 9 -49.04 -6.50 11.54
C GLY F 9 -48.02 -7.36 10.80
N LYS F 10 -47.34 -6.76 9.82
CA LYS F 10 -46.36 -7.46 8.97
C LYS F 10 -45.21 -8.09 9.75
N LYS F 11 -44.93 -9.36 9.44
CA LYS F 11 -43.84 -10.11 10.06
C LYS F 11 -42.53 -9.80 9.33
N VAL F 12 -41.58 -9.18 10.03
CA VAL F 12 -40.38 -8.67 9.38
C VAL F 12 -39.07 -9.08 10.08
N ILE F 13 -38.08 -9.46 9.27
CA ILE F 13 -36.73 -9.78 9.72
C ILE F 13 -35.81 -8.64 9.34
N VAL F 14 -35.04 -8.17 10.32
CA VAL F 14 -33.96 -7.22 10.05
C VAL F 14 -32.65 -7.83 10.55
N THR F 15 -31.69 -7.97 9.65
CA THR F 15 -30.35 -8.42 10.02
C THR F 15 -29.45 -7.21 10.16
N GLY F 16 -28.35 -7.38 10.90
CA GLY F 16 -27.46 -6.27 11.20
C GLY F 16 -28.15 -5.15 11.97
N ALA F 17 -29.04 -5.53 12.88
CA ALA F 17 -29.91 -4.58 13.54
C ALA F 17 -29.55 -4.27 15.00
N SER F 18 -28.33 -4.65 15.42
CA SER F 18 -27.87 -4.32 16.77
C SER F 18 -27.48 -2.84 16.87
N LYS F 19 -27.20 -2.23 15.72
CA LYS F 19 -26.89 -0.80 15.64
C LYS F 19 -27.20 -0.25 14.24
N GLY F 20 -26.70 0.95 13.95
CA GLY F 20 -26.79 1.56 12.63
C GLY F 20 -28.17 1.61 12.00
N ILE F 21 -28.22 1.49 10.68
CA ILE F 21 -29.47 1.56 9.92
C ILE F 21 -30.40 0.39 10.27
N GLY F 22 -29.81 -0.76 10.60
CA GLY F 22 -30.58 -1.93 11.00
C GLY F 22 -31.52 -1.60 12.16
N ARG F 23 -30.92 -1.19 13.29
CA ARG F 23 -31.65 -0.82 14.49
C ARG F 23 -32.67 0.27 14.20
N GLU F 24 -32.23 1.28 13.44
CA GLU F 24 -33.09 2.38 13.02
C GLU F 24 -34.31 1.90 12.24
N MET F 25 -34.12 0.88 11.40
CA MET F 25 -35.24 0.25 10.71
C MET F 25 -36.12 -0.54 11.66
N ALA F 26 -35.48 -1.27 12.58
CA ALA F 26 -36.18 -2.06 13.58
C ALA F 26 -37.11 -1.19 14.42
N TYR F 27 -36.68 0.03 14.71
CA TYR F 27 -37.48 0.98 15.47
C TYR F 27 -38.65 1.52 14.67
N HIS F 28 -38.38 1.89 13.41
CA HIS F 28 -39.42 2.42 12.55
C HIS F 28 -40.56 1.38 12.46
N LEU F 29 -40.17 0.11 12.39
CA LEU F 29 -41.12 -0.98 12.19
C LEU F 29 -41.96 -1.24 13.42
N ALA F 30 -41.35 -1.07 14.59
CA ALA F 30 -42.06 -1.15 15.88
C ALA F 30 -43.12 -0.04 15.99
N LYS F 31 -42.73 1.19 15.63
CA LYS F 31 -43.65 2.34 15.58
C LYS F 31 -44.86 2.05 14.74
N MET F 32 -44.63 1.42 13.59
CA MET F 32 -45.71 1.04 12.67
C MET F 32 -46.44 -0.21 13.11
N GLY F 33 -45.99 -0.80 14.23
CA GLY F 33 -46.68 -1.93 14.86
C GLY F 33 -46.62 -3.24 14.07
N ALA F 34 -45.44 -3.52 13.53
CA ALA F 34 -45.13 -4.75 12.83
C ALA F 34 -44.50 -5.76 13.78
N HIS F 35 -44.61 -7.05 13.43
CA HIS F 35 -43.86 -8.08 14.12
C HIS F 35 -42.41 -8.00 13.63
N VAL F 36 -41.45 -8.07 14.56
CA VAL F 36 -40.04 -7.88 14.21
C VAL F 36 -39.13 -8.95 14.84
N VAL F 37 -38.25 -9.52 14.03
CA VAL F 37 -37.13 -10.33 14.54
C VAL F 37 -35.82 -9.71 14.07
N VAL F 38 -34.94 -9.37 15.02
CA VAL F 38 -33.68 -8.74 14.67
C VAL F 38 -32.53 -9.67 15.00
N THR F 39 -31.42 -9.53 14.28
CA THR F 39 -30.23 -10.34 14.55
C THR F 39 -28.91 -9.61 14.31
N ALA F 40 -27.91 -10.06 15.06
CA ALA F 40 -26.52 -9.61 14.98
C ALA F 40 -25.70 -10.58 15.82
N ARG F 41 -24.40 -10.31 15.96
CA ARG F 41 -23.55 -11.16 16.80
C ARG F 41 -23.75 -10.90 18.29
N SER F 42 -23.95 -9.65 18.66
CA SER F 42 -24.03 -9.26 20.07
C SER F 42 -25.40 -9.53 20.72
N LYS F 43 -25.41 -10.43 21.69
CA LYS F 43 -26.60 -10.79 22.48
C LYS F 43 -27.02 -9.64 23.40
N GLU F 44 -26.03 -8.95 23.96
CA GLU F 44 -26.21 -7.85 24.91
C GLU F 44 -26.96 -6.64 24.32
N THR F 45 -26.43 -6.09 23.22
CA THR F 45 -27.06 -4.93 22.57
C THR F 45 -28.33 -5.28 21.79
N LEU F 46 -28.53 -6.55 21.45
CA LEU F 46 -29.76 -6.93 20.76
C LEU F 46 -30.96 -6.98 21.71
N GLN F 47 -30.70 -7.29 22.99
CA GLN F 47 -31.74 -7.31 24.02
C GLN F 47 -32.30 -5.92 24.22
N LYS F 48 -31.43 -4.92 24.14
CA LYS F 48 -31.84 -3.52 24.31
C LYS F 48 -32.72 -3.04 23.16
N VAL F 49 -32.37 -3.48 21.95
CA VAL F 49 -33.13 -3.17 20.73
C VAL F 49 -34.52 -3.81 20.80
N VAL F 50 -34.57 -5.06 21.26
CA VAL F 50 -35.84 -5.78 21.42
C VAL F 50 -36.76 -5.05 22.40
N SER F 51 -36.19 -4.64 23.54
CA SER F 51 -36.93 -3.89 24.56
C SER F 51 -37.49 -2.60 24.00
N HIS F 52 -36.60 -1.74 23.51
CA HIS F 52 -37.01 -0.45 22.98
C HIS F 52 -38.06 -0.58 21.87
N CYS F 53 -38.03 -1.71 21.16
CA CYS F 53 -39.01 -1.97 20.10
C CYS F 53 -40.41 -2.14 20.65
N LEU F 54 -40.58 -3.08 21.58
CA LEU F 54 -41.86 -3.29 22.27
C LEU F 54 -42.43 -1.96 22.76
N GLU F 55 -41.59 -1.21 23.48
CA GLU F 55 -41.93 0.12 23.99
C GLU F 55 -42.46 1.06 22.92
N LEU F 56 -41.86 1.00 21.73
CA LEU F 56 -42.31 1.81 20.60
C LEU F 56 -43.64 1.31 19.98
N GLY F 57 -44.09 0.13 20.42
CA GLY F 57 -45.43 -0.35 20.07
C GLY F 57 -45.48 -1.47 19.05
N ALA F 58 -44.39 -2.22 18.97
CA ALA F 58 -44.26 -3.39 18.09
C ALA F 58 -45.28 -4.45 18.48
N ALA F 59 -45.89 -5.09 17.50
CA ALA F 59 -46.84 -6.18 17.78
C ALA F 59 -46.16 -7.33 18.54
N SER F 60 -44.87 -7.55 18.25
CA SER F 60 -43.98 -8.47 18.97
C SER F 60 -42.54 -8.12 18.58
N ALA F 61 -41.58 -8.48 19.43
CA ALA F 61 -40.16 -8.31 19.10
C ALA F 61 -39.29 -9.38 19.74
N HIS F 62 -38.41 -9.97 18.95
CA HIS F 62 -37.44 -10.94 19.45
C HIS F 62 -36.12 -10.75 18.73
N TYR F 63 -35.06 -11.28 19.33
CA TYR F 63 -33.73 -11.31 18.70
C TYR F 63 -33.18 -12.74 18.67
N ILE F 64 -32.35 -13.04 17.67
CA ILE F 64 -31.56 -14.27 17.69
C ILE F 64 -30.10 -13.89 17.43
N ALA F 65 -29.20 -14.41 18.24
CA ALA F 65 -27.78 -14.02 18.19
C ALA F 65 -26.91 -15.04 17.45
N GLY F 66 -26.05 -14.54 16.56
CA GLY F 66 -25.08 -15.40 15.89
C GLY F 66 -24.43 -14.74 14.69
N THR F 67 -23.39 -15.37 14.17
CA THR F 67 -22.61 -14.80 13.08
C THR F 67 -23.10 -15.29 11.74
N MET F 68 -23.14 -14.38 10.78
CA MET F 68 -23.48 -14.73 9.40
C MET F 68 -22.31 -15.35 8.63
N GLU F 69 -21.16 -15.48 9.27
CA GLU F 69 -20.05 -16.22 8.68
C GLU F 69 -20.46 -17.66 8.52
N ASP F 70 -21.30 -18.12 9.44
CA ASP F 70 -21.81 -19.47 9.50
C ASP F 70 -23.04 -19.54 8.61
N MET F 71 -22.92 -20.18 7.45
CA MET F 71 -24.04 -20.32 6.51
C MET F 71 -25.18 -21.12 7.11
N THR F 72 -24.83 -21.95 8.10
CA THR F 72 -25.80 -22.80 8.76
C THR F 72 -26.67 -21.92 9.62
N PHE F 73 -26.04 -21.00 10.34
CA PHE F 73 -26.79 -20.07 11.18
C PHE F 73 -27.77 -19.26 10.32
N ALA F 74 -27.28 -18.65 9.23
CA ALA F 74 -28.18 -17.91 8.34
C ALA F 74 -29.46 -18.72 8.07
N GLU F 75 -29.31 -20.01 7.79
CA GLU F 75 -30.41 -20.89 7.46
C GLU F 75 -31.22 -21.22 8.71
N GLN F 76 -30.52 -21.38 9.83
CA GLN F 76 -31.13 -21.69 11.13
C GLN F 76 -32.00 -20.54 11.58
N PHE F 77 -31.44 -19.33 11.49
CA PHE F 77 -32.12 -18.12 11.93
C PHE F 77 -33.47 -17.94 11.24
N VAL F 78 -33.48 -17.96 9.91
CA VAL F 78 -34.72 -17.83 9.16
C VAL F 78 -35.77 -18.82 9.66
N ALA F 79 -35.36 -20.04 9.97
CA ALA F 79 -36.31 -21.05 10.45
C ALA F 79 -36.88 -20.65 11.81
N GLN F 80 -36.00 -20.32 12.75
CA GLN F 80 -36.43 -19.89 14.08
C GLN F 80 -37.25 -18.58 14.03
N ALA F 81 -36.82 -17.65 13.18
CA ALA F 81 -37.50 -16.39 13.00
C ALA F 81 -38.94 -16.58 12.53
N GLY F 82 -39.12 -17.41 11.51
CA GLY F 82 -40.45 -17.71 10.96
C GLY F 82 -41.38 -18.41 11.93
N LYS F 83 -40.83 -19.23 12.81
CA LYS F 83 -41.60 -19.94 13.82
C LYS F 83 -42.05 -19.01 14.92
N LEU F 84 -41.20 -18.02 15.24
CA LEU F 84 -41.55 -16.96 16.20
C LEU F 84 -42.71 -16.09 15.70
N MET F 85 -42.64 -15.62 14.47
CA MET F 85 -43.69 -14.76 13.95
C MET F 85 -44.80 -15.55 13.26
N GLY F 86 -44.62 -16.87 13.16
CA GLY F 86 -45.56 -17.74 12.44
C GLY F 86 -45.76 -17.33 11.00
N GLY F 87 -44.67 -16.99 10.30
CA GLY F 87 -44.72 -16.53 8.91
C GLY F 87 -43.67 -15.47 8.61
N LEU F 88 -43.66 -14.93 7.39
CA LEU F 88 -42.73 -13.85 7.04
C LEU F 88 -43.19 -13.05 5.82
N ASP F 89 -43.23 -11.73 5.97
CA ASP F 89 -43.69 -10.86 4.89
C ASP F 89 -42.54 -10.09 4.26
N MET F 90 -41.54 -9.73 5.06
CA MET F 90 -40.42 -8.95 4.55
C MET F 90 -39.06 -9.43 5.11
N LEU F 91 -38.07 -9.49 4.21
CA LEU F 91 -36.71 -9.88 4.59
C LEU F 91 -35.72 -8.75 4.26
N ILE F 92 -35.20 -8.10 5.30
CA ILE F 92 -34.30 -6.95 5.09
C ILE F 92 -32.87 -7.37 5.38
N LEU F 93 -32.06 -7.47 4.33
CA LEU F 93 -30.70 -7.95 4.45
C LEU F 93 -29.78 -6.74 4.52
N ASN F 94 -29.31 -6.46 5.72
CA ASN F 94 -28.63 -5.21 6.00
C ASN F 94 -27.21 -5.38 6.56
N HIS F 95 -26.88 -6.58 7.00
CA HIS F 95 -25.59 -6.82 7.66
C HIS F 95 -24.42 -6.83 6.67
N ILE F 96 -23.22 -6.61 7.21
CA ILE F 96 -21.93 -6.79 6.49
C ILE F 96 -20.82 -7.16 7.48
N THR F 97 -19.72 -7.70 6.98
CA THR F 97 -18.52 -7.95 7.81
C THR F 97 -17.79 -6.63 8.14
N ASN F 98 -17.01 -6.63 9.22
CA ASN F 98 -16.21 -5.44 9.63
C ASN F 98 -15.28 -4.99 8.51
N THR F 99 -15.30 -3.69 8.20
CA THR F 99 -14.44 -3.17 7.14
C THR F 99 -13.98 -1.74 7.36
N SER F 100 -12.69 -1.50 7.14
CA SER F 100 -12.12 -0.16 7.22
C SER F 100 -11.87 0.36 5.80
N LEU F 101 -11.37 1.59 5.69
CA LEU F 101 -10.88 2.10 4.42
C LEU F 101 -9.37 1.91 4.35
N ASN F 102 -8.95 0.98 3.49
CA ASN F 102 -7.55 0.69 3.25
C ASN F 102 -7.34 0.43 1.78
N LEU F 103 -6.18 0.82 1.26
CA LEU F 103 -5.76 0.33 -0.04
C LEU F 103 -5.67 -1.19 0.06
N PHE F 104 -5.85 -1.87 -1.05
CA PHE F 104 -5.76 -3.31 -1.05
C PHE F 104 -4.32 -3.77 -1.35
N HIS F 105 -3.69 -4.49 -0.42
CA HIS F 105 -2.36 -5.08 -0.70
C HIS F 105 -2.52 -6.57 -1.03
N ASP F 106 -2.71 -7.39 -0.01
CA ASP F 106 -2.79 -8.83 -0.19
C ASP F 106 -3.77 -9.53 0.74
N ASP F 107 -4.74 -8.78 1.28
CA ASP F 107 -5.67 -9.35 2.24
C ASP F 107 -6.76 -10.21 1.61
N ILE F 108 -6.34 -11.38 1.12
CA ILE F 108 -7.22 -12.35 0.47
C ILE F 108 -8.29 -12.78 1.44
N HIS F 109 -7.90 -12.92 2.71
CA HIS F 109 -8.81 -13.31 3.78
C HIS F 109 -10.01 -12.37 3.90
N HIS F 110 -9.79 -11.08 3.70
CA HIS F 110 -10.88 -10.09 3.77
C HIS F 110 -11.81 -10.19 2.58
N VAL F 111 -11.23 -10.35 1.39
CA VAL F 111 -12.00 -10.45 0.15
C VAL F 111 -12.93 -11.65 0.19
N ARG F 112 -12.41 -12.77 0.72
CA ARG F 112 -13.22 -13.97 0.88
C ARG F 112 -14.35 -13.77 1.89
N LYS F 113 -14.01 -13.21 3.05
CA LYS F 113 -14.97 -13.01 4.13
C LYS F 113 -16.05 -12.04 3.69
N SER F 114 -15.64 -11.01 2.96
CA SER F 114 -16.55 -10.05 2.37
C SER F 114 -17.60 -10.77 1.52
N MET F 115 -17.14 -11.62 0.59
CA MET F 115 -18.07 -12.33 -0.28
C MET F 115 -18.98 -13.19 0.55
N GLU F 116 -18.38 -13.93 1.49
CA GLU F 116 -19.13 -14.86 2.32
C GLU F 116 -20.23 -14.16 3.12
N VAL F 117 -19.89 -13.04 3.74
CA VAL F 117 -20.83 -12.41 4.65
C VAL F 117 -21.76 -11.49 3.91
N ASN F 118 -21.19 -10.57 3.14
CA ASN F 118 -21.96 -9.53 2.46
C ASN F 118 -22.88 -10.03 1.34
N PHE F 119 -22.52 -11.16 0.73
CA PHE F 119 -23.22 -11.69 -0.44
C PHE F 119 -23.77 -13.10 -0.20
N LEU F 120 -22.87 -14.06 -0.07
CA LEU F 120 -23.28 -15.45 -0.05
C LEU F 120 -24.31 -15.78 1.03
N SER F 121 -24.23 -15.12 2.19
CA SER F 121 -25.18 -15.33 3.28
C SER F 121 -26.54 -14.73 2.96
N TYR F 122 -26.56 -13.66 2.16
CA TYR F 122 -27.81 -13.02 1.71
C TYR F 122 -28.57 -14.02 0.87
N VAL F 123 -27.83 -14.71 -0.01
CA VAL F 123 -28.38 -15.75 -0.86
C VAL F 123 -28.98 -16.85 0.01
N VAL F 124 -28.15 -17.44 0.86
CA VAL F 124 -28.58 -18.45 1.83
C VAL F 124 -29.89 -18.03 2.53
N LEU F 125 -29.90 -16.79 3.05
CA LEU F 125 -31.06 -16.26 3.74
C LEU F 125 -32.29 -16.22 2.82
N THR F 126 -32.09 -15.75 1.59
CA THR F 126 -33.15 -15.81 0.57
C THR F 126 -33.69 -17.25 0.37
N VAL F 127 -32.79 -18.19 0.06
CA VAL F 127 -33.21 -19.58 -0.17
C VAL F 127 -34.11 -20.03 0.98
N ALA F 128 -33.66 -19.73 2.20
CA ALA F 128 -34.37 -20.14 3.41
C ALA F 128 -35.74 -19.46 3.58
N ALA F 129 -35.79 -18.16 3.31
CA ALA F 129 -37.01 -17.38 3.51
C ALA F 129 -38.07 -17.60 2.42
N LEU F 130 -37.63 -17.95 1.22
CA LEU F 130 -38.51 -17.95 0.04
C LEU F 130 -39.82 -18.73 0.17
N PRO F 131 -39.81 -19.98 0.71
CA PRO F 131 -41.11 -20.64 0.90
C PRO F 131 -42.13 -19.78 1.65
N MET F 132 -41.69 -19.11 2.71
CA MET F 132 -42.53 -18.21 3.50
C MET F 132 -42.86 -16.91 2.77
N LEU F 133 -41.93 -16.42 1.96
CA LEU F 133 -42.16 -15.21 1.18
C LEU F 133 -43.17 -15.45 0.05
N LYS F 134 -43.15 -16.65 -0.50
CA LYS F 134 -44.12 -17.08 -1.49
C LYS F 134 -45.50 -17.18 -0.84
N GLN F 135 -45.52 -17.81 0.33
CA GLN F 135 -46.73 -18.01 1.11
C GLN F 135 -47.52 -16.71 1.24
N SER F 136 -46.81 -15.59 1.30
CA SER F 136 -47.43 -14.30 1.61
C SER F 136 -47.16 -13.22 0.57
N ASN F 137 -46.66 -13.61 -0.59
CA ASN F 137 -46.30 -12.64 -1.64
C ASN F 137 -45.44 -11.48 -1.10
N GLY F 138 -44.43 -11.84 -0.31
CA GLY F 138 -43.61 -10.89 0.44
C GLY F 138 -42.51 -10.14 -0.30
N SER F 139 -41.54 -9.65 0.46
CA SER F 139 -40.49 -8.77 -0.07
C SER F 139 -39.08 -9.08 0.45
N ILE F 140 -38.10 -9.04 -0.45
CA ILE F 140 -36.70 -9.06 -0.06
C ILE F 140 -36.12 -7.67 -0.24
N VAL F 141 -35.62 -7.11 0.86
CA VAL F 141 -34.96 -5.81 0.83
C VAL F 141 -33.46 -6.02 1.00
N VAL F 142 -32.74 -5.82 -0.11
CA VAL F 142 -31.30 -6.01 -0.15
C VAL F 142 -30.67 -4.64 -0.05
N VAL F 143 -30.01 -4.38 1.09
CA VAL F 143 -29.35 -3.09 1.31
C VAL F 143 -27.97 -3.07 0.65
N SER F 144 -27.79 -2.15 -0.29
CA SER F 144 -26.53 -2.01 -1.02
C SER F 144 -25.94 -0.60 -0.83
N SER F 145 -25.04 -0.20 -1.73
CA SER F 145 -24.26 1.02 -1.56
C SER F 145 -23.95 1.68 -2.92
N LEU F 146 -23.53 2.94 -2.87
CA LEU F 146 -22.98 3.59 -4.05
C LEU F 146 -21.77 2.81 -4.57
N ALA F 147 -21.08 2.14 -3.66
CA ALA F 147 -19.92 1.32 -3.98
C ALA F 147 -20.38 0.06 -4.69
N GLY F 148 -21.71 -0.16 -4.68
CA GLY F 148 -22.33 -1.27 -5.40
C GLY F 148 -22.85 -0.91 -6.78
N LYS F 149 -22.57 0.31 -7.23
CA LYS F 149 -22.99 0.77 -8.55
C LYS F 149 -21.90 1.52 -9.30
N VAL F 150 -21.05 2.23 -8.55
CA VAL F 150 -19.85 2.86 -9.13
C VAL F 150 -18.62 2.48 -8.32
N ALA F 151 -17.45 2.64 -8.92
CA ALA F 151 -16.18 2.25 -8.31
C ALA F 151 -15.57 3.33 -7.41
N TYR F 152 -15.30 2.95 -6.16
CA TYR F 152 -14.62 3.81 -5.19
C TYR F 152 -13.32 3.13 -4.78
N PRO F 153 -12.22 3.89 -4.65
CA PRO F 153 -11.01 3.26 -4.13
C PRO F 153 -11.18 2.89 -2.65
N MET F 154 -10.18 2.22 -2.08
CA MET F 154 -10.10 1.93 -0.63
C MET F 154 -11.14 0.97 -0.08
N VAL F 155 -12.12 0.60 -0.90
CA VAL F 155 -13.18 -0.33 -0.49
C VAL F 155 -13.40 -1.44 -1.52
N ALA F 156 -12.33 -1.81 -2.23
CA ALA F 156 -12.41 -2.81 -3.30
C ALA F 156 -13.12 -4.09 -2.89
N ALA F 157 -12.66 -4.74 -1.82
CA ALA F 157 -13.28 -5.97 -1.33
C ALA F 157 -14.78 -5.80 -1.10
N TYR F 158 -15.12 -4.68 -0.48
CA TYR F 158 -16.48 -4.37 -0.08
C TYR F 158 -17.29 -4.07 -1.32
N SER F 159 -16.78 -3.14 -2.14
CA SER F 159 -17.39 -2.74 -3.40
C SER F 159 -17.71 -3.97 -4.24
N ALA F 160 -16.76 -4.90 -4.34
CA ALA F 160 -16.96 -6.15 -5.07
C ALA F 160 -18.16 -6.96 -4.59
N SER F 161 -18.41 -7.02 -3.29
CA SER F 161 -19.52 -7.83 -2.80
C SER F 161 -20.87 -7.17 -3.07
N LYS F 162 -20.91 -5.84 -3.02
CA LYS F 162 -22.15 -5.10 -3.25
C LYS F 162 -22.49 -5.07 -4.73
N PHE F 163 -21.46 -5.14 -5.57
CA PHE F 163 -21.66 -5.37 -7.00
C PHE F 163 -22.26 -6.76 -7.20
N ALA F 164 -21.66 -7.78 -6.58
CA ALA F 164 -22.19 -9.12 -6.68
C ALA F 164 -23.69 -9.14 -6.40
N LEU F 165 -24.10 -8.42 -5.35
CA LEU F 165 -25.49 -8.41 -4.90
C LEU F 165 -26.46 -7.94 -5.97
N ASP F 166 -26.01 -6.97 -6.77
CA ASP F 166 -26.78 -6.41 -7.85
C ASP F 166 -26.95 -7.48 -8.91
N GLY F 167 -25.85 -7.91 -9.50
CA GLY F 167 -25.87 -8.99 -10.47
C GLY F 167 -26.79 -10.14 -10.10
N PHE F 168 -26.65 -10.68 -8.89
CA PHE F 168 -27.38 -11.88 -8.50
C PHE F 168 -28.88 -11.66 -8.33
N PHE F 169 -29.24 -10.65 -7.54
CA PHE F 169 -30.64 -10.39 -7.22
C PHE F 169 -31.38 -9.70 -8.35
N SER F 170 -30.65 -8.92 -9.16
CA SER F 170 -31.26 -8.33 -10.35
C SER F 170 -31.67 -9.44 -11.31
N SER F 171 -30.82 -10.48 -11.36
CA SER F 171 -31.09 -11.62 -12.20
C SER F 171 -32.25 -12.49 -11.72
N ILE F 172 -32.24 -12.92 -10.45
CA ILE F 172 -33.36 -13.74 -9.95
C ILE F 172 -34.68 -12.97 -9.95
N ARG F 173 -34.61 -11.63 -9.98
CA ARG F 173 -35.80 -10.81 -10.14
C ARG F 173 -36.47 -11.10 -11.47
N LYS F 174 -35.67 -11.13 -12.53
CA LYS F 174 -36.19 -11.45 -13.86
C LYS F 174 -36.67 -12.88 -13.89
N GLU F 175 -35.93 -13.76 -13.20
CA GLU F 175 -36.35 -15.15 -13.06
C GLU F 175 -37.73 -15.25 -12.40
N TYR F 176 -37.96 -14.52 -11.32
CA TYR F 176 -39.24 -14.60 -10.58
C TYR F 176 -40.41 -14.05 -11.38
N SER F 177 -40.16 -13.03 -12.18
CA SER F 177 -41.18 -12.44 -13.04
C SER F 177 -41.81 -13.47 -13.99
N VAL F 178 -40.99 -14.31 -14.61
CA VAL F 178 -41.51 -15.34 -15.53
C VAL F 178 -41.97 -16.61 -14.80
N SER F 179 -41.22 -17.05 -13.78
CA SER F 179 -41.65 -18.15 -12.88
C SER F 179 -42.96 -17.78 -12.19
N ARG F 180 -43.39 -16.53 -12.38
CA ARG F 180 -44.57 -15.98 -11.70
C ARG F 180 -44.48 -16.21 -10.18
N VAL F 181 -43.28 -16.03 -9.64
CA VAL F 181 -43.07 -16.06 -8.20
C VAL F 181 -43.24 -14.63 -7.69
N ASN F 182 -44.24 -14.43 -6.86
CA ASN F 182 -44.66 -13.07 -6.53
C ASN F 182 -43.99 -12.53 -5.26
N VAL F 183 -42.67 -12.39 -5.33
CA VAL F 183 -41.84 -11.83 -4.25
C VAL F 183 -40.99 -10.69 -4.81
N SER F 184 -41.23 -9.48 -4.33
CA SER F 184 -40.54 -8.30 -4.86
C SER F 184 -39.09 -8.22 -4.37
N ILE F 185 -38.21 -7.59 -5.16
CA ILE F 185 -36.80 -7.49 -4.80
C ILE F 185 -36.31 -6.04 -4.90
N THR F 186 -36.10 -5.44 -3.72
CA THR F 186 -35.64 -4.06 -3.60
C THR F 186 -34.14 -3.98 -3.39
N LEU F 187 -33.46 -3.33 -4.32
CA LEU F 187 -32.06 -2.98 -4.16
C LEU F 187 -31.92 -1.53 -3.70
N CYS F 188 -31.45 -1.34 -2.46
CA CYS F 188 -31.26 0.00 -1.91
C CYS F 188 -29.84 0.52 -2.16
N VAL F 189 -29.69 1.47 -3.08
CA VAL F 189 -28.39 2.13 -3.29
C VAL F 189 -28.18 3.29 -2.30
N LEU F 190 -27.22 3.14 -1.38
CA LEU F 190 -26.99 4.14 -0.35
C LEU F 190 -25.64 4.85 -0.49
N GLY F 191 -25.66 6.17 -0.32
CA GLY F 191 -24.44 6.96 -0.19
C GLY F 191 -24.08 7.03 1.28
N LEU F 192 -23.17 7.92 1.64
CA LEU F 192 -22.70 7.99 3.02
C LEU F 192 -23.80 8.42 3.98
N ILE F 193 -23.96 7.63 5.04
CA ILE F 193 -25.00 7.80 6.05
C ILE F 193 -24.32 8.03 7.40
N ASP F 194 -24.79 9.03 8.17
CA ASP F 194 -24.10 9.47 9.39
C ASP F 194 -24.25 8.50 10.58
N THR F 195 -24.04 7.21 10.33
CA THR F 195 -24.09 6.22 11.40
C THR F 195 -22.81 6.27 12.21
N GLU F 196 -22.90 5.78 13.45
CA GLU F 196 -21.75 5.67 14.35
C GLU F 196 -20.52 5.13 13.63
N THR F 197 -20.68 3.98 12.98
CA THR F 197 -19.57 3.25 12.37
C THR F 197 -19.05 3.93 11.10
N ALA F 198 -19.96 4.48 10.29
CA ALA F 198 -19.58 5.11 9.03
C ALA F 198 -18.75 6.37 9.23
N MET F 199 -19.15 7.17 10.21
CA MET F 199 -18.44 8.41 10.56
C MET F 199 -17.02 8.15 11.10
N LYS F 200 -16.91 7.17 12.01
CA LYS F 200 -15.63 6.65 12.49
C LYS F 200 -14.71 6.14 11.37
N ALA F 201 -15.31 5.57 10.33
CA ALA F 201 -14.53 4.94 9.26
C ALA F 201 -13.93 5.96 8.30
N VAL F 202 -14.70 7.01 7.99
CA VAL F 202 -14.32 7.96 6.94
C VAL F 202 -13.49 9.15 7.45
N SER F 203 -13.58 9.42 8.75
CA SER F 203 -12.91 10.55 9.38
C SER F 203 -11.41 10.53 9.15
N GLY F 204 -10.86 11.66 8.72
CA GLY F 204 -9.42 11.77 8.52
C GLY F 204 -8.95 11.07 7.26
N ILE F 205 -9.91 10.61 6.47
CA ILE F 205 -9.63 9.97 5.19
C ILE F 205 -10.43 10.65 4.08
N VAL F 206 -11.73 10.82 4.32
CA VAL F 206 -12.58 11.53 3.39
C VAL F 206 -13.49 12.49 4.12
N HIS F 207 -13.49 13.74 3.67
CA HIS F 207 -14.37 14.77 4.17
C HIS F 207 -15.50 14.92 3.16
N MET F 208 -16.72 14.56 3.58
CA MET F 208 -17.89 14.65 2.72
C MET F 208 -19.19 14.62 3.54
N GLN F 209 -20.28 15.08 2.92
CA GLN F 209 -21.58 15.15 3.58
C GLN F 209 -22.16 13.77 3.86
N ALA F 210 -22.93 13.68 4.94
CA ALA F 210 -23.57 12.43 5.34
C ALA F 210 -25.05 12.60 5.69
N ALA F 211 -25.90 11.88 4.98
CA ALA F 211 -27.34 11.88 5.23
C ALA F 211 -27.67 11.27 6.61
N PRO F 212 -28.78 11.72 7.23
CA PRO F 212 -29.21 11.21 8.53
C PRO F 212 -29.58 9.72 8.47
N LYS F 213 -29.18 8.98 9.51
CA LYS F 213 -29.47 7.55 9.60
C LYS F 213 -30.95 7.25 9.75
N GLU F 214 -31.69 8.15 10.38
CA GLU F 214 -33.10 7.91 10.67
C GLU F 214 -34.02 8.00 9.45
N GLU F 215 -33.84 9.06 8.66
CA GLU F 215 -34.61 9.22 7.42
C GLU F 215 -34.31 8.06 6.45
N CYS F 216 -33.01 7.80 6.23
CA CYS F 216 -32.50 6.69 5.40
C CYS F 216 -33.14 5.34 5.73
N ALA F 217 -33.16 5.00 7.02
CA ALA F 217 -33.83 3.79 7.47
C ALA F 217 -35.28 3.70 6.97
N LEU F 218 -35.99 4.81 7.02
CA LEU F 218 -37.40 4.83 6.65
C LEU F 218 -37.62 4.74 5.12
N GLU F 219 -36.68 5.29 4.34
CA GLU F 219 -36.79 5.25 2.88
C GLU F 219 -36.71 3.81 2.36
N ILE F 220 -35.79 3.05 2.95
CA ILE F 220 -35.65 1.62 2.70
C ILE F 220 -36.95 0.87 3.01
N ILE F 221 -37.48 1.06 4.22
CA ILE F 221 -38.75 0.44 4.59
C ILE F 221 -39.89 0.86 3.64
N LYS F 222 -39.93 2.13 3.27
CA LYS F 222 -40.89 2.62 2.30
C LYS F 222 -40.70 1.91 0.96
N GLY F 223 -39.45 1.83 0.53
CA GLY F 223 -39.09 1.20 -0.76
C GLY F 223 -39.55 -0.23 -0.92
N GLY F 224 -39.36 -1.04 0.12
CA GLY F 224 -39.78 -2.43 0.11
C GLY F 224 -41.28 -2.56 0.14
N ALA F 225 -41.92 -1.76 0.99
CA ALA F 225 -43.36 -1.77 1.12
C ALA F 225 -44.02 -1.44 -0.21
N LEU F 226 -43.49 -0.46 -0.92
CA LEU F 226 -44.03 -0.09 -2.22
C LEU F 226 -43.58 -1.06 -3.32
N ARG F 227 -42.94 -2.16 -2.92
CA ARG F 227 -42.44 -3.19 -3.86
C ARG F 227 -41.56 -2.65 -4.99
N GLN F 228 -40.93 -1.50 -4.75
CA GLN F 228 -40.02 -0.87 -5.69
C GLN F 228 -38.83 -1.75 -6.00
N GLU F 229 -38.31 -1.64 -7.22
CA GLU F 229 -37.14 -2.40 -7.60
C GLU F 229 -35.86 -1.84 -6.99
N GLU F 230 -35.70 -0.52 -7.05
CA GLU F 230 -34.51 0.14 -6.52
C GLU F 230 -34.86 1.44 -5.80
N VAL F 231 -34.22 1.64 -4.65
CA VAL F 231 -34.27 2.89 -3.88
C VAL F 231 -32.88 3.54 -3.92
N TYR F 232 -32.83 4.82 -4.28
CA TYR F 232 -31.56 5.55 -4.22
C TYR F 232 -31.60 6.61 -3.13
N TYR F 233 -30.54 6.69 -2.32
CA TYR F 233 -30.52 7.63 -1.19
C TYR F 233 -29.13 8.15 -0.79
N ASP F 234 -28.84 9.38 -1.20
CA ASP F 234 -27.59 10.08 -0.84
C ASP F 234 -27.87 11.52 -0.38
N SER F 235 -26.86 12.20 0.15
CA SER F 235 -26.97 13.62 0.54
C SER F 235 -27.18 14.53 -0.67
N SER F 236 -26.32 14.39 -1.67
CA SER F 236 -26.40 15.20 -2.88
C SER F 236 -27.47 14.66 -3.82
N LEU F 237 -28.33 15.54 -4.30
CA LEU F 237 -29.39 15.17 -5.24
C LEU F 237 -28.86 15.01 -6.66
N TRP F 238 -27.90 15.84 -7.05
CA TRP F 238 -27.19 15.64 -8.32
C TRP F 238 -26.68 14.20 -8.43
N THR F 239 -26.32 13.60 -7.29
CA THR F 239 -25.86 12.22 -7.24
C THR F 239 -26.98 11.23 -7.54
N THR F 240 -28.09 11.30 -6.81
CA THR F 240 -29.20 10.37 -7.06
C THR F 240 -29.66 10.39 -8.53
N LEU F 241 -29.58 11.56 -9.17
CA LEU F 241 -29.91 11.68 -10.60
C LEU F 241 -28.86 11.07 -11.51
N LEU F 242 -27.60 11.05 -11.07
CA LEU F 242 -26.51 10.46 -11.84
C LEU F 242 -26.30 8.96 -11.58
N ILE F 243 -26.87 8.43 -10.50
CA ILE F 243 -26.64 7.04 -10.11
C ILE F 243 -27.52 6.07 -10.90
N ARG F 244 -28.69 6.55 -11.31
CA ARG F 244 -29.59 5.78 -12.17
C ARG F 244 -28.92 5.45 -13.50
N ASN F 245 -29.22 4.27 -14.04
CA ASN F 245 -28.74 3.91 -15.37
C ASN F 245 -29.90 3.52 -16.29
N PRO F 246 -30.28 4.43 -17.19
CA PRO F 246 -31.35 4.13 -18.11
C PRO F 246 -30.85 3.43 -19.39
N SER F 247 -29.55 3.44 -19.63
CA SER F 247 -28.98 2.59 -20.67
C SER F 247 -29.17 1.10 -20.32
N ARG F 248 -28.92 0.74 -19.06
CA ARG F 248 -29.07 -0.63 -18.59
C ARG F 248 -30.52 -1.14 -18.68
N LYS F 249 -31.48 -0.36 -18.20
CA LYS F 249 -32.88 -0.74 -18.28
C LYS F 249 -33.37 -0.88 -19.73
N ILE F 250 -32.85 -0.04 -20.63
CA ILE F 250 -33.18 -0.12 -22.06
C ILE F 250 -32.63 -1.41 -22.69
N LEU F 251 -31.34 -1.68 -22.45
CA LEU F 251 -30.67 -2.88 -22.95
C LEU F 251 -31.36 -4.16 -22.51
N GLU F 252 -31.68 -4.26 -21.22
CA GLU F 252 -32.36 -5.44 -20.68
C GLU F 252 -33.71 -5.66 -21.34
N PHE F 253 -34.43 -4.57 -21.60
CA PHE F 253 -35.69 -4.64 -22.34
C PHE F 253 -35.47 -5.05 -23.80
N LEU F 254 -34.47 -4.46 -24.45
CA LEU F 254 -34.13 -4.86 -25.81
C LEU F 254 -33.79 -6.34 -25.94
N TYR F 255 -33.19 -6.92 -24.90
CA TYR F 255 -32.74 -8.30 -24.94
C TYR F 255 -33.77 -9.31 -24.43
N SER F 256 -34.85 -8.82 -23.81
CA SER F 256 -35.80 -9.71 -23.15
C SER F 256 -36.58 -10.56 -24.13
N THR F 257 -36.65 -10.10 -25.39
CA THR F 257 -37.41 -10.78 -26.44
C THR F 257 -36.65 -11.97 -27.02
N SER F 258 -35.32 -11.85 -27.10
CA SER F 258 -34.50 -12.83 -27.81
C SER F 258 -34.01 -14.04 -27.00
N TYR F 259 -34.49 -14.22 -25.77
CA TYR F 259 -34.36 -15.52 -25.12
C TYR F 259 -35.73 -16.20 -24.94
N ASN F 260 -35.75 -17.41 -24.39
CA ASN F 260 -37.00 -18.16 -24.27
C ASN F 260 -37.07 -19.07 -23.03
N MET F 261 -37.78 -18.59 -22.01
CA MET F 261 -37.87 -19.28 -20.72
C MET F 261 -38.67 -20.59 -20.75
N ASP F 262 -39.61 -20.69 -21.70
CA ASP F 262 -40.69 -21.70 -21.69
C ASP F 262 -40.42 -23.07 -21.04
N ARG F 263 -39.28 -23.66 -21.36
CA ARG F 263 -38.89 -24.99 -20.87
C ARG F 263 -38.74 -25.03 -19.35
N PHE F 264 -38.60 -23.85 -18.74
CA PHE F 264 -38.34 -23.68 -17.30
C PHE F 264 -39.48 -22.87 -16.65
N GLU G 1 -52.49 -32.30 -39.07
CA GLU G 1 -51.55 -31.89 -37.97
C GLU G 1 -50.76 -33.05 -37.41
N PHE G 2 -49.49 -32.78 -37.13
CA PHE G 2 -48.52 -33.78 -36.72
C PHE G 2 -48.74 -34.24 -35.30
N ARG G 3 -48.54 -35.54 -35.08
CA ARG G 3 -48.51 -36.11 -33.75
C ARG G 3 -47.31 -37.06 -33.68
N PRO G 4 -46.52 -36.97 -32.60
CA PRO G 4 -45.42 -37.90 -32.33
C PRO G 4 -45.76 -39.36 -32.64
N GLU G 5 -46.97 -39.80 -32.26
CA GLU G 5 -47.40 -41.19 -32.48
C GLU G 5 -47.24 -41.66 -33.92
N MET G 6 -47.27 -40.72 -34.86
CA MET G 6 -47.20 -41.03 -36.29
C MET G 6 -45.96 -41.82 -36.65
N LEU G 7 -44.88 -41.61 -35.91
CA LEU G 7 -43.60 -42.28 -36.16
C LEU G 7 -43.41 -43.57 -35.38
N GLN G 8 -44.34 -43.90 -34.50
CA GLN G 8 -44.21 -45.10 -33.68
C GLN G 8 -44.17 -46.35 -34.56
N GLY G 9 -43.10 -47.13 -34.42
CA GLY G 9 -42.95 -48.37 -35.15
C GLY G 9 -42.68 -48.21 -36.63
N LYS G 10 -42.43 -46.98 -37.05
CA LYS G 10 -41.98 -46.70 -38.40
C LYS G 10 -40.51 -47.09 -38.55
N LYS G 11 -40.14 -47.45 -39.77
CA LYS G 11 -38.80 -47.90 -40.08
C LYS G 11 -38.08 -46.82 -40.87
N VAL G 12 -37.18 -46.13 -40.20
CA VAL G 12 -36.56 -44.93 -40.76
C VAL G 12 -35.05 -45.09 -40.93
N ILE G 13 -34.53 -44.58 -42.05
CA ILE G 13 -33.10 -44.48 -42.27
C ILE G 13 -32.71 -43.01 -42.19
N VAL G 14 -31.69 -42.71 -41.39
CA VAL G 14 -31.14 -41.35 -41.36
C VAL G 14 -29.69 -41.45 -41.78
N THR G 15 -29.30 -40.72 -42.82
CA THR G 15 -27.90 -40.72 -43.26
C THR G 15 -27.15 -39.55 -42.64
N GLY G 16 -25.82 -39.61 -42.68
CA GLY G 16 -25.00 -38.61 -42.03
C GLY G 16 -25.57 -38.29 -40.66
N ALA G 17 -25.72 -39.32 -39.84
CA ALA G 17 -26.34 -39.18 -38.54
C ALA G 17 -25.37 -39.41 -37.38
N SER G 18 -24.07 -39.22 -37.62
CA SER G 18 -23.08 -39.36 -36.56
C SER G 18 -22.94 -38.07 -35.75
N LYS G 19 -23.34 -36.95 -36.33
CA LYS G 19 -23.32 -35.64 -35.64
C LYS G 19 -24.31 -34.64 -36.23
N GLY G 20 -24.44 -33.49 -35.57
CA GLY G 20 -25.24 -32.37 -36.08
C GLY G 20 -26.73 -32.65 -36.21
N ILE G 21 -27.29 -32.20 -37.34
CA ILE G 21 -28.73 -32.32 -37.63
C ILE G 21 -29.15 -33.76 -37.83
N GLY G 22 -28.28 -34.55 -38.44
CA GLY G 22 -28.55 -35.97 -38.61
C GLY G 22 -28.75 -36.69 -37.28
N ARG G 23 -27.82 -36.50 -36.36
CA ARG G 23 -27.89 -37.15 -35.07
C ARG G 23 -29.15 -36.75 -34.31
N GLU G 24 -29.48 -35.46 -34.38
CA GLU G 24 -30.64 -34.89 -33.68
C GLU G 24 -31.93 -35.54 -34.16
N MET G 25 -32.01 -35.76 -35.46
CA MET G 25 -33.13 -36.45 -36.07
C MET G 25 -33.27 -37.87 -35.56
N ALA G 26 -32.17 -38.61 -35.46
CA ALA G 26 -32.18 -39.97 -34.89
C ALA G 26 -32.75 -39.98 -33.49
N TYR G 27 -32.29 -39.05 -32.65
CA TYR G 27 -32.74 -38.94 -31.26
C TYR G 27 -34.24 -38.61 -31.18
N HIS G 28 -34.70 -37.71 -32.03
CA HIS G 28 -36.12 -37.44 -32.14
C HIS G 28 -36.93 -38.68 -32.48
N LEU G 29 -36.50 -39.36 -33.55
CA LEU G 29 -37.14 -40.58 -34.00
C LEU G 29 -37.10 -41.64 -32.90
N ALA G 30 -35.98 -41.69 -32.17
CA ALA G 30 -35.81 -42.60 -31.04
C ALA G 30 -36.82 -42.35 -29.93
N LYS G 31 -37.04 -41.09 -29.56
CA LYS G 31 -38.05 -40.74 -28.55
C LYS G 31 -39.45 -41.06 -29.02
N MET G 32 -39.68 -41.00 -30.33
CA MET G 32 -40.99 -41.30 -30.91
C MET G 32 -41.32 -42.78 -31.08
N GLY G 33 -40.41 -43.67 -30.69
CA GLY G 33 -40.63 -45.12 -30.75
C GLY G 33 -40.47 -45.76 -32.13
N ALA G 34 -39.62 -45.17 -32.96
CA ALA G 34 -39.37 -45.64 -34.33
C ALA G 34 -38.25 -46.67 -34.39
N HIS G 35 -38.19 -47.38 -35.50
CA HIS G 35 -37.05 -48.23 -35.85
C HIS G 35 -36.07 -47.38 -36.63
N VAL G 36 -34.84 -47.31 -36.15
CA VAL G 36 -33.86 -46.36 -36.69
C VAL G 36 -32.59 -47.07 -37.15
N VAL G 37 -32.22 -46.90 -38.41
CA VAL G 37 -30.88 -47.26 -38.85
C VAL G 37 -30.11 -46.01 -39.27
N VAL G 38 -29.04 -45.72 -38.55
CA VAL G 38 -28.19 -44.57 -38.83
C VAL G 38 -26.89 -44.97 -39.52
N THR G 39 -26.32 -44.04 -40.28
CA THR G 39 -25.09 -44.30 -41.01
C THR G 39 -24.26 -43.02 -41.17
N ALA G 40 -22.95 -43.21 -41.13
CA ALA G 40 -21.93 -42.21 -41.41
C ALA G 40 -20.67 -43.04 -41.60
N ARG G 41 -19.50 -42.43 -41.65
CA ARG G 41 -18.25 -43.19 -41.79
C ARG G 41 -17.68 -43.67 -40.46
N SER G 42 -17.80 -42.83 -39.43
CA SER G 42 -17.18 -43.07 -38.13
C SER G 42 -18.00 -44.00 -37.24
N LYS G 43 -17.50 -45.22 -37.04
CA LYS G 43 -18.23 -46.23 -36.29
C LYS G 43 -18.24 -46.06 -34.76
N GLU G 44 -17.38 -45.19 -34.23
CA GLU G 44 -17.41 -44.94 -32.79
C GLU G 44 -18.51 -43.94 -32.43
N THR G 45 -18.69 -42.92 -33.28
CA THR G 45 -19.70 -41.91 -33.05
C THR G 45 -21.09 -42.49 -33.29
N LEU G 46 -21.16 -43.49 -34.17
CA LEU G 46 -22.41 -44.15 -34.52
C LEU G 46 -22.84 -45.15 -33.46
N GLN G 47 -21.87 -45.82 -32.82
CA GLN G 47 -22.14 -46.67 -31.66
C GLN G 47 -22.83 -45.87 -30.57
N LYS G 48 -22.26 -44.73 -30.22
CA LYS G 48 -22.84 -43.82 -29.25
C LYS G 48 -24.21 -43.30 -29.65
N VAL G 49 -24.40 -42.97 -30.92
CA VAL G 49 -25.72 -42.53 -31.39
C VAL G 49 -26.73 -43.65 -31.16
N VAL G 50 -26.34 -44.87 -31.51
CA VAL G 50 -27.20 -46.05 -31.32
C VAL G 50 -27.56 -46.31 -29.86
N SER G 51 -26.57 -46.21 -28.97
CA SER G 51 -26.79 -46.50 -27.57
C SER G 51 -27.79 -45.53 -26.94
N HIS G 52 -27.60 -44.24 -27.21
CA HIS G 52 -28.50 -43.23 -26.69
C HIS G 52 -29.86 -43.39 -27.34
N CYS G 53 -29.88 -43.85 -28.59
CA CYS G 53 -31.13 -44.08 -29.31
C CYS G 53 -31.96 -45.11 -28.60
N LEU G 54 -31.33 -46.21 -28.19
CA LEU G 54 -32.01 -47.25 -27.42
C LEU G 54 -32.47 -46.72 -26.07
N GLU G 55 -31.60 -45.99 -25.39
CA GLU G 55 -31.93 -45.31 -24.13
C GLU G 55 -33.18 -44.45 -24.22
N LEU G 56 -33.29 -43.65 -25.27
CA LEU G 56 -34.40 -42.73 -25.40
C LEU G 56 -35.74 -43.42 -25.70
N GLY G 57 -35.68 -44.66 -26.17
CA GLY G 57 -36.87 -45.48 -26.34
C GLY G 57 -37.18 -45.95 -27.75
N ALA G 58 -36.15 -46.00 -28.60
CA ALA G 58 -36.31 -46.43 -29.97
C ALA G 58 -36.82 -47.87 -29.97
N ALA G 59 -37.69 -48.19 -30.92
CA ALA G 59 -38.14 -49.57 -31.12
C ALA G 59 -36.95 -50.46 -31.45
N SER G 60 -36.08 -49.99 -32.35
CA SER G 60 -34.78 -50.60 -32.56
C SER G 60 -33.81 -49.54 -33.08
N ALA G 61 -32.51 -49.79 -32.90
CA ALA G 61 -31.49 -48.87 -33.40
C ALA G 61 -30.27 -49.65 -33.85
N HIS G 62 -29.84 -49.39 -35.09
CA HIS G 62 -28.66 -50.04 -35.66
C HIS G 62 -27.84 -49.05 -36.47
N TYR G 63 -26.55 -49.34 -36.62
CA TYR G 63 -25.70 -48.52 -37.49
C TYR G 63 -25.00 -49.42 -38.50
N ILE G 64 -24.74 -48.85 -39.68
CA ILE G 64 -23.92 -49.48 -40.70
C ILE G 64 -22.99 -48.40 -41.23
N ALA G 65 -21.67 -48.64 -41.12
CA ALA G 65 -20.67 -47.62 -41.44
C ALA G 65 -20.19 -47.72 -42.89
N GLY G 66 -19.75 -46.59 -43.44
CA GLY G 66 -19.27 -46.54 -44.81
C GLY G 66 -19.34 -45.16 -45.43
N THR G 67 -18.57 -44.97 -46.50
CA THR G 67 -18.51 -43.67 -47.16
C THR G 67 -19.47 -43.62 -48.33
N MET G 68 -20.22 -42.53 -48.43
CA MET G 68 -21.20 -42.39 -49.49
C MET G 68 -20.57 -41.97 -50.82
N GLU G 69 -19.23 -41.95 -50.87
CA GLU G 69 -18.53 -41.80 -52.13
C GLU G 69 -18.65 -43.10 -52.89
N ASP G 70 -18.67 -44.20 -52.15
CA ASP G 70 -18.69 -45.53 -52.72
C ASP G 70 -20.13 -45.88 -53.05
N MET G 71 -20.43 -45.97 -54.34
CA MET G 71 -21.80 -46.17 -54.80
C MET G 71 -22.34 -47.59 -54.59
N THR G 72 -21.42 -48.55 -54.46
CA THR G 72 -21.79 -49.93 -54.13
C THR G 72 -22.17 -50.03 -52.66
N PHE G 73 -21.55 -49.19 -51.82
CA PHE G 73 -21.96 -49.11 -50.42
C PHE G 73 -23.38 -48.56 -50.28
N ALA G 74 -23.67 -47.48 -51.00
CA ALA G 74 -24.96 -46.84 -50.90
C ALA G 74 -26.09 -47.82 -51.22
N GLU G 75 -25.85 -48.67 -52.21
CA GLU G 75 -26.84 -49.64 -52.67
C GLU G 75 -27.01 -50.78 -51.67
N GLN G 76 -25.88 -51.32 -51.21
CA GLN G 76 -25.87 -52.41 -50.23
C GLN G 76 -26.45 -51.97 -48.87
N PHE G 77 -26.11 -50.76 -48.45
CA PHE G 77 -26.57 -50.21 -47.20
C PHE G 77 -28.09 -50.26 -47.07
N VAL G 78 -28.80 -49.71 -48.05
CA VAL G 78 -30.26 -49.71 -48.02
C VAL G 78 -30.80 -51.16 -47.93
N ALA G 79 -30.20 -52.06 -48.69
CA ALA G 79 -30.58 -53.48 -48.67
C ALA G 79 -30.47 -54.02 -47.25
N GLN G 80 -29.25 -54.02 -46.72
CA GLN G 80 -28.96 -54.45 -45.35
C GLN G 80 -29.90 -53.80 -44.31
N ALA G 81 -29.99 -52.47 -44.34
CA ALA G 81 -30.83 -51.72 -43.41
C ALA G 81 -32.30 -52.14 -43.47
N GLY G 82 -32.75 -52.53 -44.65
CA GLY G 82 -34.13 -52.95 -44.83
C GLY G 82 -34.34 -54.31 -44.21
N LYS G 83 -33.41 -55.22 -44.46
CA LYS G 83 -33.45 -56.56 -43.87
C LYS G 83 -33.45 -56.48 -42.34
N LEU G 84 -32.66 -55.55 -41.80
CA LEU G 84 -32.63 -55.24 -40.36
C LEU G 84 -33.99 -54.90 -39.80
N MET G 85 -34.73 -54.06 -40.50
CA MET G 85 -36.02 -53.56 -40.03
C MET G 85 -37.19 -54.30 -40.66
N GLY G 86 -36.91 -55.13 -41.66
CA GLY G 86 -37.94 -55.82 -42.42
C GLY G 86 -38.83 -54.86 -43.17
N GLY G 87 -38.23 -53.96 -43.94
CA GLY G 87 -38.97 -52.95 -44.69
C GLY G 87 -38.55 -51.54 -44.33
N LEU G 88 -39.17 -50.55 -44.97
CA LEU G 88 -38.74 -49.16 -44.85
C LEU G 88 -39.91 -48.20 -45.06
N ASP G 89 -40.11 -47.27 -44.12
CA ASP G 89 -41.22 -46.31 -44.18
C ASP G 89 -40.75 -44.90 -44.51
N MET G 90 -39.52 -44.58 -44.13
CA MET G 90 -38.95 -43.26 -44.40
C MET G 90 -37.47 -43.36 -44.71
N LEU G 91 -37.02 -42.57 -45.69
CA LEU G 91 -35.60 -42.46 -46.03
C LEU G 91 -35.13 -41.00 -45.91
N ILE G 92 -34.45 -40.70 -44.81
CA ILE G 92 -33.96 -39.33 -44.58
C ILE G 92 -32.54 -39.20 -45.12
N LEU G 93 -32.42 -38.38 -46.17
CA LEU G 93 -31.16 -38.18 -46.86
C LEU G 93 -30.57 -36.85 -46.45
N ASN G 94 -29.44 -36.93 -45.77
CA ASN G 94 -28.91 -35.85 -44.97
C ASN G 94 -27.43 -35.55 -45.17
N HIS G 95 -26.62 -36.59 -45.37
CA HIS G 95 -25.17 -36.45 -45.45
C HIS G 95 -24.68 -35.52 -46.54
N ILE G 96 -23.49 -34.95 -46.32
CA ILE G 96 -22.78 -34.16 -47.33
C ILE G 96 -21.30 -34.43 -47.22
N THR G 97 -20.57 -34.27 -48.33
CA THR G 97 -19.12 -34.36 -48.33
C THR G 97 -18.51 -33.16 -47.57
N ASN G 98 -17.32 -33.34 -47.00
CA ASN G 98 -16.65 -32.27 -46.24
C ASN G 98 -16.51 -31.00 -47.10
N THR G 99 -17.04 -29.89 -46.62
CA THR G 99 -17.06 -28.65 -47.39
C THR G 99 -16.84 -27.37 -46.54
N SER G 100 -16.19 -26.38 -47.14
CA SER G 100 -15.88 -25.13 -46.47
C SER G 100 -16.11 -23.92 -47.39
N LEU G 101 -16.06 -22.71 -46.81
CA LEU G 101 -16.29 -21.49 -47.58
C LEU G 101 -15.00 -20.96 -48.23
N ASN G 102 -14.94 -21.05 -49.55
CA ASN G 102 -13.84 -20.49 -50.34
C ASN G 102 -14.31 -20.10 -51.71
N LEU G 103 -13.63 -19.13 -52.30
CA LEU G 103 -13.81 -18.79 -53.70
C LEU G 103 -13.43 -19.99 -54.55
N PHE G 104 -14.17 -20.20 -55.64
CA PHE G 104 -13.83 -21.25 -56.59
C PHE G 104 -12.67 -20.78 -57.42
N HIS G 105 -11.64 -21.63 -57.53
CA HIS G 105 -10.53 -21.33 -58.42
C HIS G 105 -10.36 -22.40 -59.48
N ASP G 106 -9.68 -23.48 -59.15
CA ASP G 106 -9.54 -24.57 -60.11
C ASP G 106 -9.72 -25.95 -59.48
N ASP G 107 -10.45 -25.98 -58.37
CA ASP G 107 -10.68 -27.22 -57.61
C ASP G 107 -11.79 -28.07 -58.24
N ILE G 108 -11.53 -28.63 -59.42
CA ILE G 108 -12.54 -29.45 -60.11
C ILE G 108 -12.84 -30.72 -59.31
N HIS G 109 -11.81 -31.28 -58.67
CA HIS G 109 -11.92 -32.51 -57.91
C HIS G 109 -12.88 -32.37 -56.71
N HIS G 110 -13.09 -31.14 -56.21
CA HIS G 110 -14.13 -30.92 -55.20
C HIS G 110 -15.53 -30.90 -55.84
N VAL G 111 -15.67 -30.16 -56.93
CA VAL G 111 -16.95 -30.05 -57.64
C VAL G 111 -17.51 -31.42 -57.99
N ARG G 112 -16.66 -32.24 -58.62
CA ARG G 112 -16.98 -33.63 -58.91
C ARG G 112 -17.46 -34.37 -57.66
N LYS G 113 -16.68 -34.27 -56.59
CA LYS G 113 -16.92 -35.05 -55.36
C LYS G 113 -18.19 -34.62 -54.65
N SER G 114 -18.48 -33.33 -54.71
CA SER G 114 -19.68 -32.78 -54.14
C SER G 114 -20.90 -33.27 -54.89
N MET G 115 -20.80 -33.42 -56.21
CA MET G 115 -21.90 -33.97 -56.99
C MET G 115 -22.08 -35.43 -56.63
N GLU G 116 -20.96 -36.14 -56.54
CA GLU G 116 -20.95 -37.57 -56.25
C GLU G 116 -21.59 -37.92 -54.90
N VAL G 117 -21.31 -37.13 -53.88
CA VAL G 117 -21.77 -37.46 -52.54
C VAL G 117 -23.05 -36.69 -52.19
N ASN G 118 -23.10 -35.41 -52.54
CA ASN G 118 -24.21 -34.57 -52.16
C ASN G 118 -25.49 -34.80 -52.95
N PHE G 119 -25.34 -35.27 -54.19
CA PHE G 119 -26.46 -35.47 -55.11
C PHE G 119 -26.55 -36.91 -55.61
N LEU G 120 -25.49 -37.37 -56.28
CA LEU G 120 -25.53 -38.66 -56.93
C LEU G 120 -25.87 -39.81 -55.98
N SER G 121 -25.28 -39.82 -54.79
CA SER G 121 -25.53 -40.89 -53.82
C SER G 121 -26.99 -40.88 -53.34
N TYR G 122 -27.57 -39.68 -53.25
CA TYR G 122 -28.99 -39.56 -52.93
C TYR G 122 -29.86 -40.35 -53.92
N VAL G 123 -29.44 -40.41 -55.19
CA VAL G 123 -30.19 -41.10 -56.22
C VAL G 123 -30.06 -42.60 -56.02
N VAL G 124 -28.82 -43.06 -55.93
CA VAL G 124 -28.53 -44.47 -55.69
C VAL G 124 -29.28 -45.02 -54.48
N LEU G 125 -29.33 -44.22 -53.41
CA LEU G 125 -30.06 -44.58 -52.19
C LEU G 125 -31.56 -44.67 -52.44
N THR G 126 -32.09 -43.73 -53.21
CA THR G 126 -33.49 -43.70 -53.59
C THR G 126 -33.87 -44.92 -54.45
N VAL G 127 -33.04 -45.20 -55.44
CA VAL G 127 -33.25 -46.34 -56.34
C VAL G 127 -33.36 -47.63 -55.54
N ALA G 128 -32.36 -47.85 -54.71
CA ALA G 128 -32.31 -49.00 -53.82
C ALA G 128 -33.51 -49.08 -52.89
N ALA G 129 -33.98 -47.94 -52.41
CA ALA G 129 -35.00 -47.90 -51.36
C ALA G 129 -36.41 -47.97 -51.88
N LEU G 130 -36.59 -47.69 -53.17
CA LEU G 130 -37.94 -47.51 -53.73
C LEU G 130 -38.88 -48.71 -53.56
N PRO G 131 -38.47 -49.92 -54.04
CA PRO G 131 -39.34 -51.09 -53.86
C PRO G 131 -39.93 -51.21 -52.45
N MET G 132 -39.11 -50.97 -51.44
CA MET G 132 -39.58 -51.00 -50.05
C MET G 132 -40.48 -49.84 -49.67
N LEU G 133 -40.22 -48.67 -50.25
CA LEU G 133 -41.03 -47.48 -49.97
C LEU G 133 -42.40 -47.54 -50.63
N LYS G 134 -42.48 -48.23 -51.77
CA LYS G 134 -43.73 -48.44 -52.49
C LYS G 134 -44.69 -49.33 -51.71
N GLN G 135 -44.10 -50.33 -51.04
CA GLN G 135 -44.81 -51.34 -50.29
C GLN G 135 -45.51 -50.70 -49.10
N SER G 136 -44.80 -49.80 -48.44
CA SER G 136 -45.29 -49.16 -47.24
C SER G 136 -46.04 -47.87 -47.53
N ASN G 137 -45.97 -47.41 -48.78
CA ASN G 137 -46.43 -46.06 -49.18
C ASN G 137 -45.68 -44.98 -48.42
N GLY G 138 -44.35 -45.09 -48.45
CA GLY G 138 -43.46 -44.35 -47.58
C GLY G 138 -43.12 -42.93 -48.00
N SER G 139 -41.99 -42.45 -47.52
CA SER G 139 -41.57 -41.07 -47.72
C SER G 139 -40.07 -40.98 -47.97
N ILE G 140 -39.68 -40.04 -48.81
CA ILE G 140 -38.28 -39.71 -49.03
C ILE G 140 -38.11 -38.27 -48.57
N VAL G 141 -37.18 -38.05 -47.65
CA VAL G 141 -36.89 -36.72 -47.17
C VAL G 141 -35.48 -36.34 -47.64
N VAL G 142 -35.39 -35.26 -48.39
CA VAL G 142 -34.13 -34.81 -48.97
C VAL G 142 -33.74 -33.51 -48.29
N VAL G 143 -32.57 -33.49 -47.65
CA VAL G 143 -32.16 -32.29 -46.92
C VAL G 143 -31.34 -31.34 -47.79
N SER G 144 -31.92 -30.18 -48.08
CA SER G 144 -31.28 -29.16 -48.90
C SER G 144 -30.94 -27.94 -48.06
N SER G 145 -30.69 -26.81 -48.71
CA SER G 145 -30.26 -25.59 -48.03
C SER G 145 -30.80 -24.39 -48.78
N LEU G 146 -30.74 -23.22 -48.18
CA LEU G 146 -31.08 -22.00 -48.91
C LEU G 146 -30.25 -21.85 -50.18
N ALA G 147 -29.02 -22.35 -50.15
CA ALA G 147 -28.12 -22.28 -51.31
C ALA G 147 -28.47 -23.30 -52.39
N GLY G 148 -29.52 -24.07 -52.11
CA GLY G 148 -30.15 -24.92 -53.12
C GLY G 148 -31.43 -24.31 -53.63
N LYS G 149 -31.62 -23.01 -53.39
CA LYS G 149 -32.75 -22.25 -53.95
C LYS G 149 -32.35 -20.86 -54.44
N VAL G 150 -31.31 -20.29 -53.85
CA VAL G 150 -30.75 -19.02 -54.29
C VAL G 150 -29.21 -19.14 -54.27
N ALA G 151 -28.53 -18.33 -55.06
CA ALA G 151 -27.07 -18.41 -55.09
C ALA G 151 -26.42 -17.70 -53.89
N TYR G 152 -25.39 -18.34 -53.34
CA TYR G 152 -24.52 -17.76 -52.33
C TYR G 152 -23.10 -17.84 -52.89
N PRO G 153 -22.25 -16.83 -52.64
CA PRO G 153 -20.87 -17.01 -53.07
C PRO G 153 -20.11 -17.83 -52.05
N MET G 154 -19.04 -18.51 -52.48
CA MET G 154 -18.17 -19.33 -51.59
C MET G 154 -18.63 -20.78 -51.39
N VAL G 155 -19.87 -21.08 -51.77
CA VAL G 155 -20.35 -22.45 -51.73
C VAL G 155 -20.75 -22.98 -53.12
N ALA G 156 -20.08 -22.50 -54.16
CA ALA G 156 -20.37 -22.89 -55.56
C ALA G 156 -20.64 -24.39 -55.79
N ALA G 157 -19.65 -25.24 -55.51
CA ALA G 157 -19.77 -26.69 -55.68
C ALA G 157 -20.97 -27.23 -54.92
N TYR G 158 -21.12 -26.76 -53.69
CA TYR G 158 -22.16 -27.20 -52.77
C TYR G 158 -23.53 -26.75 -53.27
N SER G 159 -23.60 -25.51 -53.75
CA SER G 159 -24.85 -24.93 -54.25
C SER G 159 -25.33 -25.72 -55.46
N ALA G 160 -24.41 -25.98 -56.39
CA ALA G 160 -24.70 -26.82 -57.54
C ALA G 160 -25.42 -28.09 -57.10
N SER G 161 -24.76 -28.86 -56.24
CA SER G 161 -25.30 -30.12 -55.74
C SER G 161 -26.70 -30.00 -55.12
N LYS G 162 -26.92 -28.92 -54.38
CA LYS G 162 -28.20 -28.76 -53.71
C LYS G 162 -29.26 -28.30 -54.70
N PHE G 163 -28.82 -27.63 -55.76
CA PHE G 163 -29.72 -27.29 -56.87
C PHE G 163 -30.09 -28.59 -57.60
N ALA G 164 -29.09 -29.39 -57.93
CA ALA G 164 -29.31 -30.64 -58.63
C ALA G 164 -30.38 -31.50 -57.95
N LEU G 165 -30.45 -31.41 -56.62
CA LEU G 165 -31.37 -32.22 -55.84
C LEU G 165 -32.80 -31.75 -56.04
N ASP G 166 -32.96 -30.44 -56.16
CA ASP G 166 -34.27 -29.82 -56.38
C ASP G 166 -34.81 -30.24 -57.73
N GLY G 167 -33.98 -30.06 -58.74
CA GLY G 167 -34.31 -30.47 -60.10
C GLY G 167 -34.65 -31.93 -60.25
N PHE G 168 -33.84 -32.81 -59.65
CA PHE G 168 -34.08 -34.24 -59.81
C PHE G 168 -35.33 -34.67 -59.08
N PHE G 169 -35.41 -34.38 -57.78
CA PHE G 169 -36.50 -34.91 -56.97
C PHE G 169 -37.82 -34.25 -57.29
N SER G 170 -37.79 -32.95 -57.54
CA SER G 170 -39.01 -32.23 -57.83
C SER G 170 -39.63 -32.77 -59.11
N SER G 171 -38.77 -33.33 -59.96
CA SER G 171 -39.17 -33.91 -61.22
C SER G 171 -39.78 -35.31 -61.05
N ILE G 172 -39.08 -36.22 -60.39
CA ILE G 172 -39.64 -37.55 -60.17
C ILE G 172 -40.90 -37.53 -59.27
N ARG G 173 -41.09 -36.48 -58.48
CA ARG G 173 -42.32 -36.29 -57.72
C ARG G 173 -43.51 -36.28 -58.65
N LYS G 174 -43.34 -35.61 -59.79
CA LYS G 174 -44.36 -35.55 -60.84
C LYS G 174 -44.53 -36.88 -61.53
N GLU G 175 -43.41 -37.50 -61.89
CA GLU G 175 -43.43 -38.84 -62.48
C GLU G 175 -44.23 -39.81 -61.59
N TYR G 176 -44.03 -39.73 -60.28
CA TYR G 176 -44.65 -40.65 -59.33
C TYR G 176 -46.14 -40.37 -59.20
N SER G 177 -46.50 -39.10 -59.32
CA SER G 177 -47.88 -38.65 -59.22
C SER G 177 -48.76 -39.31 -60.29
N VAL G 178 -48.40 -39.17 -61.56
CA VAL G 178 -49.16 -39.74 -62.67
C VAL G 178 -49.07 -41.28 -62.79
N SER G 179 -47.91 -41.85 -62.47
CA SER G 179 -47.73 -43.30 -62.52
C SER G 179 -48.17 -43.96 -61.21
N ARG G 180 -48.84 -43.17 -60.37
CA ARG G 180 -49.37 -43.63 -59.06
C ARG G 180 -48.37 -44.41 -58.20
N VAL G 181 -47.11 -43.98 -58.20
CA VAL G 181 -46.12 -44.46 -57.24
C VAL G 181 -46.33 -43.61 -55.99
N ASN G 182 -46.85 -44.26 -54.96
CA ASN G 182 -47.40 -43.56 -53.82
C ASN G 182 -46.37 -43.31 -52.71
N VAL G 183 -45.29 -42.63 -53.09
CA VAL G 183 -44.18 -42.33 -52.18
C VAL G 183 -44.02 -40.83 -52.19
N SER G 184 -44.15 -40.20 -51.03
CA SER G 184 -44.00 -38.75 -50.92
C SER G 184 -42.53 -38.35 -50.95
N ILE G 185 -42.25 -37.16 -51.47
CA ILE G 185 -40.89 -36.62 -51.56
C ILE G 185 -40.87 -35.21 -50.99
N THR G 186 -40.23 -35.06 -49.84
CA THR G 186 -40.11 -33.76 -49.16
C THR G 186 -38.72 -33.17 -49.38
N LEU G 187 -38.66 -31.96 -49.92
CA LEU G 187 -37.40 -31.26 -50.02
C LEU G 187 -37.30 -30.21 -48.92
N CYS G 188 -36.20 -30.25 -48.18
CA CYS G 188 -35.99 -29.41 -46.99
C CYS G 188 -35.00 -28.26 -47.23
N VAL G 189 -35.53 -27.04 -47.28
CA VAL G 189 -34.71 -25.85 -47.52
C VAL G 189 -34.36 -25.22 -46.18
N LEU G 190 -33.10 -25.39 -45.78
CA LEU G 190 -32.64 -24.94 -44.48
C LEU G 190 -31.71 -23.72 -44.53
N GLY G 191 -31.93 -22.79 -43.63
CA GLY G 191 -31.00 -21.69 -43.42
C GLY G 191 -29.89 -22.14 -42.47
N LEU G 192 -29.17 -21.18 -41.91
CA LEU G 192 -28.02 -21.50 -41.05
C LEU G 192 -28.39 -22.14 -39.71
N ILE G 193 -27.94 -23.37 -39.49
CA ILE G 193 -28.25 -24.10 -38.28
C ILE G 193 -27.01 -24.17 -37.38
N ASP G 194 -27.21 -24.04 -36.07
CA ASP G 194 -26.11 -24.04 -35.11
C ASP G 194 -25.44 -25.40 -34.88
N THR G 195 -25.20 -26.17 -35.94
CA THR G 195 -24.41 -27.37 -35.77
C THR G 195 -22.95 -26.93 -35.63
N GLU G 196 -22.09 -27.81 -35.11
CA GLU G 196 -20.71 -27.45 -34.88
C GLU G 196 -19.96 -27.19 -36.17
N THR G 197 -20.13 -28.10 -37.14
CA THR G 197 -19.45 -27.96 -38.44
C THR G 197 -19.80 -26.63 -39.09
N ALA G 198 -21.07 -26.25 -39.04
CA ALA G 198 -21.50 -24.99 -39.62
C ALA G 198 -20.88 -23.80 -38.90
N MET G 199 -20.92 -23.83 -37.58
CA MET G 199 -20.44 -22.73 -36.75
C MET G 199 -18.94 -22.45 -36.90
N LYS G 200 -18.16 -23.50 -37.12
CA LYS G 200 -16.73 -23.37 -37.44
C LYS G 200 -16.49 -22.79 -38.82
N ALA G 201 -17.37 -23.10 -39.77
CA ALA G 201 -17.14 -22.80 -41.18
C ALA G 201 -17.45 -21.36 -41.55
N VAL G 202 -18.49 -20.82 -40.94
CA VAL G 202 -18.99 -19.50 -41.27
C VAL G 202 -18.43 -18.42 -40.34
N SER G 203 -17.77 -18.86 -39.27
CA SER G 203 -17.15 -17.99 -38.27
C SER G 203 -16.10 -17.11 -38.91
N GLY G 204 -16.22 -15.81 -38.68
CA GLY G 204 -15.35 -14.86 -39.34
C GLY G 204 -15.95 -14.32 -40.64
N ILE G 205 -16.46 -15.23 -41.48
CA ILE G 205 -17.03 -14.83 -42.77
C ILE G 205 -18.50 -14.44 -42.69
N VAL G 206 -19.38 -15.41 -42.49
CA VAL G 206 -20.81 -15.11 -42.40
C VAL G 206 -21.08 -14.60 -40.99
N HIS G 207 -22.18 -13.88 -40.79
CA HIS G 207 -22.42 -13.35 -39.48
C HIS G 207 -23.66 -13.92 -38.78
N MET G 208 -24.78 -13.88 -39.47
CA MET G 208 -26.14 -13.96 -38.90
C MET G 208 -26.55 -15.07 -37.92
N GLN G 209 -27.78 -14.98 -37.44
CA GLN G 209 -28.33 -15.94 -36.50
C GLN G 209 -28.32 -17.35 -37.05
N ALA G 210 -28.05 -18.30 -36.16
CA ALA G 210 -28.21 -19.70 -36.44
C ALA G 210 -29.46 -20.21 -35.72
N ALA G 211 -30.22 -21.07 -36.37
CA ALA G 211 -31.37 -21.70 -35.73
C ALA G 211 -30.93 -22.98 -35.03
N PRO G 212 -31.56 -23.34 -33.91
CA PRO G 212 -31.15 -24.48 -33.10
C PRO G 212 -31.17 -25.85 -33.81
N LYS G 213 -30.10 -26.62 -33.66
CA LYS G 213 -30.00 -27.93 -34.33
C LYS G 213 -31.15 -28.88 -33.98
N GLU G 214 -31.69 -28.74 -32.77
CA GLU G 214 -32.70 -29.66 -32.27
C GLU G 214 -34.07 -29.45 -32.88
N GLU G 215 -34.49 -28.20 -32.98
CA GLU G 215 -35.81 -27.88 -33.51
C GLU G 215 -35.86 -28.07 -35.02
N CYS G 216 -34.76 -27.73 -35.68
CA CYS G 216 -34.60 -27.95 -37.11
C CYS G 216 -34.82 -29.42 -37.43
N ALA G 217 -34.22 -30.29 -36.63
CA ALA G 217 -34.37 -31.72 -36.77
C ALA G 217 -35.84 -32.10 -36.80
N LEU G 218 -36.54 -31.77 -35.71
CA LEU G 218 -37.98 -32.05 -35.59
C LEU G 218 -38.79 -31.50 -36.78
N GLU G 219 -38.50 -30.26 -37.16
CA GLU G 219 -39.19 -29.63 -38.26
C GLU G 219 -39.07 -30.43 -39.54
N ILE G 220 -37.93 -31.10 -39.73
CA ILE G 220 -37.72 -31.95 -40.90
C ILE G 220 -38.61 -33.21 -40.85
N ILE G 221 -38.48 -33.98 -39.77
CA ILE G 221 -39.32 -35.17 -39.51
C ILE G 221 -40.81 -34.88 -39.61
N LYS G 222 -41.26 -33.79 -38.96
CA LYS G 222 -42.66 -33.33 -39.04
C LYS G 222 -43.14 -33.22 -40.48
N GLY G 223 -42.35 -32.55 -41.32
CA GLY G 223 -42.71 -32.31 -42.72
C GLY G 223 -42.79 -33.56 -43.58
N GLY G 224 -41.86 -34.49 -43.39
CA GLY G 224 -41.88 -35.76 -44.10
C GLY G 224 -43.05 -36.65 -43.70
N ALA G 225 -43.35 -36.68 -42.41
CA ALA G 225 -44.48 -37.47 -41.91
C ALA G 225 -45.82 -36.90 -42.40
N LEU G 226 -45.91 -35.57 -42.45
CA LEU G 226 -47.09 -34.91 -42.98
C LEU G 226 -47.12 -34.90 -44.51
N ARG G 227 -46.08 -35.48 -45.11
CA ARG G 227 -45.95 -35.65 -46.56
C ARG G 227 -45.88 -34.34 -47.33
N GLN G 228 -45.60 -33.25 -46.64
CA GLN G 228 -45.34 -31.94 -47.24
C GLN G 228 -44.31 -32.06 -48.35
N GLU G 229 -44.47 -31.27 -49.42
CA GLU G 229 -43.53 -31.30 -50.53
C GLU G 229 -42.25 -30.55 -50.21
N GLU G 230 -42.39 -29.46 -49.45
CA GLU G 230 -41.25 -28.65 -49.06
C GLU G 230 -41.32 -28.25 -47.58
N VAL G 231 -40.15 -28.10 -46.96
CA VAL G 231 -40.07 -27.61 -45.60
C VAL G 231 -39.04 -26.50 -45.60
N TYR G 232 -39.45 -25.35 -45.10
CA TYR G 232 -38.55 -24.22 -45.00
C TYR G 232 -38.28 -23.93 -43.53
N TYR G 233 -37.01 -23.71 -43.20
CA TYR G 233 -36.62 -23.47 -41.82
C TYR G 233 -35.40 -22.58 -41.77
N ASP G 234 -35.60 -21.37 -41.25
CA ASP G 234 -34.56 -20.35 -41.16
C ASP G 234 -34.91 -19.41 -40.02
N SER G 235 -33.90 -18.70 -39.50
CA SER G 235 -34.07 -17.79 -38.36
C SER G 235 -34.92 -16.59 -38.73
N SER G 236 -34.60 -15.96 -39.86
CA SER G 236 -35.41 -14.85 -40.38
C SER G 236 -36.73 -15.33 -40.98
N LEU G 237 -37.85 -14.97 -40.34
CA LEU G 237 -39.17 -15.30 -40.90
C LEU G 237 -39.40 -14.52 -42.22
N TRP G 238 -38.67 -13.40 -42.36
CA TRP G 238 -38.55 -12.67 -43.62
C TRP G 238 -38.15 -13.58 -44.79
N THR G 239 -37.18 -14.47 -44.56
CA THR G 239 -36.82 -15.51 -45.52
C THR G 239 -37.96 -16.47 -45.81
N THR G 240 -38.55 -17.05 -44.77
CA THR G 240 -39.64 -18.02 -44.96
C THR G 240 -40.80 -17.45 -45.79
N LEU G 241 -40.98 -16.13 -45.76
CA LEU G 241 -41.95 -15.50 -46.66
C LEU G 241 -41.23 -14.68 -47.73
N LEU G 242 -40.47 -15.40 -48.55
CA LEU G 242 -39.74 -14.88 -49.73
C LEU G 242 -39.07 -16.03 -50.46
N ILE G 243 -38.83 -17.13 -49.76
CA ILE G 243 -38.14 -18.26 -50.34
C ILE G 243 -39.09 -19.01 -51.26
N ARG G 244 -40.38 -18.90 -50.94
CA ARG G 244 -41.43 -19.51 -51.75
C ARG G 244 -41.43 -18.95 -53.18
N ASN G 245 -41.73 -19.82 -54.14
CA ASN G 245 -41.76 -19.41 -55.53
C ASN G 245 -43.08 -19.80 -56.17
N PRO G 246 -44.15 -19.01 -55.90
CA PRO G 246 -45.51 -19.41 -56.33
C PRO G 246 -45.63 -19.37 -57.86
N SER G 247 -44.86 -18.50 -58.50
CA SER G 247 -44.74 -18.46 -59.94
C SER G 247 -44.41 -19.85 -60.48
N ARG G 248 -43.27 -20.40 -60.08
CA ARG G 248 -42.87 -21.74 -60.53
C ARG G 248 -43.98 -22.80 -60.41
N LYS G 249 -44.65 -22.85 -59.25
CA LYS G 249 -45.71 -23.84 -59.02
C LYS G 249 -46.88 -23.64 -59.98
N ILE G 250 -47.17 -22.38 -60.29
CA ILE G 250 -48.16 -22.01 -61.30
C ILE G 250 -47.70 -22.43 -62.72
N LEU G 251 -46.48 -22.08 -63.10
CA LEU G 251 -45.92 -22.49 -64.39
C LEU G 251 -45.96 -23.99 -64.60
N GLU G 252 -45.54 -24.74 -63.59
CA GLU G 252 -45.52 -26.19 -63.65
C GLU G 252 -46.94 -26.70 -63.84
N PHE G 253 -47.91 -26.01 -63.26
CA PHE G 253 -49.32 -26.36 -63.40
C PHE G 253 -49.84 -26.06 -64.80
N LEU G 254 -49.52 -24.87 -65.33
CA LEU G 254 -49.95 -24.49 -66.67
C LEU G 254 -49.39 -25.45 -67.70
N TYR G 255 -48.16 -25.90 -67.49
CA TYR G 255 -47.56 -26.90 -68.35
C TYR G 255 -48.08 -28.34 -68.15
N SER G 256 -48.78 -28.59 -67.05
CA SER G 256 -49.08 -29.96 -66.62
C SER G 256 -49.93 -30.76 -67.63
N THR G 257 -50.58 -30.05 -68.54
CA THR G 257 -51.24 -30.69 -69.67
C THR G 257 -50.74 -29.99 -70.93
N SER G 258 -49.79 -30.67 -71.58
CA SER G 258 -49.03 -30.18 -72.72
C SER G 258 -48.11 -31.33 -73.05
N TYR G 259 -48.05 -32.26 -72.11
CA TYR G 259 -47.46 -33.56 -72.34
C TYR G 259 -48.49 -34.58 -71.90
N ASN G 260 -48.42 -35.76 -72.50
CA ASN G 260 -49.31 -36.84 -72.16
C ASN G 260 -48.56 -38.09 -71.72
N MET G 261 -48.73 -38.43 -70.45
CA MET G 261 -48.03 -39.53 -69.79
C MET G 261 -48.56 -40.91 -70.13
N ASP G 262 -49.86 -41.01 -70.47
CA ASP G 262 -50.56 -42.28 -70.71
C ASP G 262 -49.70 -43.30 -71.44
N ARG G 263 -48.89 -42.81 -72.39
CA ARG G 263 -47.86 -43.61 -73.05
C ARG G 263 -47.12 -44.58 -72.09
N PHE G 264 -46.97 -44.18 -70.83
CA PHE G 264 -46.49 -45.06 -69.76
C PHE G 264 -47.36 -44.87 -68.51
N GLU H 1 -28.51 -1.39 -76.12
CA GLU H 1 -29.16 -2.00 -77.32
C GLU H 1 -28.13 -2.61 -78.29
N PHE H 2 -28.46 -3.80 -78.77
CA PHE H 2 -27.56 -4.65 -79.55
C PHE H 2 -27.27 -4.11 -80.96
N ARG H 3 -26.08 -4.42 -81.45
CA ARG H 3 -25.67 -4.11 -82.83
C ARG H 3 -24.69 -5.19 -83.31
N PRO H 4 -25.02 -5.81 -84.47
CA PRO H 4 -24.24 -6.93 -85.05
C PRO H 4 -22.72 -6.74 -85.09
N GLU H 5 -22.25 -5.51 -84.88
CA GLU H 5 -20.82 -5.21 -84.89
C GLU H 5 -20.14 -5.60 -83.57
N MET H 6 -20.93 -5.75 -82.51
CA MET H 6 -20.40 -6.14 -81.20
C MET H 6 -19.67 -7.49 -81.25
N LEU H 7 -19.80 -8.19 -82.37
CA LEU H 7 -19.08 -9.45 -82.57
C LEU H 7 -18.03 -9.34 -83.68
N GLN H 8 -17.81 -8.11 -84.18
CA GLN H 8 -16.89 -7.87 -85.29
C GLN H 8 -15.50 -8.20 -84.80
N GLY H 9 -14.96 -9.29 -85.34
CA GLY H 9 -13.60 -9.71 -85.01
C GLY H 9 -13.36 -10.26 -83.61
N LYS H 10 -14.43 -10.60 -82.90
CA LYS H 10 -14.30 -11.28 -81.60
C LYS H 10 -13.93 -12.75 -81.78
N LYS H 11 -13.28 -13.34 -80.77
CA LYS H 11 -12.96 -14.77 -80.81
C LYS H 11 -13.92 -15.55 -79.90
N VAL H 12 -14.64 -16.50 -80.51
CA VAL H 12 -15.71 -17.22 -79.83
C VAL H 12 -15.56 -18.72 -79.99
N ILE H 13 -15.75 -19.45 -78.90
CA ILE H 13 -15.87 -20.91 -78.95
C ILE H 13 -17.35 -21.25 -78.87
N VAL H 14 -17.77 -22.23 -79.66
CA VAL H 14 -19.13 -22.79 -79.56
C VAL H 14 -19.07 -24.31 -79.43
N THR H 15 -19.69 -24.83 -78.37
CA THR H 15 -19.68 -26.27 -78.11
C THR H 15 -20.96 -26.92 -78.58
N GLY H 16 -20.84 -28.19 -78.95
CA GLY H 16 -21.94 -28.90 -79.60
C GLY H 16 -22.54 -28.04 -80.70
N ALA H 17 -21.71 -27.69 -81.69
CA ALA H 17 -22.09 -26.79 -82.78
C ALA H 17 -22.26 -27.49 -84.14
N SER H 18 -22.32 -28.82 -84.12
CA SER H 18 -22.46 -29.59 -85.35
C SER H 18 -23.93 -29.80 -85.75
N LYS H 19 -24.84 -29.07 -85.12
CA LYS H 19 -26.28 -29.11 -85.45
C LYS H 19 -27.12 -28.36 -84.44
N GLY H 20 -28.44 -28.34 -84.69
CA GLY H 20 -29.37 -27.63 -83.82
C GLY H 20 -28.95 -26.23 -83.50
N ILE H 21 -29.17 -25.85 -82.24
CA ILE H 21 -28.94 -24.47 -81.77
C ILE H 21 -27.47 -24.07 -81.88
N GLY H 22 -26.58 -24.99 -81.51
CA GLY H 22 -25.14 -24.75 -81.59
C GLY H 22 -24.72 -24.27 -82.97
N ARG H 23 -25.07 -25.07 -83.98
CA ARG H 23 -24.78 -24.78 -85.39
C ARG H 23 -25.36 -23.45 -85.85
N GLU H 24 -26.62 -23.19 -85.53
CA GLU H 24 -27.22 -21.89 -85.87
C GLU H 24 -26.36 -20.72 -85.35
N MET H 25 -25.92 -20.82 -84.08
CA MET H 25 -25.09 -19.78 -83.44
C MET H 25 -23.74 -19.59 -84.16
N ALA H 26 -23.10 -20.72 -84.49
CA ALA H 26 -21.89 -20.70 -85.30
C ALA H 26 -22.11 -19.82 -86.52
N TYR H 27 -23.21 -20.06 -87.23
CA TYR H 27 -23.55 -19.29 -88.43
C TYR H 27 -23.78 -17.81 -88.16
N HIS H 28 -24.67 -17.48 -87.22
CA HIS H 28 -24.85 -16.08 -86.81
C HIS H 28 -23.52 -15.36 -86.50
N LEU H 29 -22.59 -16.10 -85.89
CA LEU H 29 -21.28 -15.54 -85.55
C LEU H 29 -20.46 -15.29 -86.82
N ALA H 30 -20.44 -16.28 -87.70
CA ALA H 30 -19.78 -16.16 -89.00
C ALA H 30 -20.31 -14.93 -89.75
N LYS H 31 -21.63 -14.72 -89.70
CA LYS H 31 -22.28 -13.58 -90.35
C LYS H 31 -21.79 -12.25 -89.83
N MET H 32 -21.48 -12.17 -88.54
CA MET H 32 -20.97 -10.94 -87.94
C MET H 32 -19.42 -10.83 -88.04
N GLY H 33 -18.83 -11.78 -88.80
CA GLY H 33 -17.41 -11.79 -89.08
C GLY H 33 -16.55 -11.92 -87.83
N ALA H 34 -16.91 -12.89 -86.99
CA ALA H 34 -16.15 -13.18 -85.79
C ALA H 34 -15.18 -14.32 -86.08
N HIS H 35 -14.16 -14.47 -85.23
CA HIS H 35 -13.33 -15.67 -85.27
C HIS H 35 -14.13 -16.72 -84.51
N VAL H 36 -14.02 -17.98 -84.93
CA VAL H 36 -14.92 -19.01 -84.43
C VAL H 36 -14.27 -20.39 -84.37
N VAL H 37 -14.20 -20.95 -83.17
CA VAL H 37 -13.78 -22.35 -83.04
C VAL H 37 -14.93 -23.21 -82.55
N VAL H 38 -15.31 -24.20 -83.35
CA VAL H 38 -16.46 -25.03 -83.02
C VAL H 38 -16.03 -26.45 -82.64
N THR H 39 -16.81 -27.10 -81.78
CA THR H 39 -16.51 -28.46 -81.37
C THR H 39 -17.75 -29.33 -81.25
N ALA H 40 -17.55 -30.63 -81.48
CA ALA H 40 -18.51 -31.72 -81.24
C ALA H 40 -17.79 -33.06 -81.41
N ARG H 41 -18.54 -34.13 -81.68
CA ARG H 41 -17.93 -35.42 -81.91
C ARG H 41 -17.71 -35.76 -83.39
N SER H 42 -18.73 -35.51 -84.22
CA SER H 42 -18.66 -35.89 -85.65
C SER H 42 -17.84 -34.92 -86.51
N LYS H 43 -16.62 -35.34 -86.87
CA LYS H 43 -15.68 -34.50 -87.64
C LYS H 43 -16.18 -34.10 -89.03
N GLU H 44 -16.87 -35.03 -89.70
CA GLU H 44 -17.53 -34.71 -90.98
C GLU H 44 -18.38 -33.45 -90.82
N THR H 45 -19.35 -33.49 -89.91
CA THR H 45 -20.35 -32.42 -89.75
C THR H 45 -19.69 -31.08 -89.38
N LEU H 46 -18.59 -31.18 -88.65
CA LEU H 46 -17.84 -29.99 -88.21
C LEU H 46 -17.17 -29.31 -89.41
N GLN H 47 -16.41 -30.10 -90.18
CA GLN H 47 -15.81 -29.64 -91.45
C GLN H 47 -16.82 -28.80 -92.20
N LYS H 48 -18.03 -29.34 -92.37
CA LYS H 48 -19.10 -28.68 -93.11
C LYS H 48 -19.49 -27.34 -92.48
N VAL H 49 -19.81 -27.36 -91.19
CA VAL H 49 -20.17 -26.13 -90.47
C VAL H 49 -19.04 -25.09 -90.57
N VAL H 50 -17.80 -25.57 -90.69
CA VAL H 50 -16.65 -24.68 -90.93
C VAL H 50 -16.73 -24.04 -92.33
N SER H 51 -16.97 -24.86 -93.36
CA SER H 51 -17.14 -24.36 -94.73
C SER H 51 -18.10 -23.18 -94.77
N HIS H 52 -19.36 -23.47 -94.49
CA HIS H 52 -20.43 -22.48 -94.54
C HIS H 52 -20.16 -21.26 -93.64
N CYS H 53 -19.28 -21.44 -92.65
CA CYS H 53 -18.86 -20.35 -91.76
C CYS H 53 -17.99 -19.38 -92.54
N LEU H 54 -16.93 -19.94 -93.14
CA LEU H 54 -16.07 -19.21 -94.06
C LEU H 54 -16.91 -18.55 -95.18
N GLU H 55 -17.84 -19.32 -95.75
CA GLU H 55 -18.78 -18.80 -96.77
C GLU H 55 -19.57 -17.57 -96.32
N LEU H 56 -20.12 -17.61 -95.11
CA LEU H 56 -20.91 -16.46 -94.63
C LEU H 56 -20.00 -15.28 -94.26
N GLY H 57 -18.69 -15.55 -94.16
CA GLY H 57 -17.68 -14.52 -93.95
C GLY H 57 -17.20 -14.28 -92.53
N ALA H 58 -16.81 -15.36 -91.85
CA ALA H 58 -16.23 -15.26 -90.51
C ALA H 58 -14.77 -14.85 -90.65
N ALA H 59 -14.34 -13.91 -89.80
CA ALA H 59 -12.93 -13.47 -89.82
C ALA H 59 -11.97 -14.67 -89.81
N SER H 60 -12.43 -15.79 -89.25
CA SER H 60 -11.83 -17.13 -89.48
C SER H 60 -12.77 -18.19 -88.88
N ALA H 61 -12.43 -19.46 -89.09
CA ALA H 61 -13.16 -20.57 -88.48
C ALA H 61 -12.34 -21.84 -88.50
N HIS H 62 -12.52 -22.66 -87.46
CA HIS H 62 -11.79 -23.91 -87.28
C HIS H 62 -12.63 -24.84 -86.43
N TYR H 63 -12.37 -26.13 -86.53
CA TYR H 63 -13.03 -27.09 -85.64
C TYR H 63 -12.04 -28.00 -84.93
N ILE H 64 -12.45 -28.54 -83.79
CA ILE H 64 -11.70 -29.57 -83.06
C ILE H 64 -12.68 -30.63 -82.53
N ALA H 65 -12.50 -31.88 -82.97
CA ALA H 65 -13.41 -32.96 -82.58
C ALA H 65 -12.98 -33.66 -81.29
N GLY H 66 -13.96 -34.21 -80.57
CA GLY H 66 -13.74 -34.92 -79.31
C GLY H 66 -14.93 -34.89 -78.38
N THR H 67 -15.03 -35.90 -77.52
CA THR H 67 -16.16 -36.05 -76.59
C THR H 67 -15.95 -35.28 -75.26
N MET H 68 -16.99 -34.57 -74.83
CA MET H 68 -16.95 -33.84 -73.55
C MET H 68 -17.28 -34.76 -72.36
N GLU H 69 -17.22 -36.08 -72.56
CA GLU H 69 -17.17 -37.02 -71.45
C GLU H 69 -15.74 -37.05 -70.91
N ASP H 70 -14.79 -36.92 -71.84
CA ASP H 70 -13.36 -36.88 -71.54
C ASP H 70 -13.02 -35.52 -70.97
N MET H 71 -12.80 -35.46 -69.65
CA MET H 71 -12.52 -34.18 -69.03
C MET H 71 -11.18 -33.62 -69.47
N THR H 72 -10.24 -34.52 -69.81
CA THR H 72 -8.91 -34.13 -70.28
C THR H 72 -9.00 -33.48 -71.67
N PHE H 73 -9.93 -33.96 -72.51
CA PHE H 73 -10.18 -33.34 -73.81
C PHE H 73 -10.72 -31.93 -73.68
N ALA H 74 -11.61 -31.70 -72.71
CA ALA H 74 -12.20 -30.38 -72.52
C ALA H 74 -11.12 -29.37 -72.15
N GLU H 75 -10.17 -29.78 -71.31
CA GLU H 75 -9.09 -28.89 -70.89
C GLU H 75 -8.18 -28.53 -72.05
N GLN H 76 -7.71 -29.54 -72.77
CA GLN H 76 -6.86 -29.32 -73.93
C GLN H 76 -7.55 -28.50 -75.02
N PHE H 77 -8.84 -28.76 -75.22
CA PHE H 77 -9.59 -28.10 -76.27
C PHE H 77 -9.54 -26.59 -76.19
N VAL H 78 -9.80 -26.02 -75.01
CA VAL H 78 -9.82 -24.56 -74.90
C VAL H 78 -8.45 -24.00 -75.27
N ALA H 79 -7.39 -24.64 -74.76
CA ALA H 79 -6.02 -24.22 -75.03
C ALA H 79 -5.76 -24.13 -76.54
N GLN H 80 -6.02 -25.22 -77.26
CA GLN H 80 -5.84 -25.26 -78.71
C GLN H 80 -6.65 -24.17 -79.43
N ALA H 81 -7.87 -23.95 -78.95
CA ALA H 81 -8.79 -23.00 -79.54
C ALA H 81 -8.31 -21.58 -79.33
N GLY H 82 -7.81 -21.31 -78.12
CA GLY H 82 -7.33 -19.97 -77.75
C GLY H 82 -6.07 -19.61 -78.50
N LYS H 83 -5.19 -20.61 -78.65
CA LYS H 83 -3.99 -20.49 -79.48
C LYS H 83 -4.37 -20.10 -80.92
N LEU H 84 -5.16 -20.97 -81.58
CA LEU H 84 -5.71 -20.74 -82.92
C LEU H 84 -6.25 -19.32 -83.15
N MET H 85 -6.97 -18.77 -82.18
CA MET H 85 -7.53 -17.42 -82.34
C MET H 85 -6.66 -16.34 -81.68
N GLY H 86 -5.55 -16.76 -81.05
CA GLY H 86 -4.72 -15.87 -80.22
C GLY H 86 -5.52 -15.10 -79.17
N GLY H 87 -6.18 -15.82 -78.26
CA GLY H 87 -7.10 -15.19 -77.30
C GLY H 87 -8.52 -15.69 -77.45
N LEU H 88 -9.44 -15.14 -76.65
CA LEU H 88 -10.82 -15.60 -76.64
C LEU H 88 -11.71 -14.55 -75.97
N ASP H 89 -12.82 -14.20 -76.62
CA ASP H 89 -13.70 -13.17 -76.05
C ASP H 89 -14.99 -13.75 -75.51
N MET H 90 -15.33 -14.97 -75.92
CA MET H 90 -16.62 -15.53 -75.51
C MET H 90 -16.66 -17.04 -75.56
N LEU H 91 -17.03 -17.63 -74.43
CA LEU H 91 -17.20 -19.08 -74.31
C LEU H 91 -18.69 -19.42 -74.33
N ILE H 92 -19.16 -20.02 -75.43
CA ILE H 92 -20.56 -20.42 -75.50
C ILE H 92 -20.68 -21.91 -75.24
N LEU H 93 -21.13 -22.24 -74.02
CA LEU H 93 -21.27 -23.62 -73.54
C LEU H 93 -22.68 -24.10 -73.85
N ASN H 94 -22.78 -25.13 -74.69
CA ASN H 94 -24.04 -25.47 -75.32
C ASN H 94 -24.34 -26.97 -75.40
N HIS H 95 -23.31 -27.79 -75.34
CA HIS H 95 -23.46 -29.23 -75.58
C HIS H 95 -24.17 -29.95 -74.45
N ILE H 96 -24.83 -31.06 -74.78
CA ILE H 96 -25.44 -31.98 -73.80
C ILE H 96 -25.33 -33.40 -74.32
N THR H 97 -25.28 -34.36 -73.41
CA THR H 97 -25.22 -35.78 -73.76
C THR H 97 -26.56 -36.26 -74.34
N ASN H 98 -26.53 -37.34 -75.13
CA ASN H 98 -27.78 -37.93 -75.68
C ASN H 98 -28.78 -38.20 -74.56
N THR H 99 -30.03 -37.79 -74.79
CA THR H 99 -31.10 -37.93 -73.80
C THR H 99 -32.48 -37.91 -74.47
N SER H 100 -33.37 -38.81 -74.01
CA SER H 100 -34.76 -38.82 -74.47
C SER H 100 -35.72 -38.69 -73.28
N LEU H 101 -37.03 -38.74 -73.52
CA LEU H 101 -38.00 -38.62 -72.43
C LEU H 101 -38.42 -39.99 -71.94
N ASN H 102 -38.12 -40.30 -70.69
CA ASN H 102 -38.58 -41.54 -70.08
C ASN H 102 -38.84 -41.28 -68.63
N LEU H 103 -39.56 -42.20 -68.00
CA LEU H 103 -39.59 -42.23 -66.55
C LEU H 103 -38.19 -42.61 -66.07
N PHE H 104 -37.84 -42.16 -64.87
CA PHE H 104 -36.63 -42.65 -64.21
C PHE H 104 -36.93 -43.96 -63.50
N HIS H 105 -36.03 -44.92 -63.64
CA HIS H 105 -36.16 -46.19 -62.93
C HIS H 105 -34.90 -46.56 -62.18
N ASP H 106 -33.85 -46.95 -62.90
CA ASP H 106 -32.58 -47.31 -62.27
C ASP H 106 -31.37 -46.94 -63.11
N ASP H 107 -31.58 -46.09 -64.11
CA ASP H 107 -30.52 -45.71 -65.04
C ASP H 107 -29.55 -44.69 -64.43
N ILE H 108 -28.87 -45.09 -63.35
CA ILE H 108 -27.87 -44.26 -62.70
C ILE H 108 -26.74 -43.82 -63.68
N HIS H 109 -26.34 -44.72 -64.59
CA HIS H 109 -25.28 -44.42 -65.57
C HIS H 109 -25.61 -43.14 -66.33
N HIS H 110 -26.90 -42.96 -66.64
CA HIS H 110 -27.37 -41.75 -67.32
C HIS H 110 -27.33 -40.51 -66.43
N VAL H 111 -27.84 -40.61 -65.21
CA VAL H 111 -27.83 -39.51 -64.25
C VAL H 111 -26.40 -38.97 -64.08
N ARG H 112 -25.46 -39.88 -63.89
CA ARG H 112 -24.04 -39.59 -63.78
C ARG H 112 -23.53 -38.90 -65.05
N LYS H 113 -23.66 -39.59 -66.18
CA LYS H 113 -23.16 -39.07 -67.46
C LYS H 113 -23.70 -37.68 -67.76
N SER H 114 -24.94 -37.43 -67.36
CA SER H 114 -25.58 -36.13 -67.55
C SER H 114 -24.89 -35.05 -66.73
N MET H 115 -24.46 -35.38 -65.51
CA MET H 115 -23.71 -34.43 -64.68
C MET H 115 -22.29 -34.27 -65.20
N GLU H 116 -21.68 -35.39 -65.62
CA GLU H 116 -20.38 -35.36 -66.28
C GLU H 116 -20.43 -34.44 -67.50
N VAL H 117 -21.38 -34.68 -68.40
CA VAL H 117 -21.38 -33.98 -69.67
C VAL H 117 -22.06 -32.61 -69.61
N ASN H 118 -23.28 -32.54 -69.08
CA ASN H 118 -24.04 -31.28 -69.11
C ASN H 118 -23.60 -30.26 -68.07
N PHE H 119 -22.90 -30.74 -67.03
CA PHE H 119 -22.49 -29.88 -65.91
C PHE H 119 -20.96 -29.80 -65.70
N LEU H 120 -20.33 -30.94 -65.42
CA LEU H 120 -18.89 -30.96 -65.16
C LEU H 120 -18.10 -30.24 -66.24
N SER H 121 -18.09 -30.82 -67.44
CA SER H 121 -17.36 -30.26 -68.59
C SER H 121 -17.56 -28.75 -68.72
N TYR H 122 -18.77 -28.24 -68.49
CA TYR H 122 -18.98 -26.78 -68.52
C TYR H 122 -18.04 -26.08 -67.55
N VAL H 123 -17.93 -26.60 -66.34
CA VAL H 123 -17.06 -26.03 -65.31
C VAL H 123 -15.59 -26.13 -65.75
N VAL H 124 -15.16 -27.34 -66.09
CA VAL H 124 -13.83 -27.59 -66.61
C VAL H 124 -13.50 -26.61 -67.73
N LEU H 125 -14.43 -26.46 -68.68
CA LEU H 125 -14.26 -25.51 -69.79
C LEU H 125 -14.09 -24.08 -69.29
N THR H 126 -14.92 -23.65 -68.33
CA THR H 126 -14.79 -22.33 -67.71
C THR H 126 -13.39 -22.16 -67.08
N VAL H 127 -12.98 -23.12 -66.26
CA VAL H 127 -11.64 -23.08 -65.65
C VAL H 127 -10.57 -22.84 -66.71
N ALA H 128 -10.49 -23.75 -67.70
CA ALA H 128 -9.50 -23.63 -68.78
C ALA H 128 -9.56 -22.28 -69.53
N ALA H 129 -10.75 -21.69 -69.62
CA ALA H 129 -10.93 -20.48 -70.40
C ALA H 129 -10.80 -19.19 -69.57
N LEU H 130 -10.75 -19.31 -68.25
CA LEU H 130 -10.86 -18.13 -67.40
C LEU H 130 -9.69 -17.13 -67.49
N PRO H 131 -8.42 -17.61 -67.53
CA PRO H 131 -7.30 -16.66 -67.70
C PRO H 131 -7.50 -15.78 -68.95
N MET H 132 -7.71 -16.42 -70.09
CA MET H 132 -7.98 -15.69 -71.34
C MET H 132 -9.13 -14.71 -71.21
N LEU H 133 -10.25 -15.20 -70.66
CA LEU H 133 -11.44 -14.37 -70.51
C LEU H 133 -11.25 -13.12 -69.62
N LYS H 134 -10.42 -13.26 -68.58
CA LYS H 134 -10.05 -12.13 -67.70
C LYS H 134 -9.30 -11.06 -68.49
N GLN H 135 -8.36 -11.50 -69.33
CA GLN H 135 -7.56 -10.62 -70.18
C GLN H 135 -8.45 -9.78 -71.09
N SER H 136 -9.33 -10.47 -71.83
CA SER H 136 -10.21 -9.85 -72.81
C SER H 136 -11.47 -9.21 -72.21
N ASN H 137 -11.67 -9.38 -70.90
CA ASN H 137 -12.90 -8.95 -70.21
C ASN H 137 -14.16 -9.50 -70.88
N GLY H 138 -14.05 -10.78 -71.24
CA GLY H 138 -15.01 -11.46 -72.06
C GLY H 138 -16.31 -11.84 -71.39
N SER H 139 -16.92 -12.89 -71.93
CA SER H 139 -18.24 -13.34 -71.52
C SER H 139 -18.35 -14.87 -71.59
N ILE H 140 -18.98 -15.46 -70.58
CA ILE H 140 -19.37 -16.87 -70.62
C ILE H 140 -20.88 -16.94 -70.84
N VAL H 141 -21.26 -17.73 -71.85
CA VAL H 141 -22.66 -18.00 -72.12
C VAL H 141 -22.96 -19.47 -71.79
N VAL H 142 -23.92 -19.67 -70.90
CA VAL H 142 -24.24 -21.02 -70.43
C VAL H 142 -25.65 -21.37 -70.90
N VAL H 143 -25.77 -22.47 -71.66
CA VAL H 143 -27.07 -22.80 -72.23
C VAL H 143 -27.87 -23.72 -71.31
N SER H 144 -28.99 -23.18 -70.81
CA SER H 144 -29.87 -23.93 -69.92
C SER H 144 -31.28 -24.02 -70.51
N SER H 145 -32.19 -24.61 -69.74
CA SER H 145 -33.54 -24.91 -70.21
C SER H 145 -34.56 -24.33 -69.26
N LEU H 146 -35.82 -24.31 -69.69
CA LEU H 146 -36.92 -24.09 -68.76
C LEU H 146 -36.85 -25.10 -67.65
N ALA H 147 -36.37 -26.31 -67.96
CA ALA H 147 -36.18 -27.40 -67.00
C ALA H 147 -35.03 -27.14 -66.03
N GLY H 148 -34.37 -25.99 -66.18
CA GLY H 148 -33.32 -25.58 -65.25
C GLY H 148 -33.81 -24.55 -64.25
N LYS H 149 -35.11 -24.27 -64.25
CA LYS H 149 -35.72 -23.30 -63.35
C LYS H 149 -37.04 -23.78 -62.78
N VAL H 150 -37.69 -24.68 -63.50
CA VAL H 150 -38.88 -25.37 -62.98
C VAL H 150 -38.78 -26.88 -63.24
N ALA H 151 -39.54 -27.66 -62.48
CA ALA H 151 -39.52 -29.12 -62.61
C ALA H 151 -40.42 -29.63 -63.74
N TYR H 152 -39.84 -30.48 -64.58
CA TYR H 152 -40.57 -31.20 -65.61
C TYR H 152 -40.44 -32.70 -65.32
N PRO H 153 -41.51 -33.49 -65.60
CA PRO H 153 -41.34 -34.95 -65.54
C PRO H 153 -40.67 -35.51 -66.81
N MET H 154 -40.12 -36.72 -66.70
CA MET H 154 -39.50 -37.44 -67.83
C MET H 154 -38.13 -36.91 -68.27
N VAL H 155 -37.69 -35.83 -67.63
CA VAL H 155 -36.34 -35.31 -67.84
C VAL H 155 -35.57 -35.11 -66.52
N ALA H 156 -35.77 -36.02 -65.58
CA ALA H 156 -35.19 -35.92 -64.22
C ALA H 156 -33.67 -35.64 -64.19
N ALA H 157 -32.91 -36.54 -64.80
CA ALA H 157 -31.47 -36.41 -64.89
C ALA H 157 -31.08 -35.11 -65.56
N TYR H 158 -31.65 -34.84 -66.73
CA TYR H 158 -31.36 -33.63 -67.50
C TYR H 158 -31.59 -32.36 -66.67
N SER H 159 -32.74 -32.31 -66.01
CA SER H 159 -33.13 -31.18 -65.18
C SER H 159 -32.16 -30.97 -64.00
N ALA H 160 -31.68 -32.08 -63.43
CA ALA H 160 -30.70 -32.01 -62.35
C ALA H 160 -29.45 -31.26 -62.80
N SER H 161 -28.88 -31.68 -63.93
CA SER H 161 -27.70 -31.03 -64.46
C SER H 161 -27.92 -29.56 -64.80
N LYS H 162 -29.13 -29.20 -65.20
CA LYS H 162 -29.36 -27.83 -65.64
C LYS H 162 -29.62 -26.95 -64.43
N PHE H 163 -30.23 -27.52 -63.39
CA PHE H 163 -30.38 -26.82 -62.12
C PHE H 163 -28.97 -26.56 -61.55
N ALA H 164 -28.12 -27.59 -61.59
CA ALA H 164 -26.73 -27.49 -61.14
C ALA H 164 -25.98 -26.33 -61.81
N LEU H 165 -26.27 -26.11 -63.09
CA LEU H 165 -25.67 -25.03 -63.85
C LEU H 165 -26.04 -23.67 -63.28
N ASP H 166 -27.28 -23.55 -62.84
CA ASP H 166 -27.78 -22.30 -62.30
C ASP H 166 -27.07 -22.02 -61.00
N GLY H 167 -27.20 -22.95 -60.05
CA GLY H 167 -26.54 -22.86 -58.75
C GLY H 167 -25.04 -22.60 -58.79
N PHE H 168 -24.33 -23.22 -59.71
CA PHE H 168 -22.88 -23.03 -59.76
C PHE H 168 -22.49 -21.69 -60.39
N PHE H 169 -22.98 -21.45 -61.61
CA PHE H 169 -22.57 -20.26 -62.34
C PHE H 169 -23.18 -19.02 -61.74
N SER H 170 -24.37 -19.14 -61.16
CA SER H 170 -24.97 -18.00 -60.46
C SER H 170 -24.13 -17.66 -59.23
N SER H 171 -23.55 -18.71 -58.66
CA SER H 171 -22.74 -18.62 -57.45
C SER H 171 -21.38 -17.99 -57.72
N ILE H 172 -20.67 -18.49 -58.72
CA ILE H 172 -19.39 -17.86 -59.09
C ILE H 172 -19.53 -16.48 -59.75
N ARG H 173 -20.75 -16.10 -60.14
CA ARG H 173 -21.01 -14.75 -60.63
C ARG H 173 -20.81 -13.79 -59.47
N LYS H 174 -21.40 -14.14 -58.32
CA LYS H 174 -21.28 -13.33 -57.10
C LYS H 174 -19.81 -13.21 -56.68
N GLU H 175 -19.08 -14.32 -56.78
CA GLU H 175 -17.67 -14.35 -56.44
C GLU H 175 -16.89 -13.37 -57.31
N TYR H 176 -17.16 -13.40 -58.62
CA TYR H 176 -16.40 -12.59 -59.59
C TYR H 176 -16.70 -11.13 -59.37
N SER H 177 -17.97 -10.85 -59.12
CA SER H 177 -18.42 -9.50 -58.81
C SER H 177 -17.49 -8.83 -57.79
N VAL H 178 -17.27 -9.50 -56.66
CA VAL H 178 -16.50 -8.89 -55.56
C VAL H 178 -14.99 -8.98 -55.72
N SER H 179 -14.48 -10.08 -56.27
CA SER H 179 -13.05 -10.21 -56.54
C SER H 179 -12.65 -9.59 -57.88
N ARG H 180 -13.45 -8.61 -58.32
CA ARG H 180 -13.26 -7.88 -59.59
C ARG H 180 -12.63 -8.70 -60.73
N VAL H 181 -13.22 -9.87 -60.99
CA VAL H 181 -12.96 -10.66 -62.19
C VAL H 181 -14.04 -10.30 -63.21
N ASN H 182 -13.64 -9.56 -64.23
CA ASN H 182 -14.60 -8.88 -65.09
C ASN H 182 -15.07 -9.67 -66.32
N VAL H 183 -15.57 -10.88 -66.04
CA VAL H 183 -16.06 -11.84 -67.03
C VAL H 183 -17.54 -12.06 -66.75
N SER H 184 -18.40 -11.61 -67.67
CA SER H 184 -19.85 -11.69 -67.45
C SER H 184 -20.36 -13.11 -67.63
N ILE H 185 -21.44 -13.45 -66.92
CA ILE H 185 -22.01 -14.79 -67.01
C ILE H 185 -23.49 -14.75 -67.38
N THR H 186 -23.81 -15.34 -68.53
CA THR H 186 -25.20 -15.38 -68.98
C THR H 186 -25.79 -16.79 -68.91
N LEU H 187 -26.91 -16.92 -68.20
CA LEU H 187 -27.62 -18.18 -68.18
C LEU H 187 -28.84 -18.01 -69.07
N CYS H 188 -28.84 -18.76 -70.18
CA CYS H 188 -29.95 -18.71 -71.13
C CYS H 188 -30.97 -19.80 -70.83
N VAL H 189 -32.17 -19.37 -70.44
CA VAL H 189 -33.27 -20.30 -70.15
C VAL H 189 -34.12 -20.46 -71.41
N LEU H 190 -34.09 -21.64 -72.03
CA LEU H 190 -34.83 -21.86 -73.27
C LEU H 190 -36.08 -22.70 -73.07
N GLY H 191 -37.15 -22.33 -73.78
CA GLY H 191 -38.32 -23.19 -73.89
C GLY H 191 -38.10 -24.20 -75.01
N LEU H 192 -39.17 -24.86 -75.45
CA LEU H 192 -39.04 -25.83 -76.55
C LEU H 192 -38.58 -25.14 -77.84
N ILE H 193 -37.52 -25.69 -78.42
CA ILE H 193 -36.89 -25.16 -79.64
C ILE H 193 -36.94 -26.22 -80.74
N ASP H 194 -37.34 -25.79 -81.93
CA ASP H 194 -37.63 -26.70 -83.05
C ASP H 194 -36.42 -27.33 -83.76
N THR H 195 -35.44 -27.78 -82.98
CA THR H 195 -34.34 -28.60 -83.53
C THR H 195 -34.85 -30.01 -83.83
N GLU H 196 -34.12 -30.75 -84.63
CA GLU H 196 -34.53 -32.10 -84.99
C GLU H 196 -34.58 -33.00 -83.75
N THR H 197 -33.46 -33.03 -83.01
CA THR H 197 -33.31 -33.82 -81.79
C THR H 197 -34.46 -33.58 -80.81
N ALA H 198 -34.88 -32.32 -80.69
CA ALA H 198 -35.99 -31.96 -79.83
C ALA H 198 -37.31 -32.53 -80.36
N MET H 199 -37.69 -32.12 -81.56
CA MET H 199 -38.93 -32.55 -82.19
C MET H 199 -39.08 -34.07 -82.21
N LYS H 200 -37.99 -34.78 -82.50
CA LYS H 200 -37.99 -36.25 -82.41
C LYS H 200 -38.30 -36.73 -81.00
N ALA H 201 -37.66 -36.12 -80.00
CA ALA H 201 -37.75 -36.58 -78.63
C ALA H 201 -39.10 -36.31 -77.98
N VAL H 202 -39.76 -35.23 -78.38
CA VAL H 202 -41.04 -34.87 -77.76
C VAL H 202 -42.26 -35.43 -78.50
N SER H 203 -42.05 -35.85 -79.75
CA SER H 203 -43.13 -36.30 -80.63
C SER H 203 -43.98 -37.38 -79.99
N GLY H 204 -45.28 -37.10 -79.92
CA GLY H 204 -46.23 -38.04 -79.35
C GLY H 204 -46.36 -37.93 -77.85
N ILE H 205 -45.33 -37.39 -77.18
CA ILE H 205 -45.37 -37.19 -75.73
C ILE H 205 -45.81 -35.77 -75.43
N VAL H 206 -44.95 -34.81 -75.76
CA VAL H 206 -45.28 -33.40 -75.60
C VAL H 206 -46.01 -32.95 -76.86
N HIS H 207 -46.57 -31.75 -76.81
CA HIS H 207 -47.31 -31.28 -77.96
C HIS H 207 -46.86 -29.91 -78.48
N MET H 208 -46.78 -28.95 -77.56
CA MET H 208 -46.91 -27.52 -77.86
C MET H 208 -45.88 -26.87 -78.77
N GLN H 209 -46.17 -25.61 -79.10
CA GLN H 209 -45.35 -24.82 -80.00
C GLN H 209 -43.86 -24.90 -79.70
N ALA H 210 -43.06 -25.05 -80.75
CA ALA H 210 -41.61 -24.96 -80.62
C ALA H 210 -41.10 -23.71 -81.31
N ALA H 211 -40.50 -22.79 -80.55
CA ALA H 211 -39.86 -21.62 -81.14
C ALA H 211 -38.70 -22.00 -82.09
N PRO H 212 -38.48 -21.18 -83.14
CA PRO H 212 -37.50 -21.46 -84.20
C PRO H 212 -36.04 -21.46 -83.75
N LYS H 213 -35.30 -22.47 -84.20
CA LYS H 213 -33.87 -22.63 -83.90
C LYS H 213 -33.04 -21.37 -84.21
N GLU H 214 -33.29 -20.76 -85.37
CA GLU H 214 -32.51 -19.59 -85.80
C GLU H 214 -32.69 -18.36 -84.90
N GLU H 215 -33.92 -17.92 -84.66
CA GLU H 215 -34.16 -16.76 -83.80
C GLU H 215 -33.56 -16.94 -82.38
N CYS H 216 -33.71 -18.16 -81.85
CA CYS H 216 -33.12 -18.59 -80.58
C CYS H 216 -31.62 -18.33 -80.53
N ALA H 217 -30.89 -18.93 -81.47
CA ALA H 217 -29.43 -18.80 -81.49
C ALA H 217 -28.98 -17.35 -81.38
N LEU H 218 -29.62 -16.47 -82.14
CA LEU H 218 -29.30 -15.04 -82.12
C LEU H 218 -29.56 -14.44 -80.75
N GLU H 219 -30.71 -14.77 -80.17
CA GLU H 219 -31.14 -14.21 -78.89
C GLU H 219 -30.14 -14.49 -77.79
N ILE H 220 -29.55 -15.68 -77.84
CA ILE H 220 -28.46 -16.06 -76.97
C ILE H 220 -27.28 -15.10 -77.19
N ILE H 221 -26.75 -15.10 -78.40
CA ILE H 221 -25.65 -14.20 -78.77
C ILE H 221 -25.96 -12.76 -78.33
N LYS H 222 -27.18 -12.30 -78.59
CA LYS H 222 -27.60 -10.96 -78.13
C LYS H 222 -27.31 -10.76 -76.64
N GLY H 223 -27.69 -11.75 -75.83
CA GLY H 223 -27.63 -11.68 -74.36
C GLY H 223 -26.22 -11.74 -73.76
N GLY H 224 -25.37 -12.58 -74.34
CA GLY H 224 -23.97 -12.65 -73.93
C GLY H 224 -23.22 -11.37 -74.25
N ALA H 225 -23.36 -10.90 -75.49
CA ALA H 225 -22.72 -9.65 -75.94
C ALA H 225 -23.13 -8.43 -75.10
N LEU H 226 -24.39 -8.37 -74.68
CA LEU H 226 -24.86 -7.29 -73.83
C LEU H 226 -24.67 -7.59 -72.34
N ARG H 227 -23.92 -8.66 -72.04
CA ARG H 227 -23.54 -9.01 -70.67
C ARG H 227 -24.73 -9.11 -69.72
N GLN H 228 -25.87 -9.57 -70.26
CA GLN H 228 -27.07 -9.90 -69.48
C GLN H 228 -26.78 -11.10 -68.58
N GLU H 229 -27.37 -11.10 -67.39
CA GLU H 229 -27.20 -12.23 -66.49
C GLU H 229 -28.00 -13.44 -66.97
N GLU H 230 -29.22 -13.19 -67.45
CA GLU H 230 -30.08 -14.25 -68.03
C GLU H 230 -30.81 -13.84 -69.31
N VAL H 231 -31.06 -14.80 -70.19
CA VAL H 231 -31.95 -14.61 -71.32
C VAL H 231 -33.04 -15.66 -71.24
N TYR H 232 -34.28 -15.23 -71.45
CA TYR H 232 -35.43 -16.13 -71.47
C TYR H 232 -36.06 -16.17 -72.86
N TYR H 233 -36.22 -17.37 -73.39
CA TYR H 233 -36.74 -17.51 -74.75
C TYR H 233 -37.63 -18.73 -74.89
N ASP H 234 -38.91 -18.47 -75.10
CA ASP H 234 -39.92 -19.52 -75.19
C ASP H 234 -41.09 -18.99 -76.02
N SER H 235 -41.76 -19.87 -76.76
CA SER H 235 -42.91 -19.53 -77.60
C SER H 235 -43.97 -18.72 -76.84
N SER H 236 -44.35 -19.19 -75.67
CA SER H 236 -45.29 -18.46 -74.82
C SER H 236 -44.64 -17.27 -74.15
N LEU H 237 -45.36 -16.15 -74.13
CA LEU H 237 -44.92 -14.97 -73.41
C LEU H 237 -45.43 -15.05 -71.97
N TRP H 238 -46.50 -15.82 -71.79
CA TRP H 238 -47.01 -16.25 -70.48
C TRP H 238 -45.92 -16.95 -69.65
N THR H 239 -45.09 -17.73 -70.32
CA THR H 239 -43.86 -18.25 -69.73
C THR H 239 -42.93 -17.07 -69.40
N THR H 240 -42.28 -16.48 -70.40
CA THR H 240 -41.35 -15.35 -70.17
C THR H 240 -41.78 -14.46 -68.98
N LEU H 241 -43.03 -14.00 -68.97
CA LEU H 241 -43.54 -13.24 -67.82
C LEU H 241 -44.18 -14.17 -66.78
N LEU H 242 -43.32 -14.98 -66.15
CA LEU H 242 -43.65 -15.89 -65.03
C LEU H 242 -42.41 -16.65 -64.57
N ILE H 243 -41.53 -16.96 -65.52
CA ILE H 243 -40.28 -17.67 -65.25
C ILE H 243 -39.36 -16.81 -64.37
N ARG H 244 -39.51 -15.49 -64.51
CA ARG H 244 -38.81 -14.53 -63.69
C ARG H 244 -39.06 -14.72 -62.18
N ASN H 245 -37.98 -14.81 -61.42
CA ASN H 245 -38.05 -14.90 -59.97
C ASN H 245 -37.47 -13.65 -59.34
N PRO H 246 -38.34 -12.66 -59.03
CA PRO H 246 -37.81 -11.46 -58.40
C PRO H 246 -37.46 -11.72 -56.94
N SER H 247 -38.28 -12.51 -56.24
CA SER H 247 -38.06 -12.86 -54.83
C SER H 247 -36.63 -13.33 -54.55
N ARG H 248 -36.07 -14.14 -55.44
CA ARG H 248 -34.71 -14.63 -55.29
C ARG H 248 -33.74 -13.46 -55.35
N LYS H 249 -33.85 -12.64 -56.40
CA LYS H 249 -32.98 -11.45 -56.54
C LYS H 249 -33.05 -10.51 -55.32
N ILE H 250 -34.24 -10.40 -54.73
CA ILE H 250 -34.46 -9.66 -53.48
C ILE H 250 -33.74 -10.30 -52.27
N LEU H 251 -33.83 -11.63 -52.13
CA LEU H 251 -33.15 -12.37 -51.04
C LEU H 251 -31.64 -12.35 -51.19
N GLU H 252 -31.15 -12.69 -52.37
CA GLU H 252 -29.72 -12.66 -52.62
C GLU H 252 -29.17 -11.28 -52.25
N PHE H 253 -29.98 -10.24 -52.36
CA PHE H 253 -29.55 -8.90 -52.00
C PHE H 253 -29.53 -8.71 -50.48
N LEU H 254 -30.66 -8.95 -49.82
CA LEU H 254 -30.73 -8.85 -48.36
C LEU H 254 -29.67 -9.70 -47.67
N TYR H 255 -29.23 -10.76 -48.33
CA TYR H 255 -28.14 -11.58 -47.82
C TYR H 255 -26.76 -11.05 -48.21
N SER H 256 -26.69 -10.31 -49.33
CA SER H 256 -25.41 -9.81 -49.86
C SER H 256 -24.54 -9.09 -48.83
N THR H 257 -25.17 -8.35 -47.92
CA THR H 257 -24.46 -7.87 -46.72
C THR H 257 -24.99 -8.60 -45.49
N SER H 258 -24.20 -9.59 -45.08
CA SER H 258 -24.46 -10.50 -43.96
C SER H 258 -23.30 -11.45 -43.86
N TYR H 259 -22.57 -11.58 -44.97
CA TYR H 259 -21.26 -12.20 -44.99
C TYR H 259 -20.25 -11.12 -45.39
N ASN H 260 -18.97 -11.39 -45.18
CA ASN H 260 -17.94 -10.42 -45.47
C ASN H 260 -16.79 -11.08 -46.20
N MET H 261 -16.53 -10.59 -47.42
CA MET H 261 -15.61 -11.24 -48.36
C MET H 261 -14.14 -10.81 -48.27
N ASP H 262 -13.89 -9.69 -47.59
CA ASP H 262 -12.58 -9.01 -47.56
C ASP H 262 -11.37 -9.92 -47.34
N ARG H 263 -11.59 -11.01 -46.60
CA ARG H 263 -10.62 -12.09 -46.40
C ARG H 263 -10.09 -12.67 -47.73
N PHE H 264 -10.81 -12.44 -48.83
CA PHE H 264 -10.38 -12.82 -50.19
C PHE H 264 -10.80 -11.75 -51.21
#